data_2E7M
#
_entry.id   2E7M
#
_entity_poly.entity_id   1
_entity_poly.type   'polypeptide(L)'
_entity_poly.pdbx_seq_one_letter_code
;GSSGSSGPRTVKELTVSAGDNLIITLPDNEVELKAFVAPAPPVETTYNYEWNLISHPTDYQGEIKQGHKQTLNLSQLSVG
LYVFKVTVSSENAFGEGFVNVTVKPARSGPSSG
;
_entity_poly.pdbx_strand_id   A
#
# COMPACT_ATOMS: atom_id res chain seq x y z
N GLY A 1 -30.56 9.94 -32.87
CA GLY A 1 -29.26 9.86 -33.52
C GLY A 1 -28.24 9.11 -32.68
N SER A 2 -27.00 9.07 -33.16
CA SER A 2 -25.93 8.37 -32.45
C SER A 2 -24.79 9.33 -32.11
N SER A 3 -24.76 9.79 -30.87
CA SER A 3 -23.71 10.71 -30.42
C SER A 3 -22.70 10.00 -29.55
N GLY A 4 -21.73 9.35 -30.19
CA GLY A 4 -20.70 8.64 -29.46
C GLY A 4 -19.35 9.33 -29.51
N SER A 5 -18.62 9.30 -28.40
CA SER A 5 -17.31 9.92 -28.33
C SER A 5 -16.27 8.96 -27.79
N SER A 6 -15.31 8.59 -28.64
CA SER A 6 -14.25 7.67 -28.25
C SER A 6 -13.36 8.28 -27.17
N GLY A 7 -13.08 9.57 -27.30
CA GLY A 7 -12.24 10.25 -26.33
C GLY A 7 -10.76 10.00 -26.55
N PRO A 8 -10.13 10.83 -27.40
CA PRO A 8 -8.71 10.70 -27.71
C PRO A 8 -7.82 11.08 -26.54
N ARG A 9 -8.44 11.52 -25.45
CA ARG A 9 -7.71 11.91 -24.26
C ARG A 9 -7.66 10.77 -23.24
N THR A 10 -6.47 10.18 -23.09
CA THR A 10 -6.29 9.07 -22.16
C THR A 10 -5.11 9.33 -21.23
N VAL A 11 -4.99 8.51 -20.19
CA VAL A 11 -3.91 8.65 -19.23
C VAL A 11 -2.86 7.56 -19.42
N LYS A 12 -1.65 7.82 -18.95
CA LYS A 12 -0.55 6.87 -19.07
C LYS A 12 -0.65 5.78 -18.01
N GLU A 13 -0.38 4.54 -18.41
CA GLU A 13 -0.45 3.41 -17.48
C GLU A 13 0.88 3.24 -16.76
N LEU A 14 0.92 3.71 -15.51
CA LEU A 14 2.13 3.60 -14.71
C LEU A 14 2.18 2.27 -13.96
N THR A 15 3.38 1.75 -13.74
CA THR A 15 3.56 0.48 -13.05
C THR A 15 3.91 0.70 -11.58
N VAL A 16 2.92 0.59 -10.71
CA VAL A 16 3.13 0.77 -9.28
C VAL A 16 3.44 -0.55 -8.59
N SER A 17 4.49 -0.57 -7.79
CA SER A 17 4.90 -1.77 -7.07
C SER A 17 5.47 -1.43 -5.70
N ALA A 18 4.93 -2.07 -4.67
CA ALA A 18 5.37 -1.83 -3.30
C ALA A 18 6.74 -2.45 -3.06
N GLY A 19 6.96 -3.64 -3.62
CA GLY A 19 8.23 -4.32 -3.45
C GLY A 19 8.07 -5.82 -3.37
N ASP A 20 7.50 -6.31 -2.26
CA ASP A 20 7.29 -7.73 -2.07
C ASP A 20 6.51 -8.00 -0.78
N ASN A 21 6.08 -9.24 -0.60
CA ASN A 21 5.33 -9.63 0.59
C ASN A 21 6.17 -9.47 1.85
N LEU A 22 5.60 -8.83 2.86
CA LEU A 22 6.29 -8.62 4.13
C LEU A 22 5.68 -9.46 5.24
N ILE A 23 6.53 -10.03 6.09
CA ILE A 23 6.07 -10.86 7.19
C ILE A 23 6.75 -10.46 8.49
N ILE A 24 5.95 -10.17 9.51
CA ILE A 24 6.47 -9.78 10.81
C ILE A 24 6.08 -10.78 11.89
N THR A 25 6.74 -10.70 13.04
CA THR A 25 6.45 -11.59 14.15
C THR A 25 6.41 -10.84 15.48
N LEU A 26 5.32 -11.03 16.22
CA LEU A 26 5.15 -10.37 17.51
C LEU A 26 6.38 -10.57 18.38
N PRO A 27 6.57 -9.65 19.35
CA PRO A 27 5.67 -8.51 19.55
C PRO A 27 5.75 -7.49 18.42
N ASP A 28 6.85 -7.53 17.68
CA ASP A 28 7.05 -6.61 16.56
C ASP A 28 5.82 -6.56 15.67
N ASN A 29 5.07 -5.47 15.77
CA ASN A 29 3.87 -5.30 14.98
C ASN A 29 3.97 -4.06 14.08
N GLU A 30 5.20 -3.66 13.78
CA GLU A 30 5.44 -2.50 12.93
C GLU A 30 6.06 -2.91 11.60
N VAL A 31 5.61 -2.27 10.52
CA VAL A 31 6.12 -2.58 9.19
C VAL A 31 6.07 -1.34 8.30
N GLU A 32 7.11 -1.16 7.48
CA GLU A 32 7.18 -0.03 6.58
C GLU A 32 7.09 -0.49 5.12
N LEU A 33 6.22 0.16 4.35
CA LEU A 33 6.05 -0.19 2.95
C LEU A 33 6.30 1.02 2.05
N LYS A 34 7.03 0.80 0.96
CA LYS A 34 7.35 1.87 0.03
C LYS A 34 6.73 1.61 -1.34
N ALA A 35 6.31 2.66 -2.01
CA ALA A 35 5.70 2.54 -3.33
C ALA A 35 6.67 2.95 -4.42
N PHE A 36 6.78 2.11 -5.46
CA PHE A 36 7.69 2.38 -6.56
C PHE A 36 6.92 2.51 -7.87
N VAL A 37 6.91 3.72 -8.43
CA VAL A 37 6.21 3.98 -9.69
C VAL A 37 7.19 4.20 -10.82
N ALA A 38 7.01 3.46 -11.91
CA ALA A 38 7.89 3.58 -13.07
C ALA A 38 7.09 3.98 -14.31
N PRO A 39 7.66 4.88 -15.12
CA PRO A 39 8.98 5.47 -14.84
C PRO A 39 8.94 6.41 -13.64
N ALA A 40 10.12 6.73 -13.12
CA ALA A 40 10.23 7.62 -11.97
C ALA A 40 9.96 9.07 -12.38
N PRO A 41 9.28 9.81 -11.49
CA PRO A 41 8.94 11.22 -11.73
C PRO A 41 10.17 12.12 -11.69
N PRO A 42 10.08 13.27 -12.37
CA PRO A 42 11.17 14.25 -12.43
C PRO A 42 11.39 14.95 -11.09
N VAL A 43 12.15 16.05 -11.12
CA VAL A 43 12.44 16.80 -9.90
C VAL A 43 11.32 17.78 -9.59
N GLU A 44 10.40 17.96 -10.55
CA GLU A 44 9.28 18.87 -10.37
C GLU A 44 7.98 18.10 -10.17
N THR A 45 7.52 17.45 -11.24
CA THR A 45 6.28 16.68 -11.20
C THR A 45 6.43 15.46 -10.28
N THR A 46 5.73 15.50 -9.15
CA THR A 46 5.78 14.40 -8.19
C THR A 46 4.43 13.68 -8.10
N TYR A 47 4.47 12.36 -8.07
CA TYR A 47 3.25 11.57 -7.98
C TYR A 47 2.77 11.46 -6.54
N ASN A 48 1.47 11.26 -6.37
CA ASN A 48 0.88 11.14 -5.04
C ASN A 48 0.64 9.68 -4.68
N TYR A 49 0.89 9.34 -3.42
CA TYR A 49 0.70 7.97 -2.95
C TYR A 49 -0.48 7.88 -2.00
N GLU A 50 -1.52 7.14 -2.40
CA GLU A 50 -2.71 6.98 -1.58
C GLU A 50 -2.91 5.51 -1.20
N TRP A 51 -2.61 5.20 0.05
CA TRP A 51 -2.75 3.83 0.55
C TRP A 51 -4.16 3.60 1.10
N ASN A 52 -4.60 2.34 1.08
CA ASN A 52 -5.92 1.99 1.58
C ASN A 52 -6.00 0.49 1.87
N LEU A 53 -6.86 0.13 2.83
CA LEU A 53 -7.04 -1.26 3.21
C LEU A 53 -8.31 -1.83 2.61
N ILE A 54 -8.16 -2.88 1.79
CA ILE A 54 -9.30 -3.52 1.16
C ILE A 54 -9.53 -4.91 1.73
N SER A 55 -8.45 -5.59 2.10
CA SER A 55 -8.54 -6.93 2.65
C SER A 55 -7.97 -6.97 4.07
N HIS A 56 -8.83 -7.28 5.03
CA HIS A 56 -8.42 -7.35 6.43
C HIS A 56 -9.40 -8.19 7.24
N PRO A 57 -8.87 -8.92 8.24
CA PRO A 57 -9.68 -9.78 9.10
C PRO A 57 -10.58 -8.97 10.04
N THR A 58 -11.64 -9.60 10.53
CA THR A 58 -12.57 -8.95 11.44
C THR A 58 -11.90 -8.58 12.74
N ASP A 59 -10.83 -9.29 13.08
CA ASP A 59 -10.08 -9.04 14.31
C ASP A 59 -9.47 -7.64 14.30
N TYR A 60 -9.12 -7.18 13.10
CA TYR A 60 -8.51 -5.86 12.95
C TYR A 60 -9.58 -4.79 12.70
N GLN A 61 -9.49 -3.70 13.45
CA GLN A 61 -10.45 -2.60 13.32
C GLN A 61 -10.21 -1.83 12.03
N GLY A 62 -8.94 -1.62 11.70
CA GLY A 62 -8.61 -0.89 10.49
C GLY A 62 -8.27 0.57 10.76
N GLU A 63 -7.01 0.85 11.04
CA GLU A 63 -6.57 2.22 11.32
C GLU A 63 -5.31 2.55 10.53
N ILE A 64 -5.47 3.34 9.47
CA ILE A 64 -4.35 3.74 8.64
C ILE A 64 -4.54 5.15 8.10
N LYS A 65 -3.43 5.83 7.84
CA LYS A 65 -3.47 7.20 7.31
C LYS A 65 -3.25 7.20 5.80
N GLN A 66 -3.77 6.17 5.13
CA GLN A 66 -3.63 6.07 3.68
C GLN A 66 -2.24 6.50 3.23
N GLY A 67 -1.27 6.37 4.13
CA GLY A 67 0.09 6.76 3.80
C GLY A 67 0.14 7.96 2.87
N HIS A 68 -0.14 9.14 3.41
CA HIS A 68 -0.12 10.36 2.63
C HIS A 68 1.22 10.54 1.93
N LYS A 69 2.22 9.77 2.35
CA LYS A 69 3.55 9.84 1.78
C LYS A 69 3.84 8.62 0.92
N GLN A 70 5.05 8.53 0.39
CA GLN A 70 5.45 7.40 -0.44
C GLN A 70 5.64 6.15 0.40
N THR A 71 5.90 6.34 1.69
CA THR A 71 6.11 5.21 2.59
C THR A 71 5.01 5.15 3.65
N LEU A 72 4.53 3.94 3.93
CA LEU A 72 3.48 3.75 4.93
C LEU A 72 3.97 2.86 6.07
N ASN A 73 3.82 3.36 7.29
CA ASN A 73 4.24 2.61 8.47
C ASN A 73 3.05 2.31 9.38
N LEU A 74 2.85 1.04 9.69
CA LEU A 74 1.75 0.62 10.55
C LEU A 74 2.26 0.23 11.93
N SER A 75 1.35 0.18 12.90
CA SER A 75 1.71 -0.19 14.26
C SER A 75 0.56 -0.92 14.95
N GLN A 76 0.78 -1.33 16.20
CA GLN A 76 -0.23 -2.04 16.96
C GLN A 76 -0.93 -3.08 16.10
N LEU A 77 -0.18 -3.68 15.18
CA LEU A 77 -0.73 -4.70 14.29
C LEU A 77 -0.80 -6.06 14.98
N SER A 78 -1.89 -6.78 14.73
CA SER A 78 -2.07 -8.10 15.34
C SER A 78 -1.93 -9.20 14.30
N VAL A 79 -1.74 -10.43 14.77
CA VAL A 79 -1.60 -11.58 13.87
C VAL A 79 -2.73 -11.63 12.85
N GLY A 80 -2.37 -11.57 11.57
CA GLY A 80 -3.38 -11.62 10.53
C GLY A 80 -2.85 -11.11 9.20
N LEU A 81 -3.64 -11.27 8.15
CA LEU A 81 -3.24 -10.84 6.81
C LEU A 81 -3.82 -9.46 6.50
N TYR A 82 -3.00 -8.61 5.90
CA TYR A 82 -3.43 -7.26 5.54
C TYR A 82 -2.95 -6.89 4.14
N VAL A 83 -3.86 -6.35 3.34
CA VAL A 83 -3.53 -5.94 1.97
C VAL A 83 -3.70 -4.44 1.79
N PHE A 84 -2.59 -3.76 1.52
CA PHE A 84 -2.61 -2.31 1.32
C PHE A 84 -2.43 -1.96 -0.16
N LYS A 85 -3.46 -1.36 -0.75
CA LYS A 85 -3.41 -0.97 -2.16
C LYS A 85 -3.11 0.52 -2.30
N VAL A 86 -1.92 0.84 -2.81
CA VAL A 86 -1.51 2.22 -3.00
C VAL A 86 -1.86 2.70 -4.40
N THR A 87 -2.82 3.62 -4.48
CA THR A 87 -3.26 4.17 -5.76
C THR A 87 -2.50 5.44 -6.09
N VAL A 88 -1.59 5.36 -7.06
CA VAL A 88 -0.80 6.51 -7.48
C VAL A 88 -1.14 6.92 -8.91
N SER A 89 -1.80 8.07 -9.04
CA SER A 89 -2.19 8.58 -10.35
C SER A 89 -1.87 10.07 -10.48
N SER A 90 -1.71 10.53 -11.70
CA SER A 90 -1.38 11.93 -11.97
C SER A 90 -2.40 12.55 -12.92
N GLU A 91 -2.15 13.80 -13.30
CA GLU A 91 -3.05 14.51 -14.20
C GLU A 91 -3.36 13.66 -15.43
N ASN A 92 -2.31 13.25 -16.14
CA ASN A 92 -2.47 12.43 -17.34
C ASN A 92 -1.86 11.05 -17.15
N ALA A 93 -2.04 10.49 -15.95
CA ALA A 93 -1.51 9.18 -15.63
C ALA A 93 -2.28 8.53 -14.49
N PHE A 94 -2.18 7.22 -14.38
CA PHE A 94 -2.87 6.48 -13.32
C PHE A 94 -2.20 5.13 -13.07
N GLY A 95 -2.08 4.76 -11.79
CA GLY A 95 -1.45 3.51 -11.44
C GLY A 95 -1.73 3.10 -10.01
N GLU A 96 -1.57 1.81 -9.71
CA GLU A 96 -1.82 1.31 -8.37
C GLU A 96 -1.10 -0.02 -8.16
N GLY A 97 -0.78 -0.33 -6.91
CA GLY A 97 -0.10 -1.57 -6.58
C GLY A 97 -0.81 -2.36 -5.51
N PHE A 98 -0.19 -3.46 -5.08
CA PHE A 98 -0.77 -4.31 -4.05
C PHE A 98 0.32 -5.02 -3.26
N VAL A 99 0.26 -4.92 -1.93
CA VAL A 99 1.23 -5.56 -1.06
C VAL A 99 0.55 -6.25 0.11
N ASN A 100 0.82 -7.54 0.26
CA ASN A 100 0.24 -8.33 1.34
C ASN A 100 1.22 -8.47 2.50
N VAL A 101 0.75 -8.19 3.71
CA VAL A 101 1.58 -8.29 4.90
C VAL A 101 0.96 -9.23 5.93
N THR A 102 1.69 -10.28 6.29
CA THR A 102 1.21 -11.24 7.26
C THR A 102 1.90 -11.06 8.60
N VAL A 103 1.14 -11.18 9.69
CA VAL A 103 1.68 -11.02 11.04
C VAL A 103 1.63 -12.34 11.79
N LYS A 104 2.79 -12.91 12.08
CA LYS A 104 2.88 -14.17 12.81
C LYS A 104 2.67 -13.95 14.30
N PRO A 105 1.97 -14.88 14.94
CA PRO A 105 1.68 -14.81 16.39
C PRO A 105 2.93 -15.04 17.23
N ALA A 106 2.95 -14.42 18.41
CA ALA A 106 4.09 -14.54 19.31
C ALA A 106 4.30 -16.00 19.74
N ARG A 107 5.36 -16.61 19.23
CA ARG A 107 5.66 -17.99 19.56
C ARG A 107 6.78 -18.08 20.59
N SER A 108 6.42 -17.97 21.87
CA SER A 108 7.39 -18.03 22.94
C SER A 108 8.25 -19.28 22.84
N GLY A 109 9.46 -19.12 22.31
CA GLY A 109 10.36 -20.25 22.16
C GLY A 109 10.65 -20.57 20.71
N PRO A 110 11.64 -21.46 20.48
CA PRO A 110 12.04 -21.86 19.13
C PRO A 110 10.98 -22.71 18.44
N SER A 111 11.27 -23.13 17.21
CA SER A 111 10.34 -23.95 16.44
C SER A 111 11.00 -25.24 15.98
N SER A 112 12.07 -25.10 15.21
CA SER A 112 12.80 -26.26 14.71
C SER A 112 13.47 -27.02 15.84
N GLY A 113 14.04 -28.18 15.51
CA GLY A 113 14.71 -28.99 16.52
C GLY A 113 13.90 -30.21 16.91
N GLY A 1 -25.25 11.93 -21.82
CA GLY A 1 -24.79 11.96 -20.44
C GLY A 1 -24.89 13.33 -19.82
N SER A 2 -24.65 13.42 -18.52
CA SER A 2 -24.72 14.69 -17.81
C SER A 2 -23.32 15.23 -17.51
N SER A 3 -22.47 14.36 -16.97
CA SER A 3 -21.09 14.74 -16.64
C SER A 3 -20.40 15.38 -17.85
N GLY A 4 -20.30 14.62 -18.93
CA GLY A 4 -19.66 15.12 -20.14
C GLY A 4 -18.98 14.02 -20.94
N SER A 5 -19.53 13.74 -22.11
CA SER A 5 -18.98 12.69 -22.98
C SER A 5 -17.45 12.71 -22.95
N SER A 6 -16.86 11.57 -22.60
CA SER A 6 -15.41 11.46 -22.54
C SER A 6 -14.79 11.61 -23.91
N GLY A 7 -13.81 12.50 -24.02
CA GLY A 7 -13.14 12.73 -25.29
C GLY A 7 -11.91 11.88 -25.45
N PRO A 8 -10.95 12.36 -26.26
CA PRO A 8 -9.69 11.66 -26.52
C PRO A 8 -8.78 11.65 -25.29
N ARG A 9 -9.25 12.23 -24.20
CA ARG A 9 -8.48 12.28 -22.97
C ARG A 9 -8.04 10.89 -22.54
N THR A 10 -6.72 10.69 -22.43
CA THR A 10 -6.17 9.41 -22.04
C THR A 10 -4.95 9.58 -21.15
N VAL A 11 -4.80 8.70 -20.15
CA VAL A 11 -3.67 8.76 -19.24
C VAL A 11 -2.73 7.58 -19.46
N LYS A 12 -1.48 7.75 -19.03
CA LYS A 12 -0.49 6.69 -19.17
C LYS A 12 -0.61 5.67 -18.05
N GLU A 13 -0.48 4.40 -18.40
CA GLU A 13 -0.57 3.32 -17.42
C GLU A 13 0.77 3.11 -16.72
N LEU A 14 0.90 3.69 -15.53
CA LEU A 14 2.14 3.56 -14.77
C LEU A 14 2.17 2.24 -13.99
N THR A 15 3.37 1.76 -13.71
CA THR A 15 3.53 0.51 -12.98
C THR A 15 3.86 0.76 -11.51
N VAL A 16 2.83 0.80 -10.68
CA VAL A 16 3.01 1.02 -9.25
C VAL A 16 3.30 -0.28 -8.51
N SER A 17 4.45 -0.34 -7.86
CA SER A 17 4.85 -1.53 -7.12
C SER A 17 5.43 -1.16 -5.76
N ALA A 18 4.99 -1.87 -4.72
CA ALA A 18 5.46 -1.62 -3.37
C ALA A 18 6.79 -2.30 -3.11
N GLY A 19 7.03 -3.42 -3.79
CA GLY A 19 8.27 -4.15 -3.63
C GLY A 19 8.06 -5.65 -3.57
N ASP A 20 7.53 -6.14 -2.47
CA ASP A 20 7.27 -7.57 -2.30
C ASP A 20 6.54 -7.85 -1.00
N ASN A 21 5.97 -9.04 -0.88
CA ASN A 21 5.24 -9.43 0.32
C ASN A 21 6.12 -9.34 1.55
N LEU A 22 5.60 -8.71 2.60
CA LEU A 22 6.35 -8.55 3.84
C LEU A 22 5.72 -9.36 4.97
N ILE A 23 6.56 -10.03 5.75
CA ILE A 23 6.08 -10.84 6.87
C ILE A 23 6.76 -10.45 8.17
N ILE A 24 5.96 -9.99 9.14
CA ILE A 24 6.50 -9.59 10.44
C ILE A 24 6.05 -10.56 11.53
N THR A 25 6.78 -10.55 12.65
CA THR A 25 6.47 -11.42 13.77
C THR A 25 6.52 -10.65 15.09
N LEU A 26 5.50 -10.84 15.92
CA LEU A 26 5.42 -10.17 17.21
C LEU A 26 6.70 -10.38 18.01
N PRO A 27 6.97 -9.46 18.96
CA PRO A 27 6.10 -8.32 19.22
C PRO A 27 6.12 -7.30 18.08
N ASP A 28 7.12 -7.41 17.21
CA ASP A 28 7.25 -6.49 16.08
C ASP A 28 5.97 -6.48 15.25
N ASN A 29 5.19 -5.41 15.42
CA ASN A 29 3.94 -5.27 14.68
C ASN A 29 3.95 -4.00 13.83
N GLU A 30 5.15 -3.48 13.58
CA GLU A 30 5.30 -2.27 12.77
C GLU A 30 5.97 -2.58 11.44
N VAL A 31 5.57 -1.87 10.39
CA VAL A 31 6.14 -2.07 9.06
C VAL A 31 6.10 -0.78 8.25
N GLU A 32 7.18 -0.52 7.53
CA GLU A 32 7.27 0.69 6.71
C GLU A 32 7.30 0.32 5.22
N LEU A 33 6.16 0.48 4.55
CA LEU A 33 6.06 0.18 3.13
C LEU A 33 6.49 1.37 2.28
N LYS A 34 6.94 1.10 1.07
CA LYS A 34 7.38 2.14 0.15
C LYS A 34 6.83 1.91 -1.25
N ALA A 35 6.26 2.96 -1.83
CA ALA A 35 5.70 2.87 -3.17
C ALA A 35 6.75 3.20 -4.24
N PHE A 36 6.69 2.50 -5.36
CA PHE A 36 7.64 2.72 -6.45
C PHE A 36 6.91 2.86 -7.78
N VAL A 37 7.06 4.01 -8.41
CA VAL A 37 6.42 4.28 -9.70
C VAL A 37 7.41 4.14 -10.85
N ALA A 38 7.03 3.37 -11.87
CA ALA A 38 7.89 3.16 -13.02
C ALA A 38 7.17 3.56 -14.31
N PRO A 39 7.80 4.46 -15.07
CA PRO A 39 9.09 5.04 -14.72
C PRO A 39 9.00 5.98 -13.52
N ALA A 40 10.13 6.21 -12.86
CA ALA A 40 10.18 7.09 -11.70
C ALA A 40 10.02 8.55 -12.11
N PRO A 41 9.33 9.34 -11.27
CA PRO A 41 9.11 10.76 -11.53
C PRO A 41 10.38 11.58 -11.40
N PRO A 42 10.34 12.82 -11.92
CA PRO A 42 11.49 13.74 -11.87
C PRO A 42 11.77 14.23 -10.45
N VAL A 43 12.72 15.16 -10.34
CA VAL A 43 13.09 15.71 -9.05
C VAL A 43 12.11 16.78 -8.60
N GLU A 44 11.22 17.18 -9.51
CA GLU A 44 10.23 18.21 -9.22
C GLU A 44 8.85 17.59 -9.06
N THR A 45 8.29 17.10 -10.17
CA THR A 45 6.97 16.48 -10.16
C THR A 45 6.94 15.26 -9.25
N THR A 46 6.01 15.26 -8.31
CA THR A 46 5.86 14.14 -7.37
C THR A 46 4.47 13.55 -7.43
N TYR A 47 4.38 12.29 -7.83
CA TYR A 47 3.10 11.60 -7.93
C TYR A 47 2.40 11.57 -6.57
N ASN A 48 1.18 11.03 -6.56
CA ASN A 48 0.40 10.94 -5.34
C ASN A 48 0.25 9.49 -4.90
N TYR A 49 0.58 9.21 -3.64
CA TYR A 49 0.49 7.86 -3.10
C TYR A 49 -0.71 7.74 -2.15
N GLU A 50 -1.72 7.01 -2.59
CA GLU A 50 -2.92 6.82 -1.77
C GLU A 50 -3.10 5.35 -1.41
N TRP A 51 -2.81 5.01 -0.15
CA TRP A 51 -2.93 3.64 0.33
C TRP A 51 -4.34 3.38 0.85
N ASN A 52 -4.74 2.11 0.85
CA ASN A 52 -6.06 1.71 1.33
C ASN A 52 -6.12 0.21 1.61
N LEU A 53 -6.90 -0.16 2.61
CA LEU A 53 -7.05 -1.57 2.97
C LEU A 53 -8.29 -2.18 2.33
N ILE A 54 -8.08 -3.16 1.47
CA ILE A 54 -9.19 -3.82 0.78
C ILE A 54 -9.41 -5.23 1.32
N SER A 55 -8.32 -5.86 1.79
CA SER A 55 -8.39 -7.21 2.33
C SER A 55 -7.78 -7.26 3.73
N HIS A 56 -8.60 -7.58 4.72
CA HIS A 56 -8.14 -7.67 6.10
C HIS A 56 -9.23 -8.27 6.99
N PRO A 57 -8.80 -8.93 8.08
CA PRO A 57 -9.71 -9.55 9.05
C PRO A 57 -10.50 -8.53 9.85
N THR A 58 -11.74 -8.87 10.19
CA THR A 58 -12.60 -7.98 10.96
C THR A 58 -12.06 -7.79 12.37
N ASP A 59 -11.25 -8.74 12.84
CA ASP A 59 -10.67 -8.67 14.17
C ASP A 59 -9.70 -7.50 14.28
N TYR A 60 -9.17 -7.07 13.14
CA TYR A 60 -8.22 -5.96 13.10
C TYR A 60 -8.83 -4.72 13.73
N GLN A 61 -8.10 -4.09 14.65
CA GLN A 61 -8.57 -2.89 15.32
C GLN A 61 -7.89 -1.65 14.74
N GLY A 62 -6.56 -1.67 14.69
CA GLY A 62 -5.81 -0.55 14.17
C GLY A 62 -6.45 0.04 12.92
N GLU A 63 -6.15 1.31 12.65
CA GLU A 63 -6.71 1.98 11.49
C GLU A 63 -5.61 2.70 10.70
N ILE A 64 -5.60 2.49 9.38
CA ILE A 64 -4.61 3.13 8.53
C ILE A 64 -5.08 4.50 8.05
N LYS A 65 -4.13 5.34 7.66
CA LYS A 65 -4.46 6.67 7.18
C LYS A 65 -4.28 6.77 5.66
N GLN A 66 -4.29 5.62 5.00
CA GLN A 66 -4.13 5.57 3.56
C GLN A 66 -2.80 6.16 3.13
N GLY A 67 -1.83 6.13 4.04
CA GLY A 67 -0.51 6.66 3.75
C GLY A 67 -0.57 7.87 2.82
N HIS A 68 -0.64 9.05 3.41
CA HIS A 68 -0.70 10.30 2.64
C HIS A 68 0.67 10.62 2.04
N LYS A 69 1.62 9.73 2.23
CA LYS A 69 2.97 9.93 1.71
C LYS A 69 3.38 8.75 0.84
N GLN A 70 4.63 8.78 0.37
CA GLN A 70 5.16 7.72 -0.48
C GLN A 70 5.37 6.43 0.33
N THR A 71 5.55 6.59 1.63
CA THR A 71 5.76 5.45 2.51
C THR A 71 4.67 5.36 3.58
N LEU A 72 4.20 4.15 3.83
CA LEU A 72 3.15 3.92 4.82
C LEU A 72 3.69 3.13 6.01
N ASN A 73 3.45 3.64 7.22
CA ASN A 73 3.91 2.98 8.43
C ASN A 73 2.73 2.55 9.30
N LEU A 74 2.65 1.25 9.59
CA LEU A 74 1.57 0.72 10.41
C LEU A 74 2.08 0.37 11.80
N SER A 75 1.15 0.28 12.76
CA SER A 75 1.49 -0.04 14.13
C SER A 75 0.37 -0.84 14.80
N GLN A 76 0.62 -1.27 16.03
CA GLN A 76 -0.37 -2.04 16.78
C GLN A 76 -1.04 -3.07 15.89
N LEU A 77 -0.30 -3.59 14.91
CA LEU A 77 -0.83 -4.58 13.99
C LEU A 77 -0.98 -5.94 14.67
N SER A 78 -2.17 -6.54 14.54
CA SER A 78 -2.45 -7.82 15.15
C SER A 78 -2.25 -8.96 14.14
N VAL A 79 -2.23 -10.18 14.63
CA VAL A 79 -2.05 -11.35 13.79
C VAL A 79 -3.15 -11.44 12.74
N GLY A 80 -2.74 -11.54 11.47
CA GLY A 80 -3.71 -11.64 10.39
C GLY A 80 -3.14 -11.19 9.06
N LEU A 81 -3.93 -11.33 8.01
CA LEU A 81 -3.49 -10.95 6.67
C LEU A 81 -4.01 -9.55 6.30
N TYR A 82 -3.14 -8.72 5.76
CA TYR A 82 -3.51 -7.36 5.37
C TYR A 82 -3.03 -7.06 3.96
N VAL A 83 -3.84 -6.29 3.22
CA VAL A 83 -3.50 -5.92 1.85
C VAL A 83 -3.69 -4.42 1.62
N PHE A 84 -2.59 -3.71 1.42
CA PHE A 84 -2.64 -2.28 1.19
C PHE A 84 -2.46 -1.96 -0.30
N LYS A 85 -3.49 -1.36 -0.90
CA LYS A 85 -3.44 -1.01 -2.31
C LYS A 85 -3.15 0.48 -2.48
N VAL A 86 -1.95 0.80 -2.96
CA VAL A 86 -1.55 2.19 -3.17
C VAL A 86 -1.90 2.65 -4.58
N THR A 87 -2.93 3.48 -4.69
CA THR A 87 -3.36 3.99 -5.99
C THR A 87 -2.68 5.31 -6.31
N VAL A 88 -1.74 5.27 -7.26
CA VAL A 88 -1.01 6.46 -7.66
C VAL A 88 -1.35 6.86 -9.09
N SER A 89 -1.98 8.02 -9.25
CA SER A 89 -2.36 8.50 -10.57
C SER A 89 -2.13 10.01 -10.68
N SER A 90 -1.71 10.45 -11.86
CA SER A 90 -1.44 11.85 -12.10
C SER A 90 -2.46 12.44 -13.08
N GLU A 91 -2.26 13.71 -13.43
CA GLU A 91 -3.16 14.39 -14.36
C GLU A 91 -3.29 13.61 -15.66
N ASN A 92 -2.17 13.11 -16.16
CA ASN A 92 -2.16 12.35 -17.41
C ASN A 92 -1.54 10.97 -17.19
N ALA A 93 -1.79 10.39 -16.02
CA ALA A 93 -1.26 9.07 -15.68
C ALA A 93 -2.08 8.42 -14.58
N PHE A 94 -2.06 7.09 -14.55
CA PHE A 94 -2.80 6.34 -13.53
C PHE A 94 -2.12 5.01 -13.23
N GLY A 95 -2.09 4.65 -11.96
CA GLY A 95 -1.47 3.41 -11.55
C GLY A 95 -2.09 2.81 -10.30
N GLU A 96 -1.71 1.58 -9.98
CA GLU A 96 -2.25 0.91 -8.80
C GLU A 96 -1.26 -0.13 -8.27
N GLY A 97 -1.10 -0.16 -6.96
CA GLY A 97 -0.18 -1.12 -6.35
C GLY A 97 -0.87 -2.04 -5.37
N PHE A 98 -0.25 -3.18 -5.10
CA PHE A 98 -0.82 -4.17 -4.17
C PHE A 98 0.28 -4.87 -3.39
N VAL A 99 0.22 -4.77 -2.06
CA VAL A 99 1.20 -5.40 -1.20
C VAL A 99 0.54 -6.04 0.01
N ASN A 100 0.76 -7.34 0.19
CA ASN A 100 0.18 -8.07 1.31
C ASN A 100 1.20 -8.23 2.43
N VAL A 101 0.74 -8.03 3.67
CA VAL A 101 1.61 -8.15 4.83
C VAL A 101 1.01 -9.09 5.87
N THR A 102 1.78 -10.10 6.26
CA THR A 102 1.32 -11.06 7.25
C THR A 102 1.99 -10.83 8.60
N VAL A 103 1.22 -10.98 9.67
CA VAL A 103 1.74 -10.78 11.02
C VAL A 103 1.71 -12.09 11.81
N LYS A 104 2.85 -12.76 11.88
CA LYS A 104 2.97 -14.01 12.60
C LYS A 104 2.90 -13.78 14.11
N PRO A 105 2.45 -14.80 14.84
CA PRO A 105 2.32 -14.73 16.31
C PRO A 105 3.67 -14.70 17.00
N ALA A 106 3.68 -14.21 18.23
CA ALA A 106 4.92 -14.14 19.02
C ALA A 106 5.54 -15.52 19.20
N ARG A 107 6.63 -15.78 18.50
CA ARG A 107 7.32 -17.06 18.60
C ARG A 107 8.01 -17.21 19.95
N SER A 108 8.67 -16.14 20.39
CA SER A 108 9.37 -16.16 21.67
C SER A 108 8.71 -15.22 22.67
N GLY A 109 7.65 -15.70 23.32
CA GLY A 109 6.94 -14.89 24.29
C GLY A 109 7.18 -15.35 25.71
N PRO A 110 8.30 -14.90 26.30
CA PRO A 110 8.67 -15.26 27.68
C PRO A 110 7.74 -14.62 28.71
N SER A 111 7.28 -15.44 29.65
CA SER A 111 6.38 -14.95 30.70
C SER A 111 7.04 -15.05 32.07
N SER A 112 6.97 -13.96 32.84
CA SER A 112 7.56 -13.92 34.17
C SER A 112 6.66 -14.61 35.19
N GLY A 113 7.27 -15.18 36.21
CA GLY A 113 6.50 -15.86 37.25
C GLY A 113 5.67 -14.90 38.07
N GLY A 1 -23.94 2.84 -38.21
CA GLY A 1 -24.24 4.07 -38.92
C GLY A 1 -23.11 5.09 -38.81
N SER A 2 -23.32 6.11 -37.97
CA SER A 2 -22.33 7.15 -37.79
C SER A 2 -22.08 7.40 -36.31
N SER A 3 -23.16 7.58 -35.55
CA SER A 3 -23.06 7.83 -34.12
C SER A 3 -21.97 6.97 -33.49
N GLY A 4 -21.08 7.60 -32.73
CA GLY A 4 -20.01 6.87 -32.08
C GLY A 4 -18.89 7.78 -31.63
N SER A 5 -18.37 7.52 -30.43
CA SER A 5 -17.30 8.33 -29.87
C SER A 5 -15.94 7.90 -30.43
N SER A 6 -15.45 8.63 -31.42
CA SER A 6 -14.18 8.32 -32.04
C SER A 6 -13.02 8.89 -31.22
N GLY A 7 -12.10 8.01 -30.83
CA GLY A 7 -10.95 8.44 -30.05
C GLY A 7 -11.19 8.28 -28.56
N PRO A 8 -10.82 7.11 -28.02
CA PRO A 8 -10.97 6.80 -26.60
C PRO A 8 -10.02 7.61 -25.72
N ARG A 9 -10.52 8.06 -24.58
CA ARG A 9 -9.71 8.84 -23.65
C ARG A 9 -9.04 7.95 -22.62
N THR A 10 -7.71 8.00 -22.56
CA THR A 10 -6.95 7.19 -21.63
C THR A 10 -5.78 7.98 -21.04
N VAL A 11 -5.26 7.50 -19.91
CA VAL A 11 -4.14 8.17 -19.25
C VAL A 11 -2.90 7.30 -19.28
N LYS A 12 -1.76 7.89 -18.92
CA LYS A 12 -0.50 7.17 -18.90
C LYS A 12 -0.49 6.09 -17.82
N GLU A 13 -0.16 4.86 -18.22
CA GLU A 13 -0.13 3.75 -17.28
C GLU A 13 1.20 3.70 -16.54
N LEU A 14 1.13 3.60 -15.22
CA LEU A 14 2.33 3.55 -14.38
C LEU A 14 2.39 2.23 -13.60
N THR A 15 3.60 1.69 -13.46
CA THR A 15 3.79 0.44 -12.74
C THR A 15 4.05 0.70 -11.26
N VAL A 16 2.98 0.73 -10.48
CA VAL A 16 3.09 0.96 -9.04
C VAL A 16 3.30 -0.35 -8.28
N SER A 17 4.53 -0.55 -7.82
CA SER A 17 4.88 -1.76 -7.08
C SER A 17 5.49 -1.42 -5.73
N ALA A 18 5.03 -2.12 -4.69
CA ALA A 18 5.53 -1.89 -3.34
C ALA A 18 6.83 -2.64 -3.10
N GLY A 19 6.90 -3.87 -3.63
CA GLY A 19 8.10 -4.67 -3.47
C GLY A 19 7.79 -6.16 -3.40
N ASP A 20 7.26 -6.60 -2.27
CA ASP A 20 6.92 -8.01 -2.08
C ASP A 20 6.23 -8.22 -0.74
N ASN A 21 5.64 -9.41 -0.57
CA ASN A 21 4.94 -9.74 0.67
C ASN A 21 5.88 -9.63 1.86
N LEU A 22 5.39 -9.02 2.95
CA LEU A 22 6.18 -8.87 4.16
C LEU A 22 5.57 -9.66 5.32
N ILE A 23 6.44 -10.21 6.16
CA ILE A 23 5.99 -11.00 7.31
C ILE A 23 6.72 -10.57 8.58
N ILE A 24 5.95 -10.27 9.62
CA ILE A 24 6.52 -9.86 10.89
C ILE A 24 6.11 -10.81 12.01
N THR A 25 6.85 -10.77 13.11
CA THR A 25 6.57 -11.63 14.25
C THR A 25 6.47 -10.82 15.54
N LEU A 26 5.51 -11.16 16.38
CA LEU A 26 5.31 -10.46 17.65
C LEU A 26 6.55 -10.57 18.53
N PRO A 27 6.71 -9.61 19.46
CA PRO A 27 5.75 -8.52 19.63
C PRO A 27 5.76 -7.53 18.46
N ASP A 28 6.89 -7.49 17.76
CA ASP A 28 7.05 -6.58 16.62
C ASP A 28 5.81 -6.62 15.73
N ASN A 29 4.97 -5.60 15.84
CA ASN A 29 3.75 -5.51 15.05
C ASN A 29 3.76 -4.27 14.16
N GLU A 30 4.95 -3.85 13.77
CA GLU A 30 5.10 -2.67 12.91
C GLU A 30 5.79 -3.02 11.60
N VAL A 31 5.40 -2.34 10.53
CA VAL A 31 5.98 -2.59 9.21
C VAL A 31 5.92 -1.33 8.36
N GLU A 32 7.03 -1.06 7.65
CA GLU A 32 7.10 0.10 6.79
C GLU A 32 7.14 -0.30 5.31
N LEU A 33 6.08 0.02 4.59
CA LEU A 33 5.99 -0.32 3.18
C LEU A 33 6.38 0.89 2.31
N LYS A 34 6.93 0.59 1.13
CA LYS A 34 7.35 1.64 0.20
C LYS A 34 6.60 1.53 -1.12
N ALA A 35 6.46 2.66 -1.80
CA ALA A 35 5.77 2.69 -3.08
C ALA A 35 6.72 3.07 -4.22
N PHE A 36 6.75 2.23 -5.25
CA PHE A 36 7.62 2.48 -6.39
C PHE A 36 6.81 2.60 -7.68
N VAL A 37 7.11 3.61 -8.48
CA VAL A 37 6.41 3.84 -9.74
C VAL A 37 7.39 4.15 -10.86
N ALA A 38 7.26 3.41 -11.96
CA ALA A 38 8.13 3.60 -13.11
C ALA A 38 7.32 3.92 -14.37
N PRO A 39 7.84 4.85 -15.19
CA PRO A 39 9.12 5.52 -14.92
C PRO A 39 9.03 6.47 -13.74
N ALA A 40 10.19 6.80 -13.17
CA ALA A 40 10.24 7.72 -12.03
C ALA A 40 9.92 9.15 -12.46
N PRO A 41 9.15 9.86 -11.63
CA PRO A 41 8.75 11.24 -11.90
C PRO A 41 9.91 12.21 -11.79
N PRO A 42 9.88 13.28 -12.60
CA PRO A 42 10.94 14.30 -12.60
C PRO A 42 10.93 15.14 -11.34
N VAL A 43 11.68 16.25 -11.36
CA VAL A 43 11.76 17.14 -10.22
C VAL A 43 10.50 17.99 -10.08
N GLU A 44 9.96 18.41 -11.22
CA GLU A 44 8.76 19.23 -11.24
C GLU A 44 7.51 18.39 -11.00
N THR A 45 7.17 17.56 -11.98
CA THR A 45 6.01 16.69 -11.87
C THR A 45 6.20 15.64 -10.79
N THR A 46 5.13 15.38 -10.02
CA THR A 46 5.19 14.39 -8.95
C THR A 46 3.85 13.69 -8.78
N TYR A 47 3.90 12.41 -8.45
CA TYR A 47 2.68 11.63 -8.26
C TYR A 47 2.24 11.65 -6.80
N ASN A 48 0.98 11.29 -6.56
CA ASN A 48 0.44 11.27 -5.21
C ASN A 48 0.33 9.85 -4.69
N TYR A 49 0.75 9.64 -3.45
CA TYR A 49 0.70 8.32 -2.83
C TYR A 49 -0.51 8.19 -1.91
N GLU A 50 -1.44 7.32 -2.28
CA GLU A 50 -2.65 7.11 -1.50
C GLU A 50 -2.86 5.63 -1.22
N TRP A 51 -2.60 5.21 0.01
CA TRP A 51 -2.76 3.82 0.41
C TRP A 51 -4.18 3.56 0.91
N ASN A 52 -4.61 2.30 0.84
CA ASN A 52 -5.94 1.92 1.30
C ASN A 52 -6.01 0.42 1.59
N LEU A 53 -6.73 0.07 2.64
CA LEU A 53 -6.88 -1.34 3.03
C LEU A 53 -8.04 -1.98 2.29
N ILE A 54 -7.77 -3.10 1.62
CA ILE A 54 -8.79 -3.82 0.87
C ILE A 54 -9.01 -5.22 1.44
N SER A 55 -7.90 -5.91 1.71
CA SER A 55 -7.97 -7.26 2.26
C SER A 55 -7.49 -7.29 3.71
N HIS A 56 -8.45 -7.39 4.63
CA HIS A 56 -8.14 -7.42 6.06
C HIS A 56 -9.23 -8.14 6.84
N PRO A 57 -8.83 -8.85 7.90
CA PRO A 57 -9.77 -9.60 8.75
C PRO A 57 -10.65 -8.67 9.59
N THR A 58 -11.93 -9.05 9.72
CA THR A 58 -12.88 -8.25 10.48
C THR A 58 -12.37 -8.01 11.91
N ASP A 59 -11.60 -8.96 12.42
CA ASP A 59 -11.05 -8.85 13.77
C ASP A 59 -10.14 -7.64 13.88
N TYR A 60 -9.58 -7.20 12.76
CA TYR A 60 -8.69 -6.06 12.73
C TYR A 60 -9.39 -4.80 13.26
N GLN A 61 -8.64 -3.98 13.98
CA GLN A 61 -9.19 -2.75 14.55
C GLN A 61 -8.31 -1.55 14.22
N GLY A 62 -7.01 -1.80 14.11
CA GLY A 62 -6.08 -0.73 13.78
C GLY A 62 -6.61 0.20 12.72
N GLU A 63 -5.98 1.37 12.59
CA GLU A 63 -6.40 2.35 11.60
C GLU A 63 -5.20 2.92 10.84
N ILE A 64 -5.28 2.90 9.52
CA ILE A 64 -4.20 3.41 8.69
C ILE A 64 -4.45 4.86 8.28
N LYS A 65 -3.42 5.51 7.75
CA LYS A 65 -3.52 6.89 7.32
C LYS A 65 -3.33 7.02 5.80
N GLN A 66 -3.78 6.00 5.07
CA GLN A 66 -3.65 6.00 3.62
C GLN A 66 -2.26 6.43 3.19
N GLY A 67 -1.28 6.24 4.08
CA GLY A 67 0.08 6.62 3.78
C GLY A 67 0.16 7.83 2.88
N HIS A 68 -0.02 9.01 3.46
CA HIS A 68 0.03 10.25 2.69
C HIS A 68 1.39 10.42 2.01
N LYS A 69 2.34 9.57 2.38
CA LYS A 69 3.67 9.62 1.81
C LYS A 69 3.96 8.37 0.99
N GLN A 70 5.11 8.36 0.32
CA GLN A 70 5.50 7.22 -0.51
C GLN A 70 5.69 5.96 0.34
N THR A 71 5.67 6.14 1.67
CA THR A 71 5.84 5.02 2.59
C THR A 71 4.66 4.94 3.55
N LEU A 72 4.32 3.71 3.95
CA LEU A 72 3.21 3.49 4.87
C LEU A 72 3.68 2.65 6.06
N ASN A 73 3.53 3.20 7.27
CA ASN A 73 3.92 2.51 8.48
C ASN A 73 2.69 2.09 9.29
N LEU A 74 2.74 0.91 9.87
CA LEU A 74 1.63 0.39 10.67
C LEU A 74 2.09 0.07 12.10
N SER A 75 1.13 -0.08 13.00
CA SER A 75 1.44 -0.39 14.39
C SER A 75 0.35 -1.26 15.00
N GLN A 76 0.59 -1.71 16.23
CA GLN A 76 -0.38 -2.55 16.93
C GLN A 76 -1.09 -3.49 15.97
N LEU A 77 -0.36 -3.99 14.98
CA LEU A 77 -0.91 -4.90 13.99
C LEU A 77 -1.23 -6.26 14.60
N SER A 78 -2.46 -6.72 14.42
CA SER A 78 -2.88 -8.01 14.96
C SER A 78 -2.49 -9.14 14.03
N VAL A 79 -2.49 -10.37 14.55
CA VAL A 79 -2.14 -11.54 13.76
C VAL A 79 -3.16 -11.78 12.65
N GLY A 80 -2.80 -11.36 11.44
CA GLY A 80 -3.70 -11.54 10.31
C GLY A 80 -3.11 -11.01 9.01
N LEU A 81 -3.84 -11.16 7.92
CA LEU A 81 -3.38 -10.69 6.62
C LEU A 81 -3.90 -9.29 6.32
N TYR A 82 -3.05 -8.47 5.72
CA TYR A 82 -3.41 -7.10 5.39
C TYR A 82 -2.87 -6.70 4.02
N VAL A 83 -3.77 -6.55 3.05
CA VAL A 83 -3.38 -6.17 1.69
C VAL A 83 -3.64 -4.69 1.44
N PHE A 84 -2.58 -3.89 1.45
CA PHE A 84 -2.69 -2.47 1.22
C PHE A 84 -2.43 -2.12 -0.24
N LYS A 85 -3.30 -1.28 -0.82
CA LYS A 85 -3.16 -0.88 -2.21
C LYS A 85 -2.82 0.60 -2.31
N VAL A 86 -1.66 0.90 -2.89
CA VAL A 86 -1.21 2.28 -3.05
C VAL A 86 -1.61 2.82 -4.41
N THR A 87 -2.66 3.64 -4.44
CA THR A 87 -3.15 4.23 -5.68
C THR A 87 -2.39 5.50 -6.01
N VAL A 88 -1.53 5.43 -7.01
CA VAL A 88 -0.74 6.59 -7.43
C VAL A 88 -1.04 6.97 -8.88
N SER A 89 -1.64 8.14 -9.06
CA SER A 89 -2.00 8.62 -10.39
C SER A 89 -1.54 10.06 -10.58
N SER A 90 -1.34 10.45 -11.84
CA SER A 90 -0.91 11.80 -12.16
C SER A 90 -1.96 12.53 -12.99
N GLU A 91 -1.63 13.74 -13.43
CA GLU A 91 -2.54 14.55 -14.23
C GLU A 91 -2.98 13.79 -15.48
N ASN A 92 -2.00 13.25 -16.21
CA ASN A 92 -2.27 12.51 -17.43
C ASN A 92 -1.80 11.06 -17.30
N ALA A 93 -1.99 10.47 -16.13
CA ALA A 93 -1.58 9.10 -15.87
C ALA A 93 -2.30 8.53 -14.65
N PHE A 94 -2.17 7.22 -14.46
CA PHE A 94 -2.82 6.55 -13.34
C PHE A 94 -2.15 5.20 -13.06
N GLY A 95 -1.98 4.88 -11.78
CA GLY A 95 -1.35 3.64 -11.40
C GLY A 95 -1.77 3.18 -10.01
N GLU A 96 -1.63 1.88 -9.75
CA GLU A 96 -1.99 1.32 -8.46
C GLU A 96 -1.11 0.11 -8.12
N GLY A 97 -0.81 -0.04 -6.84
CA GLY A 97 0.02 -1.15 -6.40
C GLY A 97 -0.72 -2.10 -5.49
N PHE A 98 -0.04 -3.18 -5.10
CA PHE A 98 -0.64 -4.17 -4.21
C PHE A 98 0.42 -4.85 -3.34
N VAL A 99 0.27 -4.72 -2.03
CA VAL A 99 1.22 -5.32 -1.09
C VAL A 99 0.51 -5.88 0.13
N ASN A 100 0.85 -7.11 0.51
CA ASN A 100 0.24 -7.75 1.66
C ASN A 100 1.27 -7.96 2.77
N VAL A 101 0.80 -7.98 4.01
CA VAL A 101 1.68 -8.18 5.16
C VAL A 101 1.06 -9.15 6.16
N THR A 102 1.85 -10.12 6.60
CA THR A 102 1.38 -11.11 7.57
C THR A 102 2.03 -10.90 8.93
N VAL A 103 1.23 -11.05 9.98
CA VAL A 103 1.72 -10.88 11.35
C VAL A 103 1.60 -12.17 12.14
N LYS A 104 2.73 -12.83 12.38
CA LYS A 104 2.76 -14.07 13.13
C LYS A 104 2.64 -13.80 14.63
N PRO A 105 2.06 -14.77 15.36
CA PRO A 105 1.88 -14.66 16.82
C PRO A 105 3.21 -14.75 17.57
N ALA A 106 3.19 -14.32 18.82
CA ALA A 106 4.39 -14.34 19.65
C ALA A 106 4.61 -15.72 20.26
N ARG A 107 5.71 -16.36 19.88
CA ARG A 107 6.03 -17.69 20.39
C ARG A 107 7.33 -17.67 21.18
N SER A 108 7.31 -18.28 22.37
CA SER A 108 8.49 -18.33 23.22
C SER A 108 8.79 -19.76 23.65
N GLY A 109 7.77 -20.45 24.17
CA GLY A 109 7.95 -21.81 24.61
C GLY A 109 6.78 -22.32 25.44
N PRO A 110 6.79 -21.99 26.74
CA PRO A 110 5.72 -22.41 27.66
C PRO A 110 4.41 -21.68 27.39
N SER A 111 3.30 -22.34 27.68
CA SER A 111 1.98 -21.77 27.46
C SER A 111 0.95 -22.41 28.37
N SER A 112 0.04 -21.60 28.90
CA SER A 112 -1.01 -22.09 29.79
C SER A 112 -2.39 -21.73 29.26
N GLY A 113 -3.15 -22.74 28.87
CA GLY A 113 -4.49 -22.52 28.35
C GLY A 113 -5.55 -23.29 29.11
N GLY A 1 -2.85 33.13 -16.49
CA GLY A 1 -3.16 32.83 -17.88
C GLY A 1 -4.37 31.91 -18.01
N SER A 2 -4.68 31.53 -19.24
CA SER A 2 -5.81 30.65 -19.49
C SER A 2 -5.34 29.31 -20.05
N SER A 3 -5.85 28.22 -19.48
CA SER A 3 -5.47 26.88 -19.93
C SER A 3 -6.45 26.36 -20.97
N GLY A 4 -5.95 25.52 -21.88
CA GLY A 4 -6.80 24.97 -22.92
C GLY A 4 -6.06 23.99 -23.81
N SER A 5 -5.90 22.76 -23.33
CA SER A 5 -5.19 21.73 -24.09
C SER A 5 -6.06 21.19 -25.21
N SER A 6 -5.56 20.20 -25.93
CA SER A 6 -6.29 19.60 -27.03
C SER A 6 -7.40 18.68 -26.53
N GLY A 7 -7.55 18.64 -25.21
CA GLY A 7 -8.59 17.81 -24.61
C GLY A 7 -8.18 16.35 -24.56
N PRO A 8 -7.42 15.97 -23.52
CA PRO A 8 -6.95 14.60 -23.35
C PRO A 8 -8.08 13.65 -22.96
N ARG A 9 -7.88 12.36 -23.21
CA ARG A 9 -8.88 11.35 -22.90
C ARG A 9 -8.25 10.16 -22.17
N THR A 10 -7.07 9.75 -22.63
CA THR A 10 -6.36 8.62 -22.04
C THR A 10 -5.24 9.10 -21.13
N VAL A 11 -4.85 8.26 -20.18
CA VAL A 11 -3.78 8.59 -19.24
C VAL A 11 -2.56 7.73 -19.48
N LYS A 12 -1.44 8.11 -18.88
CA LYS A 12 -0.19 7.37 -19.01
C LYS A 12 -0.24 6.07 -18.22
N GLU A 13 0.70 5.18 -18.49
CA GLU A 13 0.77 3.89 -17.80
C GLU A 13 1.95 3.84 -16.85
N LEU A 14 1.69 3.95 -15.56
CA LEU A 14 2.73 3.92 -14.55
C LEU A 14 2.78 2.57 -13.85
N THR A 15 3.97 1.98 -13.78
CA THR A 15 4.14 0.69 -13.14
C THR A 15 4.40 0.85 -11.64
N VAL A 16 3.34 0.71 -10.85
CA VAL A 16 3.44 0.84 -9.40
C VAL A 16 3.61 -0.53 -8.74
N SER A 17 4.61 -0.65 -7.89
CA SER A 17 4.88 -1.90 -7.20
C SER A 17 5.51 -1.64 -5.83
N ALA A 18 4.87 -2.15 -4.79
CA ALA A 18 5.36 -1.98 -3.43
C ALA A 18 6.61 -2.81 -3.19
N GLY A 19 6.64 -4.02 -3.75
CA GLY A 19 7.78 -4.89 -3.58
C GLY A 19 7.39 -6.36 -3.54
N ASP A 20 6.86 -6.80 -2.41
CA ASP A 20 6.43 -8.18 -2.23
C ASP A 20 5.76 -8.39 -0.88
N ASN A 21 5.35 -9.62 -0.62
CA ASN A 21 4.69 -9.95 0.64
C ASN A 21 5.68 -9.91 1.81
N LEU A 22 5.32 -9.20 2.85
CA LEU A 22 6.17 -9.08 4.04
C LEU A 22 5.55 -9.77 5.24
N ILE A 23 6.37 -10.48 6.00
CA ILE A 23 5.89 -11.20 7.17
C ILE A 23 6.67 -10.78 8.42
N ILE A 24 5.94 -10.41 9.47
CA ILE A 24 6.56 -10.00 10.73
C ILE A 24 6.21 -10.95 11.86
N THR A 25 7.00 -10.91 12.93
CA THR A 25 6.78 -11.77 14.08
C THR A 25 6.78 -10.96 15.38
N LEU A 26 5.68 -11.07 16.12
CA LEU A 26 5.55 -10.35 17.38
C LEU A 26 6.79 -10.52 18.25
N PRO A 27 7.03 -9.56 19.15
CA PRO A 27 6.14 -8.40 19.31
C PRO A 27 6.22 -7.44 18.13
N ASP A 28 7.27 -7.57 17.33
CA ASP A 28 7.46 -6.72 16.17
C ASP A 28 6.20 -6.69 15.30
N ASN A 29 5.38 -5.67 15.51
CA ASN A 29 4.13 -5.53 14.75
C ASN A 29 4.17 -4.26 13.90
N GLU A 30 5.36 -3.73 13.68
CA GLU A 30 5.53 -2.52 12.88
C GLU A 30 6.24 -2.83 11.57
N VAL A 31 5.71 -2.29 10.47
CA VAL A 31 6.29 -2.51 9.16
C VAL A 31 6.20 -1.25 8.31
N GLU A 32 7.26 -0.99 7.54
CA GLU A 32 7.29 0.19 6.67
C GLU A 32 7.30 -0.22 5.20
N LEU A 33 6.19 0.03 4.52
CA LEU A 33 6.06 -0.31 3.11
C LEU A 33 6.40 0.88 2.23
N LYS A 34 6.78 0.61 0.98
CA LYS A 34 7.14 1.66 0.04
C LYS A 34 6.65 1.31 -1.37
N ALA A 35 6.08 2.30 -2.05
CA ALA A 35 5.57 2.10 -3.40
C ALA A 35 6.58 2.59 -4.44
N PHE A 36 6.98 1.69 -5.34
CA PHE A 36 7.94 2.03 -6.38
C PHE A 36 7.23 2.30 -7.71
N VAL A 37 7.31 3.55 -8.17
CA VAL A 37 6.68 3.95 -9.42
C VAL A 37 7.72 4.26 -10.50
N ALA A 38 7.50 3.72 -11.70
CA ALA A 38 8.42 3.93 -12.80
C ALA A 38 7.66 4.27 -14.08
N PRO A 39 8.22 5.21 -14.87
CA PRO A 39 9.48 5.89 -14.52
C PRO A 39 9.32 6.83 -13.33
N ALA A 40 10.44 7.13 -12.68
CA ALA A 40 10.44 8.02 -11.52
C ALA A 40 10.15 9.45 -11.94
N PRO A 41 9.40 10.18 -11.10
CA PRO A 41 9.03 11.58 -11.36
C PRO A 41 10.23 12.52 -11.24
N PRO A 42 10.18 13.63 -11.99
CA PRO A 42 11.26 14.63 -11.98
C PRO A 42 11.34 15.39 -10.66
N VAL A 43 12.19 16.40 -10.63
CA VAL A 43 12.35 17.22 -9.43
C VAL A 43 11.15 18.14 -9.22
N GLU A 44 10.39 18.36 -10.29
CA GLU A 44 9.21 19.22 -10.23
C GLU A 44 7.94 18.39 -10.10
N THR A 45 7.54 17.76 -11.20
CA THR A 45 6.34 16.94 -11.20
C THR A 45 6.43 15.81 -10.18
N THR A 46 5.36 15.62 -9.42
CA THR A 46 5.32 14.58 -8.39
C THR A 46 4.00 13.81 -8.45
N TYR A 47 4.06 12.53 -8.10
CA TYR A 47 2.87 11.68 -8.10
C TYR A 47 2.24 11.62 -6.72
N ASN A 48 1.01 11.12 -6.67
CA ASN A 48 0.29 11.01 -5.40
C ASN A 48 0.28 9.57 -4.91
N TYR A 49 0.48 9.40 -3.60
CA TYR A 49 0.50 8.07 -3.01
C TYR A 49 -0.66 7.90 -2.03
N GLU A 50 -1.65 7.11 -2.42
CA GLU A 50 -2.82 6.87 -1.58
C GLU A 50 -2.95 5.39 -1.24
N TRP A 51 -3.00 5.07 0.05
CA TRP A 51 -3.13 3.69 0.50
C TRP A 51 -4.52 3.43 1.05
N ASN A 52 -4.95 2.16 0.99
CA ASN A 52 -6.26 1.78 1.50
C ASN A 52 -6.28 0.30 1.88
N LEU A 53 -6.89 0.00 3.02
CA LEU A 53 -6.98 -1.38 3.50
C LEU A 53 -8.24 -2.05 2.97
N ILE A 54 -8.05 -2.97 2.03
CA ILE A 54 -9.17 -3.70 1.44
C ILE A 54 -9.33 -5.07 2.08
N SER A 55 -8.22 -5.63 2.53
CA SER A 55 -8.23 -6.95 3.17
C SER A 55 -7.77 -6.87 4.61
N HIS A 56 -8.66 -7.23 5.54
CA HIS A 56 -8.36 -7.18 6.96
C HIS A 56 -9.33 -8.05 7.74
N PRO A 57 -8.81 -8.73 8.79
CA PRO A 57 -9.62 -9.60 9.64
C PRO A 57 -10.60 -8.83 10.51
N THR A 58 -11.66 -9.50 10.95
CA THR A 58 -12.67 -8.87 11.79
C THR A 58 -12.07 -8.37 13.10
N ASP A 59 -11.03 -9.05 13.56
CA ASP A 59 -10.36 -8.67 14.80
C ASP A 59 -9.76 -7.28 14.69
N TYR A 60 -9.40 -6.90 13.47
CA TYR A 60 -8.81 -5.59 13.22
C TYR A 60 -9.87 -4.58 12.78
N GLN A 61 -9.80 -3.38 13.35
CA GLN A 61 -10.75 -2.32 13.02
C GLN A 61 -10.41 -1.67 11.68
N GLY A 62 -9.14 -1.29 11.52
CA GLY A 62 -8.71 -0.67 10.28
C GLY A 62 -8.42 0.81 10.45
N GLU A 63 -7.22 1.14 10.89
CA GLU A 63 -6.82 2.53 11.10
C GLU A 63 -5.51 2.84 10.37
N ILE A 64 -5.63 3.51 9.23
CA ILE A 64 -4.45 3.86 8.44
C ILE A 64 -4.60 5.25 7.82
N LYS A 65 -3.51 6.00 7.76
CA LYS A 65 -3.53 7.33 7.18
C LYS A 65 -3.36 7.29 5.67
N GLN A 66 -3.78 6.18 5.07
CA GLN A 66 -3.68 6.00 3.62
C GLN A 66 -2.32 6.43 3.12
N GLY A 67 -1.32 6.38 4.00
CA GLY A 67 0.03 6.76 3.63
C GLY A 67 0.04 7.86 2.58
N HIS A 68 -0.16 9.09 3.03
CA HIS A 68 -0.17 10.24 2.12
C HIS A 68 1.15 10.33 1.35
N LYS A 69 2.14 9.56 1.79
CA LYS A 69 3.45 9.56 1.15
C LYS A 69 3.66 8.27 0.35
N GLN A 70 4.86 8.11 -0.19
CA GLN A 70 5.19 6.92 -0.98
C GLN A 70 5.47 5.74 -0.07
N THR A 71 5.59 6.00 1.22
CA THR A 71 5.86 4.94 2.20
C THR A 71 4.80 4.92 3.30
N LEU A 72 4.30 3.74 3.62
CA LEU A 72 3.29 3.59 4.65
C LEU A 72 3.82 2.77 5.82
N ASN A 73 3.80 3.36 7.01
CA ASN A 73 4.28 2.68 8.20
C ASN A 73 3.11 2.19 9.06
N LEU A 74 3.18 0.94 9.47
CA LEU A 74 2.13 0.34 10.30
C LEU A 74 2.66 -0.02 11.68
N SER A 75 1.76 -0.11 12.65
CA SER A 75 2.13 -0.45 14.02
C SER A 75 1.02 -1.22 14.71
N GLN A 76 1.34 -1.79 15.88
CA GLN A 76 0.36 -2.56 16.64
C GLN A 76 -0.43 -3.49 15.73
N LEU A 77 0.20 -3.94 14.65
CA LEU A 77 -0.45 -4.83 13.70
C LEU A 77 -0.70 -6.20 14.32
N SER A 78 -1.93 -6.44 14.75
CA SER A 78 -2.30 -7.70 15.37
C SER A 78 -2.02 -8.87 14.42
N VAL A 79 -2.12 -10.08 14.95
CA VAL A 79 -1.87 -11.28 14.16
C VAL A 79 -2.98 -11.50 13.13
N GLY A 80 -2.69 -11.14 11.87
CA GLY A 80 -3.67 -11.30 10.82
C GLY A 80 -3.15 -10.85 9.47
N LEU A 81 -3.94 -11.05 8.43
CA LEU A 81 -3.56 -10.65 7.08
C LEU A 81 -4.00 -9.22 6.78
N TYR A 82 -3.11 -8.44 6.17
CA TYR A 82 -3.41 -7.06 5.83
C TYR A 82 -2.93 -6.73 4.42
N VAL A 83 -3.88 -6.44 3.53
CA VAL A 83 -3.55 -6.10 2.16
C VAL A 83 -3.78 -4.62 1.88
N PHE A 84 -2.69 -3.92 1.56
CA PHE A 84 -2.77 -2.49 1.27
C PHE A 84 -2.57 -2.22 -0.21
N LYS A 85 -3.46 -1.42 -0.79
CA LYS A 85 -3.38 -1.08 -2.21
C LYS A 85 -3.06 0.39 -2.39
N VAL A 86 -1.87 0.68 -2.91
CA VAL A 86 -1.43 2.05 -3.15
C VAL A 86 -1.85 2.52 -4.54
N THR A 87 -2.84 3.41 -4.59
CA THR A 87 -3.33 3.95 -5.85
C THR A 87 -2.64 5.27 -6.18
N VAL A 88 -1.64 5.20 -7.06
CA VAL A 88 -0.90 6.39 -7.48
C VAL A 88 -1.26 6.79 -8.91
N SER A 89 -2.01 7.87 -9.05
CA SER A 89 -2.43 8.35 -10.36
C SER A 89 -2.30 9.86 -10.43
N SER A 90 -1.98 10.36 -11.63
CA SER A 90 -1.83 11.80 -11.84
C SER A 90 -2.84 12.30 -12.86
N GLU A 91 -2.83 13.62 -13.09
CA GLU A 91 -3.74 14.23 -14.05
C GLU A 91 -3.79 13.42 -15.34
N ASN A 92 -2.62 13.19 -15.93
CA ASN A 92 -2.53 12.43 -17.18
C ASN A 92 -1.76 11.13 -16.98
N ALA A 93 -2.04 10.46 -15.85
CA ALA A 93 -1.37 9.20 -15.54
C ALA A 93 -2.15 8.42 -14.48
N PHE A 94 -1.88 7.12 -14.39
CA PHE A 94 -2.55 6.27 -13.42
C PHE A 94 -1.72 5.02 -13.12
N GLY A 95 -1.74 4.59 -11.87
CA GLY A 95 -0.98 3.42 -11.48
C GLY A 95 -1.22 3.03 -10.02
N GLU A 96 -1.59 1.78 -9.80
CA GLU A 96 -1.85 1.29 -8.44
C GLU A 96 -1.26 -0.09 -8.24
N GLY A 97 -0.71 -0.33 -7.06
CA GLY A 97 -0.12 -1.63 -6.77
C GLY A 97 -0.87 -2.38 -5.69
N PHE A 98 -0.30 -3.48 -5.24
CA PHE A 98 -0.93 -4.31 -4.20
C PHE A 98 0.12 -5.04 -3.38
N VAL A 99 0.08 -4.84 -2.06
CA VAL A 99 1.03 -5.49 -1.17
C VAL A 99 0.33 -5.95 0.11
N ASN A 100 0.68 -7.16 0.56
CA ASN A 100 0.10 -7.72 1.77
C ASN A 100 1.16 -7.93 2.85
N VAL A 101 0.73 -7.91 4.10
CA VAL A 101 1.65 -8.10 5.22
C VAL A 101 1.03 -9.01 6.29
N THR A 102 1.64 -10.18 6.47
CA THR A 102 1.15 -11.14 7.44
C THR A 102 1.88 -10.99 8.78
N VAL A 103 1.12 -11.07 9.87
CA VAL A 103 1.70 -10.93 11.21
C VAL A 103 1.64 -12.25 11.97
N LYS A 104 2.78 -12.90 12.10
CA LYS A 104 2.86 -14.17 12.82
C LYS A 104 3.04 -13.96 14.32
N PRO A 105 2.55 -14.91 15.12
CA PRO A 105 2.65 -14.84 16.58
C PRO A 105 4.08 -15.01 17.08
N ALA A 106 4.35 -14.49 18.27
CA ALA A 106 5.68 -14.58 18.86
C ALA A 106 6.07 -16.05 19.09
N ARG A 107 7.05 -16.52 18.33
CA ARG A 107 7.51 -17.89 18.45
C ARG A 107 8.38 -18.07 19.70
N SER A 108 9.10 -17.02 20.06
CA SER A 108 9.96 -17.05 21.24
C SER A 108 9.23 -17.65 22.43
N GLY A 109 8.14 -17.00 22.83
CA GLY A 109 7.37 -17.48 23.97
C GLY A 109 6.16 -18.30 23.54
N PRO A 110 5.52 -18.96 24.51
CA PRO A 110 4.34 -19.80 24.25
C PRO A 110 3.12 -18.95 23.89
N SER A 111 2.27 -19.49 23.02
CA SER A 111 1.07 -18.79 22.59
C SER A 111 0.07 -18.67 23.74
N SER A 112 -0.19 -19.79 24.41
CA SER A 112 -1.13 -19.81 25.53
C SER A 112 -0.92 -21.05 26.39
N GLY A 113 -1.33 -20.96 27.65
CA GLY A 113 -1.17 -22.08 28.56
C GLY A 113 0.24 -22.21 29.09
N GLY A 1 -15.23 6.38 -18.16
CA GLY A 1 -15.86 7.68 -18.06
C GLY A 1 -17.22 7.61 -17.38
N SER A 2 -18.07 8.60 -17.65
CA SER A 2 -19.40 8.64 -17.05
C SER A 2 -20.45 9.04 -18.08
N SER A 3 -21.33 8.11 -18.41
CA SER A 3 -22.39 8.36 -19.38
C SER A 3 -21.80 8.92 -20.68
N GLY A 4 -20.71 8.31 -21.14
CA GLY A 4 -20.08 8.76 -22.37
C GLY A 4 -19.66 7.61 -23.25
N SER A 5 -20.56 7.17 -24.12
CA SER A 5 -20.28 6.07 -25.03
C SER A 5 -18.92 6.25 -25.70
N SER A 6 -18.72 7.42 -26.30
CA SER A 6 -17.46 7.72 -26.99
C SER A 6 -16.51 8.48 -26.06
N GLY A 7 -15.24 8.51 -26.44
CA GLY A 7 -14.24 9.20 -25.64
C GLY A 7 -12.98 8.38 -25.44
N PRO A 8 -12.05 8.49 -26.40
CA PRO A 8 -10.78 7.76 -26.36
C PRO A 8 -9.85 8.28 -25.26
N ARG A 9 -10.34 9.24 -24.49
CA ARG A 9 -9.55 9.82 -23.41
C ARG A 9 -8.88 8.72 -22.58
N THR A 10 -7.55 8.70 -22.61
CA THR A 10 -6.80 7.70 -21.86
C THR A 10 -5.53 8.31 -21.28
N VAL A 11 -5.15 7.86 -20.09
CA VAL A 11 -3.95 8.35 -19.42
C VAL A 11 -2.78 7.40 -19.63
N LYS A 12 -1.59 7.84 -19.21
CA LYS A 12 -0.39 7.03 -19.35
C LYS A 12 -0.38 5.89 -18.34
N GLU A 13 -0.11 4.68 -18.82
CA GLU A 13 -0.08 3.50 -17.95
C GLU A 13 1.21 3.47 -17.13
N LEU A 14 1.06 3.58 -15.82
CA LEU A 14 2.21 3.56 -14.92
C LEU A 14 2.34 2.21 -14.22
N THR A 15 3.57 1.78 -14.01
CA THR A 15 3.85 0.51 -13.36
C THR A 15 4.14 0.70 -11.88
N VAL A 16 3.09 0.63 -11.06
CA VAL A 16 3.24 0.80 -9.62
C VAL A 16 3.51 -0.54 -8.94
N SER A 17 4.46 -0.56 -8.02
CA SER A 17 4.82 -1.78 -7.29
C SER A 17 5.37 -1.44 -5.91
N ALA A 18 4.81 -2.08 -4.89
CA ALA A 18 5.25 -1.86 -3.51
C ALA A 18 6.55 -2.62 -3.22
N GLY A 19 6.65 -3.84 -3.74
CA GLY A 19 7.83 -4.65 -3.53
C GLY A 19 7.52 -6.13 -3.48
N ASP A 20 7.03 -6.59 -2.33
CA ASP A 20 6.69 -7.99 -2.16
C ASP A 20 6.03 -8.23 -0.80
N ASN A 21 5.38 -9.38 -0.66
CA ASN A 21 4.70 -9.73 0.59
C ASN A 21 5.68 -9.69 1.76
N LEU A 22 5.27 -9.04 2.84
CA LEU A 22 6.11 -8.93 4.03
C LEU A 22 5.49 -9.68 5.21
N ILE A 23 6.34 -10.26 6.06
CA ILE A 23 5.86 -11.00 7.22
C ILE A 23 6.60 -10.57 8.48
N ILE A 24 5.85 -10.33 9.55
CA ILE A 24 6.43 -9.90 10.81
C ILE A 24 5.96 -10.80 11.96
N THR A 25 6.63 -10.68 13.10
CA THR A 25 6.28 -11.47 14.28
C THR A 25 6.31 -10.62 15.55
N LEU A 26 5.33 -10.84 16.42
CA LEU A 26 5.24 -10.09 17.67
C LEU A 26 6.49 -10.31 18.51
N PRO A 27 6.78 -9.35 19.40
CA PRO A 27 5.96 -8.14 19.55
C PRO A 27 6.06 -7.21 18.35
N ASP A 28 7.15 -7.33 17.61
CA ASP A 28 7.37 -6.50 16.42
C ASP A 28 6.13 -6.48 15.53
N ASN A 29 5.30 -5.46 15.70
CA ASN A 29 4.09 -5.33 14.91
C ASN A 29 4.14 -4.10 14.02
N GLU A 30 5.36 -3.63 13.73
CA GLU A 30 5.54 -2.45 12.89
C GLU A 30 6.19 -2.83 11.56
N VAL A 31 5.67 -2.26 10.48
CA VAL A 31 6.18 -2.53 9.14
C VAL A 31 6.17 -1.28 8.28
N GLU A 32 7.21 -1.12 7.47
CA GLU A 32 7.31 0.05 6.59
C GLU A 32 7.26 -0.38 5.12
N LEU A 33 6.24 0.08 4.42
CA LEU A 33 6.08 -0.26 3.00
C LEU A 33 6.41 0.94 2.12
N LYS A 34 6.78 0.68 0.87
CA LYS A 34 7.12 1.73 -0.07
C LYS A 34 6.60 1.40 -1.47
N ALA A 35 6.09 2.41 -2.16
CA ALA A 35 5.55 2.22 -3.50
C ALA A 35 6.58 2.64 -4.55
N PHE A 36 6.60 1.91 -5.66
CA PHE A 36 7.53 2.19 -6.75
C PHE A 36 6.80 2.31 -8.09
N VAL A 37 6.84 3.50 -8.67
CA VAL A 37 6.18 3.74 -9.95
C VAL A 37 7.18 4.19 -11.01
N ALA A 38 7.06 3.64 -12.21
CA ALA A 38 7.95 3.99 -13.31
C ALA A 38 7.16 4.36 -14.56
N PRO A 39 7.69 5.32 -15.33
CA PRO A 39 8.94 5.99 -15.02
C PRO A 39 8.82 6.90 -13.80
N ALA A 40 9.92 7.08 -13.08
CA ALA A 40 9.93 7.94 -11.90
C ALA A 40 9.81 9.40 -12.27
N PRO A 41 9.04 10.16 -11.46
CA PRO A 41 8.83 11.59 -11.69
C PRO A 41 10.09 12.42 -11.45
N PRO A 42 10.14 13.60 -12.07
CA PRO A 42 11.29 14.52 -11.93
C PRO A 42 11.38 15.12 -10.55
N VAL A 43 12.31 16.06 -10.38
CA VAL A 43 12.50 16.72 -9.08
C VAL A 43 11.37 17.70 -8.79
N GLU A 44 10.76 18.21 -9.86
CA GLU A 44 9.65 19.15 -9.71
C GLU A 44 8.32 18.43 -9.61
N THR A 45 7.91 17.79 -10.70
CA THR A 45 6.65 17.06 -10.73
C THR A 45 6.72 15.80 -9.88
N THR A 46 5.60 15.44 -9.26
CA THR A 46 5.54 14.26 -8.41
C THR A 46 4.13 13.70 -8.35
N TYR A 47 4.02 12.40 -8.07
CA TYR A 47 2.72 11.74 -7.99
C TYR A 47 2.23 11.66 -6.55
N ASN A 48 1.00 11.20 -6.37
CA ASN A 48 0.42 11.08 -5.04
C ASN A 48 0.20 9.62 -4.67
N TYR A 49 0.57 9.25 -3.45
CA TYR A 49 0.41 7.88 -2.98
C TYR A 49 -0.72 7.78 -1.97
N GLU A 50 -1.81 7.13 -2.37
CA GLU A 50 -2.96 6.95 -1.49
C GLU A 50 -3.17 5.49 -1.14
N TRP A 51 -2.84 5.13 0.09
CA TRP A 51 -2.99 3.75 0.55
C TRP A 51 -4.37 3.52 1.14
N ASN A 52 -4.86 2.29 1.04
CA ASN A 52 -6.17 1.94 1.56
C ASN A 52 -6.27 0.44 1.85
N LEU A 53 -6.88 0.10 2.97
CA LEU A 53 -7.04 -1.29 3.38
C LEU A 53 -8.26 -1.92 2.70
N ILE A 54 -8.04 -3.05 2.04
CA ILE A 54 -9.12 -3.75 1.35
C ILE A 54 -9.33 -5.13 1.93
N SER A 55 -8.24 -5.86 2.16
CA SER A 55 -8.30 -7.20 2.72
C SER A 55 -7.77 -7.23 4.14
N HIS A 56 -8.59 -7.72 5.07
CA HIS A 56 -8.20 -7.80 6.47
C HIS A 56 -9.20 -8.63 7.26
N PRO A 57 -8.71 -9.28 8.32
CA PRO A 57 -9.55 -10.12 9.20
C PRO A 57 -10.52 -9.29 10.03
N THR A 58 -11.41 -9.98 10.74
CA THR A 58 -12.40 -9.30 11.58
C THR A 58 -11.78 -8.88 12.91
N ASP A 59 -10.75 -9.60 13.34
CA ASP A 59 -10.08 -9.29 14.60
C ASP A 59 -9.46 -7.91 14.56
N TYR A 60 -9.06 -7.47 13.36
CA TYR A 60 -8.45 -6.16 13.19
C TYR A 60 -9.52 -5.09 13.01
N GLN A 61 -9.33 -3.96 13.70
CA GLN A 61 -10.28 -2.85 13.62
C GLN A 61 -10.08 -2.05 12.34
N GLY A 62 -8.87 -1.51 12.18
CA GLY A 62 -8.57 -0.72 10.99
C GLY A 62 -8.07 0.66 11.32
N GLU A 63 -6.74 0.83 11.34
CA GLU A 63 -6.14 2.12 11.65
C GLU A 63 -4.97 2.40 10.71
N ILE A 64 -5.18 3.30 9.76
CA ILE A 64 -4.14 3.66 8.81
C ILE A 64 -4.29 5.11 8.34
N LYS A 65 -3.21 5.69 7.84
CA LYS A 65 -3.22 7.07 7.36
C LYS A 65 -3.12 7.11 5.84
N GLN A 66 -3.66 6.09 5.19
CA GLN A 66 -3.63 6.02 3.73
C GLN A 66 -2.26 6.44 3.20
N GLY A 67 -1.23 6.24 4.02
CA GLY A 67 0.12 6.61 3.62
C GLY A 67 0.15 7.81 2.71
N HIS A 68 -0.10 8.99 3.28
CA HIS A 68 -0.09 10.23 2.51
C HIS A 68 1.22 10.40 1.76
N LYS A 69 2.22 9.60 2.12
CA LYS A 69 3.52 9.66 1.48
C LYS A 69 3.77 8.42 0.62
N GLN A 70 4.95 8.34 0.03
CA GLN A 70 5.32 7.20 -0.81
C GLN A 70 5.51 5.94 0.04
N THR A 71 5.69 6.13 1.34
CA THR A 71 5.90 5.02 2.25
C THR A 71 4.80 4.97 3.32
N LEU A 72 4.34 3.76 3.62
CA LEU A 72 3.30 3.57 4.62
C LEU A 72 3.81 2.78 5.81
N ASN A 73 3.69 3.35 7.00
CA ASN A 73 4.15 2.69 8.21
C ASN A 73 2.97 2.36 9.13
N LEU A 74 2.91 1.10 9.56
CA LEU A 74 1.84 0.64 10.44
C LEU A 74 2.37 0.33 11.83
N SER A 75 1.47 0.26 12.80
CA SER A 75 1.84 -0.03 14.18
C SER A 75 0.76 -0.85 14.89
N GLN A 76 1.06 -1.29 16.10
CA GLN A 76 0.11 -2.09 16.87
C GLN A 76 -0.66 -3.05 15.98
N LEU A 77 0.02 -3.61 14.99
CA LEU A 77 -0.60 -4.54 14.05
C LEU A 77 -0.89 -5.88 14.72
N SER A 78 -2.11 -6.38 14.52
CA SER A 78 -2.51 -7.65 15.12
C SER A 78 -2.12 -8.82 14.22
N VAL A 79 -2.27 -10.04 14.73
CA VAL A 79 -1.93 -11.24 13.98
C VAL A 79 -2.97 -11.51 12.89
N GLY A 80 -2.57 -11.33 11.64
CA GLY A 80 -3.47 -11.57 10.53
C GLY A 80 -2.94 -11.02 9.22
N LEU A 81 -3.68 -11.25 8.14
CA LEU A 81 -3.28 -10.77 6.82
C LEU A 81 -3.83 -9.37 6.57
N TYR A 82 -3.05 -8.54 5.89
CA TYR A 82 -3.46 -7.17 5.58
C TYR A 82 -2.96 -6.76 4.19
N VAL A 83 -3.89 -6.65 3.26
CA VAL A 83 -3.56 -6.27 1.89
C VAL A 83 -3.84 -4.78 1.66
N PHE A 84 -2.78 -3.99 1.59
CA PHE A 84 -2.91 -2.56 1.38
C PHE A 84 -2.72 -2.21 -0.10
N LYS A 85 -3.56 -1.31 -0.60
CA LYS A 85 -3.48 -0.89 -2.00
C LYS A 85 -3.13 0.59 -2.10
N VAL A 86 -2.13 0.91 -2.92
CA VAL A 86 -1.69 2.28 -3.11
C VAL A 86 -2.03 2.77 -4.52
N THR A 87 -3.00 3.69 -4.60
CA THR A 87 -3.40 4.24 -5.90
C THR A 87 -2.64 5.51 -6.22
N VAL A 88 -1.69 5.40 -7.15
CA VAL A 88 -0.89 6.55 -7.55
C VAL A 88 -1.17 6.94 -8.99
N SER A 89 -1.73 8.14 -9.18
CA SER A 89 -2.07 8.62 -10.51
C SER A 89 -1.68 10.10 -10.65
N SER A 90 -1.26 10.48 -11.86
CA SER A 90 -0.87 11.86 -12.13
C SER A 90 -1.85 12.53 -13.08
N GLU A 91 -1.57 13.78 -13.41
CA GLU A 91 -2.43 14.54 -14.31
C GLU A 91 -2.80 13.72 -15.55
N ASN A 92 -1.77 13.17 -16.20
CA ASN A 92 -1.98 12.36 -17.39
C ASN A 92 -1.44 10.94 -17.20
N ALA A 93 -1.58 10.43 -15.97
CA ALA A 93 -1.12 9.08 -15.66
C ALA A 93 -1.94 8.48 -14.51
N PHE A 94 -1.98 7.16 -14.46
CA PHE A 94 -2.73 6.46 -13.42
C PHE A 94 -2.12 5.07 -13.15
N GLY A 95 -1.85 4.81 -11.88
CA GLY A 95 -1.26 3.53 -11.50
C GLY A 95 -1.63 3.12 -10.09
N GLU A 96 -1.36 1.86 -9.75
CA GLU A 96 -1.66 1.35 -8.42
C GLU A 96 -1.00 0.00 -8.20
N GLY A 97 -0.71 -0.32 -6.93
CA GLY A 97 -0.07 -1.57 -6.60
C GLY A 97 -0.80 -2.33 -5.52
N PHE A 98 -0.30 -3.50 -5.17
CA PHE A 98 -0.93 -4.33 -4.14
C PHE A 98 0.14 -5.02 -3.28
N VAL A 99 0.08 -4.78 -1.97
CA VAL A 99 1.03 -5.37 -1.04
C VAL A 99 0.32 -5.91 0.20
N ASN A 100 0.70 -7.12 0.60
CA ASN A 100 0.10 -7.75 1.78
C ASN A 100 1.14 -7.97 2.87
N VAL A 101 0.72 -7.84 4.12
CA VAL A 101 1.62 -8.03 5.26
C VAL A 101 1.01 -8.99 6.27
N THR A 102 1.69 -10.11 6.50
CA THR A 102 1.23 -11.11 7.44
C THR A 102 1.91 -10.95 8.80
N VAL A 103 1.12 -10.99 9.87
CA VAL A 103 1.66 -10.85 11.22
C VAL A 103 1.60 -12.17 11.98
N LYS A 104 2.70 -12.51 12.65
CA LYS A 104 2.76 -13.74 13.43
C LYS A 104 2.57 -13.47 14.91
N PRO A 105 1.99 -14.46 15.62
CA PRO A 105 1.73 -14.36 17.05
C PRO A 105 3.01 -14.38 17.88
N ALA A 106 3.01 -13.66 19.00
CA ALA A 106 4.16 -13.59 19.88
C ALA A 106 4.56 -14.99 20.37
N ARG A 107 5.64 -15.52 19.80
CA ARG A 107 6.12 -16.85 20.18
C ARG A 107 6.69 -16.84 21.58
N SER A 108 7.59 -15.88 21.85
CA SER A 108 8.21 -15.76 23.17
C SER A 108 7.36 -14.91 24.09
N GLY A 109 6.59 -15.56 24.96
CA GLY A 109 5.75 -14.84 25.90
C GLY A 109 5.27 -15.71 27.05
N PRO A 110 5.13 -15.11 28.23
CA PRO A 110 4.68 -15.82 29.43
C PRO A 110 3.21 -16.23 29.35
N SER A 111 2.93 -17.46 29.73
CA SER A 111 1.56 -17.97 29.70
C SER A 111 1.23 -18.73 30.98
N SER A 112 0.07 -18.44 31.55
CA SER A 112 -0.37 -19.08 32.79
C SER A 112 -1.34 -20.22 32.49
N GLY A 113 -1.04 -20.99 31.45
CA GLY A 113 -1.90 -22.10 31.08
C GLY A 113 -1.85 -23.24 32.10
N GLY A 1 -23.38 24.89 -11.20
CA GLY A 1 -22.79 25.07 -12.51
C GLY A 1 -21.59 24.16 -12.74
N SER A 2 -21.85 22.97 -13.25
CA SER A 2 -20.78 22.00 -13.51
C SER A 2 -21.04 21.23 -14.81
N SER A 3 -20.04 21.19 -15.68
CA SER A 3 -20.16 20.50 -16.95
C SER A 3 -18.90 19.70 -17.26
N GLY A 4 -19.04 18.67 -18.08
CA GLY A 4 -17.91 17.85 -18.44
C GLY A 4 -17.90 17.47 -19.91
N SER A 5 -16.71 17.31 -20.48
CA SER A 5 -16.57 16.96 -21.88
C SER A 5 -15.31 16.13 -22.11
N SER A 6 -15.50 14.88 -22.53
CA SER A 6 -14.38 13.98 -22.79
C SER A 6 -14.81 12.81 -23.66
N GLY A 7 -13.94 12.42 -24.60
CA GLY A 7 -14.25 11.31 -25.48
C GLY A 7 -13.09 10.36 -25.65
N PRO A 8 -12.59 10.24 -26.88
CA PRO A 8 -11.46 9.36 -27.21
C PRO A 8 -10.15 9.86 -26.62
N ARG A 9 -9.93 9.60 -25.33
CA ARG A 9 -8.72 10.02 -24.66
C ARG A 9 -8.09 8.86 -23.88
N THR A 10 -6.81 8.99 -23.56
CA THR A 10 -6.10 7.96 -22.83
C THR A 10 -5.03 8.57 -21.91
N VAL A 11 -4.72 7.85 -20.83
CA VAL A 11 -3.72 8.33 -19.88
C VAL A 11 -2.44 7.51 -19.97
N LYS A 12 -1.46 7.84 -19.14
CA LYS A 12 -0.19 7.13 -19.12
C LYS A 12 -0.20 6.01 -18.09
N GLU A 13 0.04 4.79 -18.55
CA GLU A 13 0.06 3.63 -17.66
C GLU A 13 1.33 3.61 -16.82
N LEU A 14 1.16 3.71 -15.51
CA LEU A 14 2.29 3.70 -14.58
C LEU A 14 2.42 2.35 -13.89
N THR A 15 3.65 1.86 -13.79
CA THR A 15 3.92 0.58 -13.14
C THR A 15 4.19 0.76 -11.66
N VAL A 16 3.14 0.70 -10.84
CA VAL A 16 3.27 0.86 -9.40
C VAL A 16 3.56 -0.49 -8.73
N SER A 17 4.70 -0.55 -8.03
CA SER A 17 5.10 -1.77 -7.35
C SER A 17 5.63 -1.46 -5.96
N ALA A 18 5.04 -2.12 -4.95
CA ALA A 18 5.46 -1.92 -3.57
C ALA A 18 6.80 -2.57 -3.29
N GLY A 19 6.99 -3.78 -3.83
CA GLY A 19 8.23 -4.50 -3.63
C GLY A 19 8.03 -6.00 -3.54
N ASP A 20 7.48 -6.45 -2.42
CA ASP A 20 7.23 -7.88 -2.22
C ASP A 20 6.44 -8.12 -0.93
N ASN A 21 6.10 -9.37 -0.68
CA ASN A 21 5.34 -9.73 0.51
C ASN A 21 6.20 -9.56 1.77
N LEU A 22 5.62 -8.94 2.79
CA LEU A 22 6.33 -8.71 4.05
C LEU A 22 5.68 -9.51 5.18
N ILE A 23 6.50 -10.08 6.04
CA ILE A 23 6.01 -10.86 7.18
C ILE A 23 6.70 -10.43 8.47
N ILE A 24 5.90 -10.09 9.47
CA ILE A 24 6.42 -9.67 10.76
C ILE A 24 6.00 -10.64 11.87
N THR A 25 6.67 -10.54 13.01
CA THR A 25 6.36 -11.41 14.15
C THR A 25 6.31 -10.60 15.45
N LEU A 26 5.25 -10.81 16.22
CA LEU A 26 5.09 -10.11 17.49
C LEU A 26 6.33 -10.26 18.36
N PRO A 27 6.51 -9.32 19.29
CA PRO A 27 5.59 -8.19 19.47
C PRO A 27 5.64 -7.20 18.32
N ASP A 28 6.76 -7.20 17.60
CA ASP A 28 6.94 -6.30 16.47
C ASP A 28 5.70 -6.29 15.58
N ASN A 29 4.91 -5.22 15.68
CA ASN A 29 3.69 -5.09 14.89
C ASN A 29 3.75 -3.86 14.00
N GLU A 30 4.97 -3.41 13.70
CA GLU A 30 5.15 -2.24 12.86
C GLU A 30 5.88 -2.61 11.57
N VAL A 31 5.45 -2.00 10.46
CA VAL A 31 6.05 -2.27 9.16
C VAL A 31 6.07 -1.01 8.30
N GLU A 32 7.15 -0.84 7.54
CA GLU A 32 7.30 0.32 6.68
C GLU A 32 7.31 -0.10 5.20
N LEU A 33 6.20 0.15 4.52
CA LEU A 33 6.08 -0.21 3.10
C LEU A 33 6.50 0.96 2.22
N LYS A 34 6.96 0.65 1.00
CA LYS A 34 7.38 1.67 0.06
C LYS A 34 6.84 1.38 -1.34
N ALA A 35 6.45 2.42 -2.04
CA ALA A 35 5.92 2.28 -3.40
C ALA A 35 6.95 2.69 -4.44
N PHE A 36 6.86 2.08 -5.61
CA PHE A 36 7.80 2.38 -6.70
C PHE A 36 7.06 2.62 -8.01
N VAL A 37 7.16 3.84 -8.53
CA VAL A 37 6.50 4.20 -9.78
C VAL A 37 7.50 4.27 -10.92
N ALA A 38 7.20 3.55 -12.01
CA ALA A 38 8.06 3.52 -13.18
C ALA A 38 7.29 3.89 -14.44
N PRO A 39 7.77 4.92 -15.15
CA PRO A 39 8.97 5.67 -14.77
C PRO A 39 8.74 6.51 -13.52
N ALA A 40 9.82 6.74 -12.76
CA ALA A 40 9.72 7.54 -11.54
C ALA A 40 9.60 9.03 -11.87
N PRO A 41 8.86 9.76 -11.03
CA PRO A 41 8.65 11.21 -11.21
C PRO A 41 9.92 12.01 -10.94
N PRO A 42 10.02 13.18 -11.59
CA PRO A 42 11.17 14.07 -11.45
C PRO A 42 11.23 14.72 -10.07
N VAL A 43 12.07 15.74 -9.93
CA VAL A 43 12.22 16.44 -8.67
C VAL A 43 11.05 17.39 -8.43
N GLU A 44 10.61 18.08 -9.49
CA GLU A 44 9.50 19.01 -9.38
C GLU A 44 8.17 18.26 -9.26
N THR A 45 7.74 17.64 -10.35
CA THR A 45 6.50 16.89 -10.37
C THR A 45 6.62 15.60 -9.56
N THR A 46 5.63 15.34 -8.71
CA THR A 46 5.62 14.14 -7.89
C THR A 46 4.22 13.56 -7.77
N TYR A 47 4.09 12.28 -8.11
CA TYR A 47 2.80 11.60 -8.05
C TYR A 47 2.30 11.53 -6.61
N ASN A 48 1.04 11.14 -6.45
CA ASN A 48 0.42 11.03 -5.14
C ASN A 48 0.23 9.58 -4.74
N TYR A 49 0.74 9.22 -3.56
CA TYR A 49 0.64 7.85 -3.06
C TYR A 49 -0.50 7.74 -2.05
N GLU A 50 -1.57 7.07 -2.46
CA GLU A 50 -2.73 6.88 -1.59
C GLU A 50 -2.92 5.41 -1.24
N TRP A 51 -2.58 5.06 0.00
CA TRP A 51 -2.71 3.67 0.46
C TRP A 51 -4.09 3.42 1.05
N ASN A 52 -4.56 2.19 0.94
CA ASN A 52 -5.87 1.82 1.47
C ASN A 52 -5.95 0.32 1.73
N LEU A 53 -6.74 -0.06 2.73
CA LEU A 53 -6.90 -1.47 3.09
C LEU A 53 -8.20 -2.03 2.52
N ILE A 54 -8.08 -3.01 1.63
CA ILE A 54 -9.25 -3.63 1.02
C ILE A 54 -9.42 -5.07 1.50
N SER A 55 -8.31 -5.69 1.89
CA SER A 55 -8.34 -7.06 2.37
C SER A 55 -7.81 -7.16 3.79
N HIS A 56 -8.69 -7.46 4.73
CA HIS A 56 -8.31 -7.58 6.13
C HIS A 56 -9.43 -8.24 6.95
N PRO A 57 -9.04 -8.91 8.04
CA PRO A 57 -9.98 -9.60 8.93
C PRO A 57 -10.86 -8.63 9.70
N THR A 58 -11.93 -9.16 10.30
CA THR A 58 -12.85 -8.33 11.08
C THR A 58 -12.25 -7.98 12.44
N ASP A 59 -11.39 -8.85 12.95
CA ASP A 59 -10.75 -8.64 14.24
C ASP A 59 -9.81 -7.43 14.19
N TYR A 60 -9.32 -7.13 12.99
CA TYR A 60 -8.41 -6.00 12.81
C TYR A 60 -9.00 -4.72 13.40
N GLN A 61 -8.17 -3.98 14.11
CA GLN A 61 -8.61 -2.73 14.73
C GLN A 61 -7.69 -1.57 14.31
N GLY A 62 -6.42 -1.87 14.08
CA GLY A 62 -5.47 -0.85 13.69
C GLY A 62 -6.06 0.11 12.65
N GLU A 63 -5.48 1.30 12.57
CA GLU A 63 -5.94 2.31 11.62
C GLU A 63 -4.79 2.81 10.75
N ILE A 64 -5.03 2.84 9.43
CA ILE A 64 -4.01 3.28 8.50
C ILE A 64 -4.33 4.69 7.99
N LYS A 65 -3.29 5.50 7.86
CA LYS A 65 -3.44 6.88 7.38
C LYS A 65 -3.33 6.94 5.85
N GLN A 66 -3.55 5.81 5.20
CA GLN A 66 -3.47 5.73 3.76
C GLN A 66 -2.12 6.24 3.25
N GLY A 67 -1.12 6.16 4.12
CA GLY A 67 0.22 6.62 3.75
C GLY A 67 0.17 7.80 2.79
N HIS A 68 0.11 9.01 3.35
CA HIS A 68 0.06 10.23 2.54
C HIS A 68 1.37 10.43 1.79
N LYS A 69 2.34 9.55 2.05
CA LYS A 69 3.64 9.63 1.40
C LYS A 69 3.93 8.37 0.59
N GLN A 70 5.11 8.32 -0.01
CA GLN A 70 5.50 7.16 -0.82
C GLN A 70 5.69 5.93 0.05
N THR A 71 5.74 6.13 1.36
CA THR A 71 5.91 5.03 2.30
C THR A 71 4.75 4.97 3.29
N LEU A 72 4.34 3.75 3.64
CA LEU A 72 3.24 3.55 4.58
C LEU A 72 3.71 2.79 5.81
N ASN A 73 3.58 3.43 6.97
CA ASN A 73 3.99 2.81 8.23
C ASN A 73 2.78 2.44 9.08
N LEU A 74 2.76 1.21 9.59
CA LEU A 74 1.67 0.74 10.41
C LEU A 74 2.14 0.45 11.83
N SER A 75 1.19 0.42 12.77
CA SER A 75 1.51 0.16 14.17
C SER A 75 0.37 -0.58 14.85
N GLN A 76 0.64 -1.06 16.07
CA GLN A 76 -0.38 -1.79 16.83
C GLN A 76 -1.09 -2.81 15.96
N LEU A 77 -0.35 -3.41 15.03
CA LEU A 77 -0.92 -4.41 14.13
C LEU A 77 -1.14 -5.73 14.85
N SER A 78 -2.18 -6.45 14.44
CA SER A 78 -2.51 -7.73 15.05
C SER A 78 -2.27 -8.87 14.07
N VAL A 79 -2.48 -10.11 14.54
CA VAL A 79 -2.29 -11.29 13.70
C VAL A 79 -3.38 -11.39 12.66
N GLY A 80 -2.98 -11.48 11.39
CA GLY A 80 -3.94 -11.58 10.31
C GLY A 80 -3.39 -11.10 8.99
N LEU A 81 -4.16 -11.29 7.92
CA LEU A 81 -3.74 -10.87 6.58
C LEU A 81 -4.13 -9.42 6.32
N TYR A 82 -3.25 -8.69 5.66
CA TYR A 82 -3.51 -7.28 5.34
C TYR A 82 -2.97 -6.94 3.95
N VAL A 83 -3.86 -6.47 3.08
CA VAL A 83 -3.48 -6.10 1.72
C VAL A 83 -3.69 -4.61 1.49
N PHE A 84 -2.59 -3.89 1.29
CA PHE A 84 -2.65 -2.46 1.04
C PHE A 84 -2.49 -2.15 -0.44
N LYS A 85 -3.42 -1.36 -0.98
CA LYS A 85 -3.38 -0.99 -2.39
C LYS A 85 -3.07 0.49 -2.56
N VAL A 86 -1.86 0.79 -3.02
CA VAL A 86 -1.44 2.17 -3.23
C VAL A 86 -1.91 2.70 -4.58
N THR A 87 -2.93 3.55 -4.55
CA THR A 87 -3.49 4.13 -5.77
C THR A 87 -2.76 5.41 -6.16
N VAL A 88 -1.91 5.31 -7.18
CA VAL A 88 -1.15 6.47 -7.64
C VAL A 88 -1.54 6.85 -9.06
N SER A 89 -2.18 8.00 -9.21
CA SER A 89 -2.62 8.48 -10.52
C SER A 89 -2.32 9.97 -10.68
N SER A 90 -2.25 10.42 -11.92
CA SER A 90 -1.96 11.83 -12.22
C SER A 90 -2.97 12.38 -13.23
N GLU A 91 -2.77 13.64 -13.62
CA GLU A 91 -3.66 14.28 -14.58
C GLU A 91 -3.73 13.49 -15.88
N ASN A 92 -2.59 12.96 -16.31
CA ASN A 92 -2.51 12.18 -17.53
C ASN A 92 -1.87 10.82 -17.28
N ALA A 93 -2.11 10.28 -16.10
CA ALA A 93 -1.55 8.98 -15.73
C ALA A 93 -2.43 8.27 -14.71
N PHE A 94 -2.16 6.99 -14.48
CA PHE A 94 -2.93 6.19 -13.53
C PHE A 94 -2.21 4.89 -13.21
N GLY A 95 -2.05 4.62 -11.91
CA GLY A 95 -1.38 3.41 -11.49
C GLY A 95 -1.82 2.96 -10.10
N GLU A 96 -1.68 1.66 -9.83
CA GLU A 96 -2.08 1.11 -8.55
C GLU A 96 -1.16 -0.05 -8.15
N GLY A 97 -0.93 -0.20 -6.85
CA GLY A 97 -0.09 -1.27 -6.36
C GLY A 97 -0.80 -2.20 -5.41
N PHE A 98 -0.15 -3.31 -5.07
CA PHE A 98 -0.74 -4.28 -4.16
C PHE A 98 0.34 -5.04 -3.39
N VAL A 99 0.32 -4.91 -2.07
CA VAL A 99 1.29 -5.58 -1.22
C VAL A 99 0.62 -6.26 -0.03
N ASN A 100 0.84 -7.55 0.11
CA ASN A 100 0.26 -8.31 1.20
C ASN A 100 1.24 -8.47 2.36
N VAL A 101 0.76 -8.31 3.58
CA VAL A 101 1.59 -8.42 4.77
C VAL A 101 0.93 -9.31 5.82
N THR A 102 1.70 -10.28 6.32
CA THR A 102 1.20 -11.20 7.33
C THR A 102 1.85 -10.94 8.69
N VAL A 103 1.05 -10.96 9.74
CA VAL A 103 1.54 -10.74 11.10
C VAL A 103 1.51 -12.02 11.92
N LYS A 104 2.66 -12.65 12.08
CA LYS A 104 2.76 -13.87 12.85
C LYS A 104 2.69 -13.59 14.35
N PRO A 105 2.18 -14.57 15.11
CA PRO A 105 2.04 -14.44 16.57
C PRO A 105 3.40 -14.47 17.28
N ALA A 106 3.43 -13.91 18.48
CA ALA A 106 4.67 -13.88 19.27
C ALA A 106 5.18 -15.28 19.55
N ARG A 107 6.26 -15.66 18.86
CA ARG A 107 6.85 -16.98 19.04
C ARG A 107 7.83 -16.98 20.22
N SER A 108 7.50 -16.21 21.25
CA SER A 108 8.34 -16.13 22.44
C SER A 108 7.65 -16.76 23.65
N GLY A 109 8.43 -17.46 24.47
CA GLY A 109 7.88 -18.10 25.64
C GLY A 109 8.20 -19.59 25.71
N PRO A 110 9.39 -19.92 26.22
CA PRO A 110 9.83 -21.30 26.35
C PRO A 110 9.06 -22.08 27.41
N SER A 111 9.27 -23.38 27.46
CA SER A 111 8.58 -24.23 28.42
C SER A 111 8.44 -23.52 29.76
N SER A 112 9.56 -23.14 30.36
CA SER A 112 9.57 -22.46 31.64
C SER A 112 10.51 -21.27 31.63
N GLY A 113 10.17 -20.23 32.39
CA GLY A 113 10.99 -19.04 32.45
C GLY A 113 11.08 -18.34 31.11
N GLY A 1 -15.81 9.93 -28.64
CA GLY A 1 -15.58 11.02 -27.72
C GLY A 1 -15.99 10.69 -26.30
N SER A 2 -16.86 11.51 -25.72
CA SER A 2 -17.32 11.30 -24.36
C SER A 2 -18.33 10.16 -24.29
N SER A 3 -19.40 10.29 -25.06
CA SER A 3 -20.45 9.27 -25.09
C SER A 3 -19.88 7.93 -25.59
N GLY A 4 -19.15 7.98 -26.70
CA GLY A 4 -18.57 6.78 -27.26
C GLY A 4 -17.54 6.15 -26.33
N SER A 5 -17.22 4.88 -26.60
CA SER A 5 -16.25 4.16 -25.78
C SER A 5 -14.87 4.81 -25.88
N SER A 6 -14.11 4.76 -24.79
CA SER A 6 -12.77 5.33 -24.75
C SER A 6 -11.92 4.78 -25.89
N GLY A 7 -11.01 5.61 -26.40
CA GLY A 7 -10.13 5.19 -27.48
C GLY A 7 -9.14 6.26 -27.87
N PRO A 8 -9.64 7.39 -28.39
CA PRO A 8 -8.80 8.51 -28.82
C PRO A 8 -8.16 9.23 -27.63
N ARG A 9 -8.51 8.81 -26.43
CA ARG A 9 -7.97 9.41 -25.21
C ARG A 9 -7.50 8.35 -24.23
N THR A 10 -6.37 8.61 -23.58
CA THR A 10 -5.80 7.66 -22.62
C THR A 10 -4.75 8.34 -21.75
N VAL A 11 -4.31 7.63 -20.71
CA VAL A 11 -3.30 8.16 -19.80
C VAL A 11 -2.02 7.34 -19.87
N LYS A 12 -0.96 7.85 -19.26
CA LYS A 12 0.33 7.16 -19.24
C LYS A 12 0.29 5.97 -18.29
N GLU A 13 0.53 4.78 -18.84
CA GLU A 13 0.53 3.56 -18.04
C GLU A 13 1.75 3.51 -17.12
N LEU A 14 1.52 3.68 -15.83
CA LEU A 14 2.60 3.64 -14.84
C LEU A 14 2.68 2.28 -14.16
N THR A 15 3.90 1.80 -13.96
CA THR A 15 4.11 0.51 -13.32
C THR A 15 4.42 0.68 -11.83
N VAL A 16 3.39 0.59 -11.00
CA VAL A 16 3.56 0.73 -9.56
C VAL A 16 3.81 -0.62 -8.90
N SER A 17 4.78 -0.65 -7.99
CA SER A 17 5.12 -1.88 -7.28
C SER A 17 5.64 -1.57 -5.88
N ALA A 18 5.04 -2.22 -4.89
CA ALA A 18 5.44 -2.02 -3.50
C ALA A 18 6.77 -2.71 -3.20
N GLY A 19 6.99 -3.86 -3.85
CA GLY A 19 8.21 -4.61 -3.65
C GLY A 19 7.98 -6.10 -3.59
N ASP A 20 7.45 -6.57 -2.47
CA ASP A 20 7.18 -7.99 -2.29
C ASP A 20 6.46 -8.25 -0.96
N ASN A 21 5.78 -9.39 -0.88
CA ASN A 21 5.06 -9.75 0.33
C ASN A 21 5.96 -9.64 1.56
N LEU A 22 5.40 -9.10 2.65
CA LEU A 22 6.16 -8.94 3.88
C LEU A 22 5.51 -9.72 5.02
N ILE A 23 6.35 -10.31 5.88
CA ILE A 23 5.85 -11.09 7.01
C ILE A 23 6.58 -10.71 8.29
N ILE A 24 5.82 -10.27 9.29
CA ILE A 24 6.40 -9.88 10.57
C ILE A 24 5.91 -10.79 11.69
N THR A 25 6.58 -10.71 12.84
CA THR A 25 6.22 -11.54 13.99
C THR A 25 6.22 -10.72 15.28
N LEU A 26 5.22 -10.96 16.13
CA LEU A 26 5.10 -10.24 17.38
C LEU A 26 6.36 -10.41 18.24
N PRO A 27 6.61 -9.44 19.13
CA PRO A 27 5.73 -8.28 19.30
C PRO A 27 5.79 -7.33 18.11
N ASP A 28 6.91 -7.36 17.39
CA ASP A 28 7.10 -6.49 16.23
C ASP A 28 5.82 -6.45 15.39
N ASN A 29 5.07 -5.36 15.53
CA ASN A 29 3.82 -5.18 14.79
C ASN A 29 3.89 -3.93 13.91
N GLU A 30 5.10 -3.53 13.55
CA GLU A 30 5.29 -2.35 12.71
C GLU A 30 6.06 -2.71 11.44
N VAL A 31 5.61 -2.16 10.31
CA VAL A 31 6.25 -2.41 9.03
C VAL A 31 6.23 -1.17 8.15
N GLU A 32 7.32 -0.96 7.40
CA GLU A 32 7.44 0.19 6.52
C GLU A 32 7.45 -0.24 5.06
N LEU A 33 6.38 0.08 4.34
CA LEU A 33 6.27 -0.29 2.93
C LEU A 33 6.67 0.90 2.04
N LYS A 34 7.03 0.59 0.80
CA LYS A 34 7.42 1.63 -0.16
C LYS A 34 6.92 1.28 -1.56
N ALA A 35 6.31 2.28 -2.22
CA ALA A 35 5.79 2.09 -3.56
C ALA A 35 6.82 2.48 -4.62
N PHE A 36 6.83 1.76 -5.74
CA PHE A 36 7.78 2.03 -6.82
C PHE A 36 7.05 2.18 -8.15
N VAL A 37 7.01 3.40 -8.66
CA VAL A 37 6.35 3.67 -9.93
C VAL A 37 7.34 4.20 -10.97
N ALA A 38 7.41 3.51 -12.10
CA ALA A 38 8.32 3.90 -13.18
C ALA A 38 7.54 4.30 -14.43
N PRO A 39 8.09 5.26 -15.18
CA PRO A 39 9.36 5.92 -14.83
C PRO A 39 9.23 6.81 -13.60
N ALA A 40 10.36 7.13 -12.99
CA ALA A 40 10.38 7.97 -11.80
C ALA A 40 10.09 9.42 -12.15
N PRO A 41 9.29 10.10 -11.32
CA PRO A 41 8.91 11.49 -11.52
C PRO A 41 10.09 12.44 -11.31
N PRO A 42 10.01 13.63 -11.93
CA PRO A 42 11.07 14.65 -11.83
C PRO A 42 11.13 15.28 -10.44
N VAL A 43 11.91 16.34 -10.32
CA VAL A 43 12.07 17.03 -9.04
C VAL A 43 10.83 17.87 -8.72
N GLU A 44 10.23 18.45 -9.75
CA GLU A 44 9.04 19.27 -9.58
C GLU A 44 7.78 18.41 -9.45
N THR A 45 7.35 17.86 -10.58
CA THR A 45 6.15 17.01 -10.59
C THR A 45 6.35 15.78 -9.73
N THR A 46 5.35 15.47 -8.91
CA THR A 46 5.41 14.31 -8.03
C THR A 46 4.05 13.65 -7.89
N TYR A 47 3.97 12.39 -8.32
CA TYR A 47 2.72 11.64 -8.25
C TYR A 47 2.15 11.66 -6.83
N ASN A 48 1.00 11.02 -6.66
CA ASN A 48 0.34 10.96 -5.35
C ASN A 48 0.24 9.52 -4.87
N TYR A 49 0.47 9.32 -3.57
CA TYR A 49 0.40 7.99 -2.99
C TYR A 49 -0.75 7.90 -1.99
N GLU A 50 -1.76 7.11 -2.34
CA GLU A 50 -2.92 6.93 -1.47
C GLU A 50 -3.14 5.46 -1.15
N TRP A 51 -2.81 5.08 0.08
CA TRP A 51 -2.96 3.68 0.51
C TRP A 51 -4.35 3.46 1.11
N ASN A 52 -4.86 2.24 0.96
CA ASN A 52 -6.17 1.90 1.48
C ASN A 52 -6.26 0.41 1.79
N LEU A 53 -6.93 0.08 2.89
CA LEU A 53 -7.09 -1.32 3.30
C LEU A 53 -8.31 -1.94 2.64
N ILE A 54 -8.11 -3.11 2.03
CA ILE A 54 -9.20 -3.82 1.36
C ILE A 54 -9.39 -5.21 1.94
N SER A 55 -8.28 -5.90 2.20
CA SER A 55 -8.32 -7.25 2.75
C SER A 55 -7.80 -7.26 4.18
N HIS A 56 -8.72 -7.39 5.14
CA HIS A 56 -8.35 -7.42 6.55
C HIS A 56 -9.42 -8.14 7.38
N PRO A 57 -8.99 -8.80 8.45
CA PRO A 57 -9.89 -9.54 9.35
C PRO A 57 -10.77 -8.62 10.16
N THR A 58 -12.02 -9.02 10.36
CA THR A 58 -12.98 -8.23 11.12
C THR A 58 -12.47 -7.96 12.53
N ASP A 59 -11.62 -8.86 13.02
CA ASP A 59 -11.06 -8.72 14.37
C ASP A 59 -10.16 -7.50 14.45
N TYR A 60 -9.50 -7.17 13.34
CA TYR A 60 -8.60 -6.01 13.30
C TYR A 60 -9.32 -4.75 13.75
N GLN A 61 -8.57 -3.85 14.38
CA GLN A 61 -9.13 -2.60 14.87
C GLN A 61 -8.26 -1.42 14.46
N GLY A 62 -6.95 -1.65 14.38
CA GLY A 62 -6.03 -0.59 14.00
C GLY A 62 -6.55 0.26 12.87
N GLU A 63 -5.96 1.43 12.69
CA GLU A 63 -6.38 2.34 11.62
C GLU A 63 -5.16 2.86 10.85
N ILE A 64 -5.24 2.78 9.53
CA ILE A 64 -4.15 3.24 8.67
C ILE A 64 -4.40 4.68 8.20
N LYS A 65 -3.32 5.39 7.93
CA LYS A 65 -3.40 6.78 7.47
C LYS A 65 -3.32 6.85 5.95
N GLN A 66 -3.67 5.75 5.29
CA GLN A 66 -3.63 5.69 3.83
C GLN A 66 -2.30 6.18 3.30
N GLY A 67 -1.25 6.01 4.10
CA GLY A 67 0.08 6.45 3.69
C GLY A 67 0.05 7.70 2.83
N HIS A 68 -0.19 8.84 3.47
CA HIS A 68 -0.26 10.10 2.75
C HIS A 68 1.03 10.35 1.97
N LYS A 69 2.06 9.57 2.26
CA LYS A 69 3.34 9.69 1.58
C LYS A 69 3.62 8.47 0.72
N GLN A 70 4.81 8.42 0.14
CA GLN A 70 5.21 7.30 -0.71
C GLN A 70 5.44 6.04 0.12
N THR A 71 5.61 6.23 1.43
CA THR A 71 5.84 5.11 2.33
C THR A 71 4.75 5.03 3.38
N LEU A 72 4.37 3.80 3.74
CA LEU A 72 3.33 3.57 4.75
C LEU A 72 3.87 2.77 5.91
N ASN A 73 3.67 3.27 7.13
CA ASN A 73 4.13 2.59 8.33
C ASN A 73 2.95 2.10 9.17
N LEU A 74 2.94 0.81 9.47
CA LEU A 74 1.86 0.22 10.27
C LEU A 74 2.27 0.14 11.74
N SER A 75 1.27 0.21 12.62
CA SER A 75 1.51 0.14 14.06
C SER A 75 0.37 -0.53 14.77
N GLN A 76 0.64 -1.08 15.96
CA GLN A 76 -0.37 -1.76 16.75
C GLN A 76 -1.03 -2.87 15.94
N LEU A 77 -0.30 -3.42 14.98
CA LEU A 77 -0.80 -4.49 14.14
C LEU A 77 -1.04 -5.75 14.96
N SER A 78 -1.83 -6.68 14.40
CA SER A 78 -2.14 -7.93 15.08
C SER A 78 -2.08 -9.10 14.11
N VAL A 79 -1.86 -10.30 14.66
CA VAL A 79 -1.78 -11.50 13.83
C VAL A 79 -2.95 -11.59 12.87
N GLY A 80 -2.67 -11.39 11.59
CA GLY A 80 -3.70 -11.46 10.57
C GLY A 80 -3.21 -11.03 9.21
N LEU A 81 -4.10 -11.07 8.22
CA LEU A 81 -3.75 -10.69 6.86
C LEU A 81 -4.21 -9.27 6.56
N TYR A 82 -3.33 -8.47 5.95
CA TYR A 82 -3.65 -7.10 5.61
C TYR A 82 -3.08 -6.73 4.25
N VAL A 83 -3.96 -6.44 3.29
CA VAL A 83 -3.54 -6.07 1.95
C VAL A 83 -3.76 -4.58 1.69
N PHE A 84 -2.67 -3.82 1.65
CA PHE A 84 -2.75 -2.38 1.42
C PHE A 84 -2.54 -2.06 -0.06
N LYS A 85 -3.50 -1.36 -0.65
CA LYS A 85 -3.41 -0.99 -2.05
C LYS A 85 -3.07 0.49 -2.21
N VAL A 86 -1.96 0.77 -2.88
CA VAL A 86 -1.51 2.14 -3.10
C VAL A 86 -1.88 2.62 -4.50
N THR A 87 -2.89 3.49 -4.58
CA THR A 87 -3.34 4.02 -5.86
C THR A 87 -2.66 5.36 -6.16
N VAL A 88 -1.81 5.36 -7.18
CA VAL A 88 -1.10 6.58 -7.58
C VAL A 88 -1.41 6.93 -9.03
N SER A 89 -2.20 7.98 -9.23
CA SER A 89 -2.57 8.43 -10.56
C SER A 89 -2.38 9.94 -10.70
N SER A 90 -2.02 10.38 -11.91
CA SER A 90 -1.80 11.79 -12.17
C SER A 90 -2.81 12.31 -13.18
N GLU A 91 -2.65 13.58 -13.58
CA GLU A 91 -3.55 14.19 -14.54
C GLU A 91 -3.63 13.36 -15.82
N ASN A 92 -2.48 13.00 -16.36
CA ASN A 92 -2.42 12.19 -17.58
C ASN A 92 -1.68 10.89 -17.34
N ALA A 93 -1.86 10.32 -16.15
CA ALA A 93 -1.20 9.06 -15.80
C ALA A 93 -2.01 8.30 -14.75
N PHE A 94 -1.73 7.01 -14.61
CA PHE A 94 -2.42 6.17 -13.64
C PHE A 94 -1.61 4.92 -13.32
N GLY A 95 -1.40 4.68 -12.02
CA GLY A 95 -0.64 3.52 -11.60
C GLY A 95 -0.90 3.15 -10.17
N GLU A 96 -1.21 1.87 -9.92
CA GLU A 96 -1.49 1.40 -8.58
C GLU A 96 -0.98 -0.03 -8.39
N GLY A 97 -0.73 -0.41 -7.15
CA GLY A 97 -0.25 -1.74 -6.86
C GLY A 97 -0.93 -2.36 -5.65
N PHE A 98 -0.42 -3.51 -5.20
CA PHE A 98 -0.99 -4.20 -4.06
C PHE A 98 0.10 -4.93 -3.27
N VAL A 99 0.10 -4.76 -1.96
CA VAL A 99 1.08 -5.40 -1.09
C VAL A 99 0.41 -6.04 0.12
N ASN A 100 0.69 -7.32 0.34
CA ASN A 100 0.12 -8.04 1.47
C ASN A 100 1.13 -8.15 2.62
N VAL A 101 0.63 -8.00 3.84
CA VAL A 101 1.48 -8.08 5.02
C VAL A 101 0.86 -8.97 6.09
N THR A 102 1.46 -10.13 6.32
CA THR A 102 0.96 -11.08 7.31
C THR A 102 1.67 -10.88 8.65
N VAL A 103 0.92 -11.06 9.73
CA VAL A 103 1.47 -10.90 11.07
C VAL A 103 1.41 -12.21 11.85
N LYS A 104 2.57 -12.66 12.31
CA LYS A 104 2.66 -13.91 13.07
C LYS A 104 2.46 -13.66 14.56
N PRO A 105 1.79 -14.59 15.24
CA PRO A 105 1.52 -14.49 16.69
C PRO A 105 2.78 -14.65 17.52
N ALA A 106 2.87 -13.90 18.61
CA ALA A 106 4.03 -13.96 19.50
C ALA A 106 4.28 -15.38 19.96
N ARG A 107 5.33 -16.00 19.42
CA ARG A 107 5.68 -17.36 19.78
C ARG A 107 7.03 -17.41 20.50
N SER A 108 7.81 -16.35 20.32
CA SER A 108 9.13 -16.27 20.95
C SER A 108 9.18 -15.13 21.95
N GLY A 109 9.46 -15.46 23.20
CA GLY A 109 9.54 -14.44 24.25
C GLY A 109 8.66 -14.77 25.44
N PRO A 110 9.28 -14.88 26.62
CA PRO A 110 8.56 -15.20 27.86
C PRO A 110 7.68 -14.03 28.32
N SER A 111 6.38 -14.19 28.15
CA SER A 111 5.43 -13.16 28.55
C SER A 111 5.99 -11.77 28.29
N SER A 112 6.65 -11.61 27.15
CA SER A 112 7.24 -10.33 26.77
C SER A 112 6.36 -9.60 25.77
N GLY A 113 5.39 -8.84 26.28
CA GLY A 113 4.49 -8.10 25.42
C GLY A 113 3.04 -8.41 25.68
N GLY A 1 -21.40 18.94 -16.25
CA GLY A 1 -20.60 19.51 -17.32
C GLY A 1 -19.31 18.76 -17.54
N SER A 2 -18.22 19.51 -17.70
CA SER A 2 -16.90 18.92 -17.92
C SER A 2 -15.92 19.38 -16.85
N SER A 3 -14.98 18.51 -16.51
CA SER A 3 -13.97 18.82 -15.50
C SER A 3 -12.59 18.93 -16.13
N GLY A 4 -12.27 17.98 -17.02
CA GLY A 4 -10.99 17.97 -17.67
C GLY A 4 -11.02 17.29 -19.02
N SER A 5 -10.18 17.75 -19.94
CA SER A 5 -10.12 17.19 -21.28
C SER A 5 -8.72 16.66 -21.60
N SER A 6 -8.10 16.01 -20.61
CA SER A 6 -6.76 15.47 -20.79
C SER A 6 -6.82 14.03 -21.28
N GLY A 7 -5.96 13.70 -22.24
CA GLY A 7 -5.92 12.36 -22.78
C GLY A 7 -7.24 11.95 -23.40
N PRO A 8 -7.45 12.34 -24.67
CA PRO A 8 -8.69 12.02 -25.40
C PRO A 8 -8.80 10.54 -25.74
N ARG A 9 -7.80 9.77 -25.31
CA ARG A 9 -7.79 8.33 -25.56
C ARG A 9 -7.55 7.56 -24.27
N THR A 10 -6.56 8.00 -23.50
CA THR A 10 -6.24 7.34 -22.23
C THR A 10 -5.16 8.12 -21.48
N VAL A 11 -4.70 7.56 -20.37
CA VAL A 11 -3.67 8.20 -19.56
C VAL A 11 -2.37 7.40 -19.59
N LYS A 12 -1.31 8.00 -19.08
CA LYS A 12 0.00 7.34 -19.04
C LYS A 12 0.01 6.18 -18.05
N GLU A 13 0.26 4.98 -18.55
CA GLU A 13 0.29 3.79 -17.70
C GLU A 13 1.53 3.80 -16.80
N LEU A 14 1.30 3.70 -15.50
CA LEU A 14 2.40 3.70 -14.53
C LEU A 14 2.53 2.33 -13.87
N THR A 15 3.76 1.88 -13.70
CA THR A 15 4.03 0.59 -13.07
C THR A 15 4.21 0.73 -11.56
N VAL A 16 3.13 0.56 -10.81
CA VAL A 16 3.16 0.67 -9.36
C VAL A 16 3.48 -0.68 -8.72
N SER A 17 4.55 -0.71 -7.94
CA SER A 17 4.97 -1.94 -7.27
C SER A 17 5.46 -1.64 -5.86
N ALA A 18 4.96 -2.40 -4.89
CA ALA A 18 5.35 -2.23 -3.49
C ALA A 18 6.66 -2.93 -3.20
N GLY A 19 6.83 -4.12 -3.76
CA GLY A 19 8.05 -4.88 -3.55
C GLY A 19 7.80 -6.37 -3.44
N ASP A 20 7.28 -6.80 -2.28
CA ASP A 20 6.99 -8.21 -2.06
C ASP A 20 6.20 -8.40 -0.77
N ASN A 21 5.82 -9.63 -0.48
CA ASN A 21 5.06 -9.94 0.73
C ASN A 21 5.93 -9.73 1.97
N LEU A 22 5.34 -9.10 2.98
CA LEU A 22 6.05 -8.83 4.23
C LEU A 22 5.42 -9.60 5.38
N ILE A 23 6.26 -10.16 6.25
CA ILE A 23 5.79 -10.92 7.39
C ILE A 23 6.54 -10.51 8.66
N ILE A 24 5.79 -10.11 9.69
CA ILE A 24 6.38 -9.71 10.95
C ILE A 24 6.05 -10.70 12.05
N THR A 25 6.85 -10.67 13.12
CA THR A 25 6.64 -11.58 14.25
C THR A 25 6.54 -10.80 15.56
N LEU A 26 5.42 -10.96 16.26
CA LEU A 26 5.20 -10.28 17.53
C LEU A 26 6.42 -10.41 18.43
N PRO A 27 6.56 -9.46 19.37
CA PRO A 27 5.62 -8.35 19.52
C PRO A 27 5.71 -7.36 18.36
N ASP A 28 6.82 -7.38 17.65
CA ASP A 28 7.02 -6.49 16.51
C ASP A 28 5.77 -6.42 15.65
N ASN A 29 5.03 -5.32 15.78
CA ASN A 29 3.81 -5.12 15.01
C ASN A 29 3.90 -3.87 14.14
N GLU A 30 5.12 -3.52 13.76
CA GLU A 30 5.35 -2.33 12.92
C GLU A 30 6.05 -2.71 11.63
N VAL A 31 5.56 -2.18 10.51
CA VAL A 31 6.14 -2.46 9.21
C VAL A 31 6.11 -1.22 8.32
N GLU A 32 7.19 -1.04 7.55
CA GLU A 32 7.29 0.11 6.66
C GLU A 32 7.28 -0.33 5.19
N LEU A 33 6.18 -0.05 4.50
CA LEU A 33 6.05 -0.42 3.09
C LEU A 33 6.49 0.73 2.18
N LYS A 34 6.79 0.40 0.94
CA LYS A 34 7.21 1.40 -0.03
C LYS A 34 6.39 1.30 -1.31
N ALA A 35 6.25 2.42 -2.02
CA ALA A 35 5.49 2.45 -3.26
C ALA A 35 6.36 2.92 -4.42
N PHE A 36 6.71 1.99 -5.30
CA PHE A 36 7.55 2.30 -6.45
C PHE A 36 6.68 2.64 -7.67
N VAL A 37 7.17 3.56 -8.50
CA VAL A 37 6.45 3.97 -9.70
C VAL A 37 7.41 4.23 -10.86
N ALA A 38 7.17 3.57 -11.98
CA ALA A 38 8.00 3.72 -13.16
C ALA A 38 7.18 4.14 -14.37
N PRO A 39 7.69 5.11 -15.14
CA PRO A 39 8.97 5.76 -14.84
C PRO A 39 8.90 6.63 -13.60
N ALA A 40 10.07 7.01 -13.08
CA ALA A 40 10.14 7.85 -11.89
C ALA A 40 9.82 9.30 -12.23
N PRO A 41 9.14 9.99 -11.31
CA PRO A 41 8.75 11.40 -11.49
C PRO A 41 9.95 12.33 -11.44
N PRO A 42 9.88 13.45 -12.19
CA PRO A 42 10.95 14.43 -12.24
C PRO A 42 11.08 15.21 -10.93
N VAL A 43 11.87 16.29 -10.96
CA VAL A 43 12.08 17.12 -9.78
C VAL A 43 10.88 18.04 -9.53
N GLU A 44 10.10 18.26 -10.58
CA GLU A 44 8.92 19.12 -10.48
C GLU A 44 7.67 18.31 -10.18
N THR A 45 7.19 17.57 -11.18
CA THR A 45 6.00 16.75 -11.02
C THR A 45 6.21 15.67 -9.98
N THR A 46 5.35 15.64 -8.97
CA THR A 46 5.44 14.66 -7.90
C THR A 46 4.16 13.85 -7.77
N TYR A 47 4.24 12.55 -8.06
CA TYR A 47 3.08 11.67 -7.98
C TYR A 47 2.57 11.57 -6.54
N ASN A 48 1.26 11.38 -6.40
CA ASN A 48 0.65 11.27 -5.08
C ASN A 48 0.48 9.80 -4.68
N TYR A 49 0.77 9.50 -3.43
CA TYR A 49 0.64 8.14 -2.92
C TYR A 49 -0.55 8.00 -1.99
N GLU A 50 -1.55 7.23 -2.42
CA GLU A 50 -2.75 7.01 -1.62
C GLU A 50 -2.94 5.54 -1.30
N TRP A 51 -2.69 5.19 -0.04
CA TRP A 51 -2.83 3.81 0.41
C TRP A 51 -4.24 3.53 0.92
N ASN A 52 -4.68 2.28 0.81
CA ASN A 52 -6.01 1.89 1.27
C ASN A 52 -6.08 0.40 1.55
N LEU A 53 -6.66 0.04 2.68
CA LEU A 53 -6.78 -1.37 3.07
C LEU A 53 -7.97 -2.01 2.38
N ILE A 54 -7.73 -3.15 1.74
CA ILE A 54 -8.79 -3.87 1.04
C ILE A 54 -8.96 -5.28 1.59
N SER A 55 -7.84 -5.99 1.74
CA SER A 55 -7.87 -7.35 2.27
C SER A 55 -7.43 -7.37 3.73
N HIS A 56 -8.41 -7.54 4.62
CA HIS A 56 -8.14 -7.58 6.05
C HIS A 56 -9.29 -8.23 6.81
N PRO A 57 -8.97 -8.88 7.94
CA PRO A 57 -9.96 -9.55 8.77
C PRO A 57 -10.89 -8.57 9.49
N THR A 58 -11.98 -9.08 10.02
CA THR A 58 -12.95 -8.24 10.74
C THR A 58 -12.45 -7.90 12.14
N ASP A 59 -11.70 -8.82 12.73
CA ASP A 59 -11.16 -8.61 14.06
C ASP A 59 -10.22 -7.41 14.09
N TYR A 60 -9.48 -7.21 13.01
CA TYR A 60 -8.55 -6.09 12.91
C TYR A 60 -9.16 -4.82 13.48
N GLN A 61 -8.38 -4.11 14.29
CA GLN A 61 -8.85 -2.86 14.90
C GLN A 61 -7.80 -1.78 14.77
N GLY A 62 -7.18 -1.68 13.60
CA GLY A 62 -6.15 -0.67 13.38
C GLY A 62 -6.63 0.44 12.46
N GLU A 63 -5.87 1.53 12.42
CA GLU A 63 -6.22 2.67 11.59
C GLU A 63 -5.05 3.06 10.68
N ILE A 64 -5.34 3.23 9.39
CA ILE A 64 -4.32 3.60 8.43
C ILE A 64 -4.50 5.05 7.96
N LYS A 65 -3.40 5.71 7.66
CA LYS A 65 -3.42 7.09 7.20
C LYS A 65 -3.23 7.17 5.70
N GLN A 66 -3.77 6.18 4.99
CA GLN A 66 -3.65 6.14 3.53
C GLN A 66 -2.24 6.49 3.08
N GLY A 67 -1.27 6.24 3.96
CA GLY A 67 0.11 6.54 3.64
C GLY A 67 0.26 7.76 2.76
N HIS A 68 -0.12 8.92 3.29
CA HIS A 68 -0.04 10.17 2.55
C HIS A 68 1.29 10.26 1.79
N LYS A 69 2.28 9.52 2.25
CA LYS A 69 3.60 9.52 1.62
C LYS A 69 3.81 8.24 0.82
N GLN A 70 4.98 8.12 0.21
CA GLN A 70 5.31 6.94 -0.59
C GLN A 70 5.47 5.71 0.30
N THR A 71 5.88 5.93 1.54
CA THR A 71 6.07 4.83 2.48
C THR A 71 4.98 4.83 3.56
N LEU A 72 4.44 3.65 3.84
CA LEU A 72 3.39 3.52 4.85
C LEU A 72 3.90 2.78 6.07
N ASN A 73 3.59 3.30 7.26
CA ASN A 73 4.02 2.69 8.51
C ASN A 73 2.82 2.23 9.32
N LEU A 74 2.84 0.96 9.72
CA LEU A 74 1.75 0.39 10.51
C LEU A 74 2.16 0.25 11.98
N SER A 75 1.19 0.34 12.87
CA SER A 75 1.45 0.22 14.30
C SER A 75 0.26 -0.42 15.02
N GLN A 76 0.54 -1.06 16.15
CA GLN A 76 -0.51 -1.73 16.92
C GLN A 76 -1.21 -2.80 16.10
N LEU A 77 -0.45 -3.45 15.21
CA LEU A 77 -1.00 -4.49 14.35
C LEU A 77 -1.21 -5.78 15.15
N SER A 78 -1.86 -6.75 14.51
CA SER A 78 -2.12 -8.03 15.16
C SER A 78 -2.00 -9.18 14.16
N VAL A 79 -2.23 -10.40 14.63
CA VAL A 79 -2.15 -11.58 13.78
C VAL A 79 -3.27 -11.59 12.75
N GLY A 80 -2.90 -11.44 11.48
CA GLY A 80 -3.89 -11.43 10.42
C GLY A 80 -3.31 -10.95 9.09
N LEU A 81 -4.06 -11.15 8.02
CA LEU A 81 -3.63 -10.74 6.69
C LEU A 81 -4.07 -9.31 6.39
N TYR A 82 -3.17 -8.53 5.80
CA TYR A 82 -3.46 -7.15 5.46
C TYR A 82 -2.86 -6.78 4.10
N VAL A 83 -3.74 -6.52 3.12
CA VAL A 83 -3.29 -6.16 1.78
C VAL A 83 -3.53 -4.67 1.51
N PHE A 84 -2.44 -3.92 1.42
CA PHE A 84 -2.53 -2.48 1.15
C PHE A 84 -2.36 -2.19 -0.33
N LYS A 85 -3.21 -1.33 -0.86
CA LYS A 85 -3.15 -0.96 -2.26
C LYS A 85 -2.83 0.53 -2.43
N VAL A 86 -1.62 0.81 -2.93
CA VAL A 86 -1.18 2.18 -3.13
C VAL A 86 -1.61 2.69 -4.50
N THR A 87 -2.65 3.54 -4.52
CA THR A 87 -3.15 4.10 -5.75
C THR A 87 -2.43 5.40 -6.11
N VAL A 88 -1.62 5.35 -7.16
CA VAL A 88 -0.88 6.53 -7.60
C VAL A 88 -1.27 6.93 -9.03
N SER A 89 -1.86 8.11 -9.16
CA SER A 89 -2.28 8.61 -10.46
C SER A 89 -2.01 10.11 -10.58
N SER A 90 -1.78 10.56 -11.82
CA SER A 90 -1.51 11.97 -12.07
C SER A 90 -2.50 12.54 -13.09
N GLU A 91 -2.43 13.85 -13.31
CA GLU A 91 -3.31 14.52 -14.24
C GLU A 91 -3.54 13.66 -15.48
N ASN A 92 -2.45 13.28 -16.15
CA ASN A 92 -2.52 12.45 -17.35
C ASN A 92 -1.86 11.10 -17.11
N ALA A 93 -2.10 10.52 -15.94
CA ALA A 93 -1.54 9.22 -15.60
C ALA A 93 -2.36 8.52 -14.52
N PHE A 94 -2.18 7.22 -14.40
CA PHE A 94 -2.92 6.43 -13.40
C PHE A 94 -2.24 5.08 -13.19
N GLY A 95 -2.11 4.69 -11.92
CA GLY A 95 -1.49 3.41 -11.60
C GLY A 95 -1.71 3.02 -10.16
N GLU A 96 -1.54 1.73 -9.86
CA GLU A 96 -1.72 1.23 -8.50
C GLU A 96 -1.10 -0.15 -8.35
N GLY A 97 -0.79 -0.53 -7.11
CA GLY A 97 -0.19 -1.81 -6.85
C GLY A 97 -0.91 -2.58 -5.75
N PHE A 98 -0.33 -3.70 -5.33
CA PHE A 98 -0.91 -4.53 -4.29
C PHE A 98 0.17 -5.27 -3.51
N VAL A 99 0.16 -5.09 -2.19
CA VAL A 99 1.14 -5.73 -1.32
C VAL A 99 0.46 -6.45 -0.16
N ASN A 100 1.01 -7.60 0.22
CA ASN A 100 0.46 -8.39 1.32
C ASN A 100 1.34 -8.29 2.56
N VAL A 101 0.71 -8.28 3.73
CA VAL A 101 1.44 -8.20 4.99
C VAL A 101 0.81 -9.10 6.04
N THR A 102 1.57 -10.10 6.48
CA THR A 102 1.08 -11.03 7.50
C THR A 102 1.79 -10.82 8.82
N VAL A 103 1.10 -11.12 9.91
CA VAL A 103 1.67 -10.96 11.25
C VAL A 103 1.70 -12.29 12.01
N LYS A 104 2.87 -12.90 12.07
CA LYS A 104 3.03 -14.18 12.76
C LYS A 104 2.90 -14.00 14.27
N PRO A 105 2.39 -15.04 14.95
CA PRO A 105 2.21 -15.02 16.41
C PRO A 105 3.53 -15.04 17.16
N ALA A 106 3.58 -14.36 18.29
CA ALA A 106 4.78 -14.31 19.11
C ALA A 106 5.24 -15.71 19.52
N ARG A 107 6.33 -16.17 18.93
CA ARG A 107 6.86 -17.50 19.23
C ARG A 107 7.81 -17.44 20.42
N SER A 108 7.25 -17.38 21.62
CA SER A 108 8.05 -17.32 22.84
C SER A 108 7.55 -18.34 23.87
N GLY A 109 8.31 -18.48 24.96
CA GLY A 109 7.93 -19.42 26.00
C GLY A 109 9.01 -20.46 26.25
N PRO A 110 8.71 -21.42 27.14
CA PRO A 110 9.64 -22.49 27.50
C PRO A 110 9.84 -23.48 26.35
N SER A 111 8.74 -23.89 25.73
CA SER A 111 8.80 -24.83 24.62
C SER A 111 9.99 -24.53 23.71
N SER A 112 10.00 -23.34 23.14
CA SER A 112 11.08 -22.93 22.24
C SER A 112 12.38 -22.74 23.01
N GLY A 113 13.44 -23.40 22.55
CA GLY A 113 14.73 -23.30 23.20
C GLY A 113 14.78 -24.07 24.50
N GLY A 1 -20.06 23.83 -20.58
CA GLY A 1 -19.84 24.02 -22.00
C GLY A 1 -18.55 23.40 -22.48
N SER A 2 -18.65 22.37 -23.30
CA SER A 2 -17.47 21.68 -23.82
C SER A 2 -17.54 21.56 -25.34
N SER A 3 -16.63 22.25 -26.02
CA SER A 3 -16.59 22.21 -27.48
C SER A 3 -15.94 20.93 -27.98
N GLY A 4 -16.77 19.97 -28.37
CA GLY A 4 -16.27 18.70 -28.86
C GLY A 4 -15.59 17.88 -27.78
N SER A 5 -15.00 16.76 -28.16
CA SER A 5 -14.32 15.88 -27.21
C SER A 5 -13.01 15.35 -27.80
N SER A 6 -12.23 14.67 -26.98
CA SER A 6 -10.96 14.11 -27.41
C SER A 6 -11.15 12.72 -28.02
N GLY A 7 -10.05 12.08 -28.36
CA GLY A 7 -10.12 10.75 -28.95
C GLY A 7 -9.10 9.79 -28.35
N PRO A 8 -7.95 9.67 -29.02
CA PRO A 8 -6.87 8.78 -28.57
C PRO A 8 -6.19 9.29 -27.30
N ARG A 9 -6.47 10.54 -26.94
CA ARG A 9 -5.88 11.15 -25.75
C ARG A 9 -6.24 10.34 -24.51
N THR A 10 -5.26 9.59 -24.00
CA THR A 10 -5.47 8.77 -22.82
C THR A 10 -4.33 8.93 -21.83
N VAL A 11 -4.49 8.37 -20.63
CA VAL A 11 -3.46 8.46 -19.60
C VAL A 11 -2.33 7.47 -19.87
N LYS A 12 -1.24 7.61 -19.12
CA LYS A 12 -0.09 6.73 -19.28
C LYS A 12 -0.15 5.58 -18.29
N GLU A 13 0.44 4.45 -18.67
CA GLU A 13 0.47 3.27 -17.81
C GLU A 13 1.68 3.28 -16.89
N LEU A 14 1.45 3.52 -15.61
CA LEU A 14 2.53 3.56 -14.63
C LEU A 14 2.65 2.22 -13.90
N THR A 15 3.89 1.77 -13.70
CA THR A 15 4.14 0.51 -13.01
C THR A 15 4.36 0.73 -11.52
N VAL A 16 3.29 0.68 -10.75
CA VAL A 16 3.38 0.86 -9.30
C VAL A 16 3.56 -0.46 -8.59
N SER A 17 4.73 -0.65 -7.99
CA SER A 17 5.03 -1.89 -7.27
C SER A 17 5.56 -1.58 -5.88
N ALA A 18 5.00 -2.26 -4.88
CA ALA A 18 5.42 -2.07 -3.49
C ALA A 18 6.72 -2.80 -3.20
N GLY A 19 6.82 -4.03 -3.71
CA GLY A 19 8.02 -4.83 -3.50
C GLY A 19 7.72 -6.31 -3.41
N ASP A 20 7.20 -6.74 -2.27
CA ASP A 20 6.88 -8.14 -2.07
C ASP A 20 6.18 -8.35 -0.72
N ASN A 21 5.54 -9.51 -0.56
CA ASN A 21 4.83 -9.83 0.68
C ASN A 21 5.77 -9.68 1.88
N LEU A 22 5.26 -9.07 2.95
CA LEU A 22 6.04 -8.87 4.16
C LEU A 22 5.44 -9.66 5.32
N ILE A 23 6.30 -10.28 6.11
CA ILE A 23 5.86 -11.07 7.26
C ILE A 23 6.58 -10.63 8.54
N ILE A 24 5.82 -10.32 9.57
CA ILE A 24 6.39 -9.89 10.84
C ILE A 24 6.02 -10.85 11.96
N THR A 25 6.73 -10.76 13.08
CA THR A 25 6.47 -11.63 14.22
C THR A 25 6.39 -10.81 15.51
N LEU A 26 5.28 -10.98 16.23
CA LEU A 26 5.07 -10.26 17.48
C LEU A 26 6.29 -10.39 18.40
N PRO A 27 6.44 -9.44 19.32
CA PRO A 27 5.51 -8.32 19.47
C PRO A 27 5.61 -7.34 18.30
N ASP A 28 6.72 -7.39 17.58
CA ASP A 28 6.93 -6.51 16.44
C ASP A 28 5.68 -6.45 15.55
N ASN A 29 4.91 -5.39 15.71
CA ASN A 29 3.69 -5.21 14.92
C ASN A 29 3.77 -3.94 14.07
N GLU A 30 4.99 -3.54 13.73
CA GLU A 30 5.18 -2.35 12.92
C GLU A 30 5.90 -2.70 11.61
N VAL A 31 5.45 -2.09 10.53
CA VAL A 31 6.05 -2.33 9.21
C VAL A 31 6.05 -1.07 8.37
N GLU A 32 7.12 -0.89 7.59
CA GLU A 32 7.25 0.28 6.73
C GLU A 32 7.28 -0.12 5.26
N LEU A 33 6.16 0.04 4.58
CA LEU A 33 6.05 -0.29 3.17
C LEU A 33 6.50 0.87 2.29
N LYS A 34 6.81 0.57 1.04
CA LYS A 34 7.24 1.60 0.09
C LYS A 34 6.65 1.34 -1.29
N ALA A 35 6.41 2.42 -2.04
CA ALA A 35 5.86 2.31 -3.38
C ALA A 35 6.90 2.66 -4.43
N PHE A 36 6.82 1.98 -5.58
CA PHE A 36 7.76 2.22 -6.66
C PHE A 36 7.03 2.37 -7.99
N VAL A 37 7.02 3.60 -8.52
CA VAL A 37 6.35 3.88 -9.79
C VAL A 37 7.35 4.36 -10.83
N ALA A 38 7.36 3.69 -11.98
CA ALA A 38 8.27 4.04 -13.06
C ALA A 38 7.50 4.31 -14.36
N PRO A 39 8.01 5.24 -15.17
CA PRO A 39 9.25 5.97 -14.86
C PRO A 39 9.06 6.94 -13.70
N ALA A 40 10.16 7.25 -13.01
CA ALA A 40 10.13 8.18 -11.88
C ALA A 40 9.87 9.60 -12.35
N PRO A 41 9.09 10.35 -11.56
CA PRO A 41 8.77 11.74 -11.88
C PRO A 41 9.97 12.67 -11.72
N PRO A 42 9.89 13.85 -12.37
CA PRO A 42 10.96 14.85 -12.32
C PRO A 42 11.09 15.49 -10.95
N VAL A 43 11.89 16.56 -10.88
CA VAL A 43 12.10 17.28 -9.62
C VAL A 43 10.95 18.24 -9.34
N GLU A 44 10.16 18.52 -10.37
CA GLU A 44 9.02 19.43 -10.23
C GLU A 44 7.73 18.66 -10.01
N THR A 45 7.30 17.93 -11.04
CA THR A 45 6.07 17.15 -10.97
C THR A 45 6.27 15.90 -10.11
N THR A 46 5.22 15.49 -9.42
CA THR A 46 5.27 14.31 -8.56
C THR A 46 3.90 13.68 -8.41
N TYR A 47 3.87 12.35 -8.27
CA TYR A 47 2.63 11.63 -8.12
C TYR A 47 2.19 11.58 -6.66
N ASN A 48 0.92 11.28 -6.43
CA ASN A 48 0.38 11.20 -5.08
C ASN A 48 0.29 9.76 -4.61
N TYR A 49 0.59 9.54 -3.33
CA TYR A 49 0.55 8.20 -2.75
C TYR A 49 -0.61 8.06 -1.77
N GLU A 50 -1.63 7.31 -2.16
CA GLU A 50 -2.80 7.09 -1.31
C GLU A 50 -3.00 5.61 -1.03
N TRP A 51 -2.67 5.21 0.20
CA TRP A 51 -2.82 3.81 0.60
C TRP A 51 -4.21 3.54 1.16
N ASN A 52 -4.64 2.29 1.09
CA ASN A 52 -5.96 1.91 1.59
C ASN A 52 -6.03 0.41 1.84
N LEU A 53 -6.81 0.02 2.85
CA LEU A 53 -6.96 -1.40 3.19
C LEU A 53 -8.23 -1.97 2.57
N ILE A 54 -8.05 -2.87 1.61
CA ILE A 54 -9.18 -3.51 0.94
C ILE A 54 -9.37 -4.94 1.41
N SER A 55 -8.29 -5.55 1.88
CA SER A 55 -8.34 -6.93 2.36
C SER A 55 -7.77 -7.03 3.77
N HIS A 56 -8.61 -7.44 4.72
CA HIS A 56 -8.19 -7.58 6.11
C HIS A 56 -9.29 -8.25 6.94
N PRO A 57 -8.88 -8.94 8.02
CA PRO A 57 -9.81 -9.63 8.91
C PRO A 57 -10.65 -8.66 9.73
N THR A 58 -11.97 -8.89 9.74
CA THR A 58 -12.88 -8.04 10.48
C THR A 58 -12.40 -7.80 11.90
N ASP A 59 -11.60 -8.74 12.41
CA ASP A 59 -11.05 -8.63 13.76
C ASP A 59 -10.07 -7.46 13.85
N TYR A 60 -9.32 -7.22 12.79
CA TYR A 60 -8.35 -6.14 12.75
C TYR A 60 -8.89 -4.91 13.46
N GLN A 61 -7.99 -4.15 14.09
CA GLN A 61 -8.37 -2.95 14.81
C GLN A 61 -7.46 -1.78 14.45
N GLY A 62 -6.17 -2.09 14.22
CA GLY A 62 -5.22 -1.06 13.88
C GLY A 62 -5.80 -0.03 12.93
N GLU A 63 -5.16 1.14 12.87
CA GLU A 63 -5.62 2.22 11.99
C GLU A 63 -4.49 2.68 11.06
N ILE A 64 -4.80 2.75 9.77
CA ILE A 64 -3.82 3.18 8.79
C ILE A 64 -4.05 4.63 8.39
N LYS A 65 -2.95 5.32 8.05
CA LYS A 65 -3.03 6.72 7.65
C LYS A 65 -2.98 6.86 6.13
N GLN A 66 -3.40 5.81 5.43
CA GLN A 66 -3.40 5.80 3.98
C GLN A 66 -2.06 6.28 3.42
N GLY A 67 -1.01 6.09 4.22
CA GLY A 67 0.31 6.52 3.80
C GLY A 67 0.27 7.76 2.92
N HIS A 68 0.14 8.92 3.54
CA HIS A 68 0.09 10.18 2.81
C HIS A 68 1.35 10.38 1.98
N LYS A 69 2.35 9.54 2.23
CA LYS A 69 3.62 9.62 1.51
C LYS A 69 3.86 8.35 0.70
N GLN A 70 5.04 8.27 0.08
CA GLN A 70 5.39 7.11 -0.73
C GLN A 70 5.49 5.86 0.13
N THR A 71 5.81 6.05 1.41
CA THR A 71 5.94 4.94 2.34
C THR A 71 4.76 4.88 3.29
N LEU A 72 4.39 3.67 3.71
CA LEU A 72 3.27 3.47 4.62
C LEU A 72 3.72 2.73 5.88
N ASN A 73 3.56 3.37 7.03
CA ASN A 73 3.94 2.77 8.30
C ASN A 73 2.71 2.37 9.11
N LEU A 74 2.74 1.16 9.66
CA LEU A 74 1.62 0.66 10.46
C LEU A 74 2.06 0.39 11.89
N SER A 75 1.10 0.37 12.81
CA SER A 75 1.38 0.12 14.22
C SER A 75 0.22 -0.61 14.88
N GLN A 76 0.48 -1.15 16.08
CA GLN A 76 -0.54 -1.87 16.82
C GLN A 76 -1.22 -2.91 15.94
N LEU A 77 -0.46 -3.46 14.99
CA LEU A 77 -0.99 -4.47 14.08
C LEU A 77 -1.22 -5.78 14.82
N SER A 78 -2.24 -6.53 14.38
CA SER A 78 -2.56 -7.81 14.99
C SER A 78 -2.27 -8.96 14.03
N VAL A 79 -2.58 -10.18 14.47
CA VAL A 79 -2.34 -11.37 13.66
C VAL A 79 -3.40 -11.50 12.57
N GLY A 80 -2.96 -11.47 11.32
CA GLY A 80 -3.88 -11.59 10.20
C GLY A 80 -3.30 -11.07 8.91
N LEU A 81 -4.02 -11.26 7.81
CA LEU A 81 -3.57 -10.80 6.50
C LEU A 81 -4.08 -9.40 6.21
N TYR A 82 -3.19 -8.54 5.70
CA TYR A 82 -3.56 -7.17 5.37
C TYR A 82 -3.03 -6.77 4.00
N VAL A 83 -3.93 -6.41 3.10
CA VAL A 83 -3.55 -6.02 1.75
C VAL A 83 -3.72 -4.52 1.54
N PHE A 84 -2.61 -3.81 1.38
CA PHE A 84 -2.64 -2.37 1.18
C PHE A 84 -2.47 -2.01 -0.29
N LYS A 85 -3.48 -1.36 -0.85
CA LYS A 85 -3.44 -0.97 -2.26
C LYS A 85 -3.11 0.51 -2.40
N VAL A 86 -1.90 0.80 -2.86
CA VAL A 86 -1.46 2.18 -3.05
C VAL A 86 -1.93 2.74 -4.39
N THR A 87 -2.96 3.57 -4.36
CA THR A 87 -3.50 4.16 -5.58
C THR A 87 -2.76 5.45 -5.93
N VAL A 88 -2.03 5.42 -7.04
CA VAL A 88 -1.27 6.58 -7.50
C VAL A 88 -1.60 6.91 -8.95
N SER A 89 -2.25 8.05 -9.17
CA SER A 89 -2.62 8.47 -10.52
C SER A 89 -2.29 9.95 -10.73
N SER A 90 -1.88 10.28 -11.95
CA SER A 90 -1.52 11.66 -12.28
C SER A 90 -2.47 12.21 -13.35
N GLU A 91 -2.36 13.52 -13.60
CA GLU A 91 -3.21 14.17 -14.60
C GLU A 91 -3.32 13.32 -15.85
N ASN A 92 -2.18 12.85 -16.36
CA ASN A 92 -2.17 12.03 -17.55
C ASN A 92 -1.53 10.67 -17.27
N ALA A 93 -1.78 10.15 -16.06
CA ALA A 93 -1.24 8.85 -15.67
C ALA A 93 -2.12 8.19 -14.61
N PHE A 94 -2.01 6.87 -14.51
CA PHE A 94 -2.80 6.12 -13.54
C PHE A 94 -2.11 4.80 -13.18
N GLY A 95 -2.02 4.52 -11.88
CA GLY A 95 -1.38 3.30 -11.43
C GLY A 95 -1.76 2.94 -10.01
N GLU A 96 -1.71 1.65 -9.69
CA GLU A 96 -2.07 1.18 -8.36
C GLU A 96 -1.21 -0.03 -7.97
N GLY A 97 -0.74 -0.04 -6.73
CA GLY A 97 0.08 -1.13 -6.25
C GLY A 97 -0.67 -2.07 -5.34
N PHE A 98 -0.04 -3.19 -4.98
CA PHE A 98 -0.67 -4.17 -4.11
C PHE A 98 0.40 -4.95 -3.33
N VAL A 99 0.27 -4.92 -2.00
CA VAL A 99 1.21 -5.62 -1.13
C VAL A 99 0.51 -6.17 0.10
N ASN A 100 0.65 -7.48 0.31
CA ASN A 100 0.03 -8.14 1.46
C ASN A 100 1.05 -8.36 2.57
N VAL A 101 0.61 -8.19 3.81
CA VAL A 101 1.49 -8.39 4.96
C VAL A 101 0.85 -9.31 5.99
N THR A 102 1.61 -10.29 6.45
CA THR A 102 1.12 -11.26 7.44
C THR A 102 1.75 -11.01 8.80
N VAL A 103 0.96 -11.16 9.85
CA VAL A 103 1.45 -10.96 11.21
C VAL A 103 1.39 -12.26 12.01
N LYS A 104 2.56 -12.87 12.22
CA LYS A 104 2.64 -14.12 12.97
C LYS A 104 2.58 -13.86 14.47
N PRO A 105 1.96 -14.79 15.21
CA PRO A 105 1.82 -14.69 16.66
C PRO A 105 3.15 -14.84 17.39
N ALA A 106 3.23 -14.32 18.61
CA ALA A 106 4.45 -14.41 19.40
C ALA A 106 4.64 -15.82 19.94
N ARG A 107 5.66 -16.51 19.44
CA ARG A 107 5.96 -17.86 19.87
C ARG A 107 7.04 -17.88 20.94
N SER A 108 6.70 -18.37 22.12
CA SER A 108 7.64 -18.43 23.23
C SER A 108 7.94 -19.88 23.60
N GLY A 109 7.13 -20.80 23.10
CA GLY A 109 7.33 -22.21 23.39
C GLY A 109 6.25 -22.77 24.28
N PRO A 110 6.63 -23.16 25.50
CA PRO A 110 5.70 -23.74 26.48
C PRO A 110 4.72 -22.70 27.02
N SER A 111 3.54 -22.64 26.40
CA SER A 111 2.52 -21.68 26.82
C SER A 111 1.30 -22.41 27.37
N SER A 112 0.44 -21.66 28.07
CA SER A 112 -0.78 -22.23 28.65
C SER A 112 -2.01 -21.45 28.23
N GLY A 113 -3.17 -21.94 28.61
CA GLY A 113 -4.41 -21.28 28.26
C GLY A 113 -4.65 -20.02 29.07
N GLY A 1 -11.85 31.88 -25.03
CA GLY A 1 -12.57 31.49 -26.24
C GLY A 1 -11.90 30.33 -26.96
N SER A 2 -11.57 29.28 -26.22
CA SER A 2 -10.91 28.12 -26.80
C SER A 2 -11.89 26.96 -26.93
N SER A 3 -11.92 26.34 -28.11
CA SER A 3 -12.82 25.22 -28.37
C SER A 3 -12.52 24.07 -27.41
N GLY A 4 -13.56 23.30 -27.08
CA GLY A 4 -13.40 22.17 -26.18
C GLY A 4 -13.76 20.85 -26.82
N SER A 5 -13.05 19.80 -26.42
CA SER A 5 -13.30 18.47 -26.98
C SER A 5 -13.37 17.43 -25.87
N SER A 6 -14.56 17.26 -25.30
CA SER A 6 -14.78 16.30 -24.23
C SER A 6 -15.23 14.95 -24.78
N GLY A 7 -14.88 13.88 -24.09
CA GLY A 7 -15.27 12.55 -24.52
C GLY A 7 -14.23 11.50 -24.17
N PRO A 8 -13.70 10.81 -25.20
CA PRO A 8 -12.69 9.76 -25.02
C PRO A 8 -11.35 10.33 -24.58
N ARG A 9 -10.87 9.89 -23.41
CA ARG A 9 -9.59 10.35 -22.88
C ARG A 9 -8.72 9.17 -22.47
N THR A 10 -7.41 9.41 -22.43
CA THR A 10 -6.45 8.36 -22.06
C THR A 10 -5.36 8.91 -21.16
N VAL A 11 -4.93 8.11 -20.20
CA VAL A 11 -3.88 8.52 -19.27
C VAL A 11 -2.63 7.65 -19.44
N LYS A 12 -1.55 8.03 -18.75
CA LYS A 12 -0.30 7.29 -18.82
C LYS A 12 -0.29 6.16 -17.80
N GLU A 13 -0.28 4.92 -18.30
CA GLU A 13 -0.27 3.76 -17.43
C GLU A 13 1.04 3.66 -16.66
N LEU A 14 0.97 3.94 -15.36
CA LEU A 14 2.17 3.89 -14.52
C LEU A 14 2.28 2.53 -13.82
N THR A 15 3.48 1.96 -13.85
CA THR A 15 3.73 0.66 -13.23
C THR A 15 4.07 0.83 -11.76
N VAL A 16 3.05 0.73 -10.91
CA VAL A 16 3.25 0.87 -9.47
C VAL A 16 3.55 -0.49 -8.83
N SER A 17 4.56 -0.51 -7.96
CA SER A 17 4.95 -1.74 -7.28
C SER A 17 5.45 -1.44 -5.87
N ALA A 18 4.91 -2.16 -4.89
CA ALA A 18 5.30 -1.98 -3.50
C ALA A 18 6.65 -2.63 -3.22
N GLY A 19 6.85 -3.82 -3.78
CA GLY A 19 8.10 -4.54 -3.58
C GLY A 19 7.90 -6.04 -3.48
N ASP A 20 7.34 -6.48 -2.36
CA ASP A 20 7.10 -7.90 -2.14
C ASP A 20 6.34 -8.13 -0.84
N ASN A 21 5.96 -9.38 -0.60
CA ASN A 21 5.22 -9.73 0.61
C ASN A 21 6.11 -9.59 1.85
N LEU A 22 5.58 -8.92 2.87
CA LEU A 22 6.32 -8.70 4.11
C LEU A 22 5.66 -9.45 5.27
N ILE A 23 6.48 -10.07 6.11
CA ILE A 23 5.98 -10.81 7.26
C ILE A 23 6.70 -10.40 8.54
N ILE A 24 5.92 -10.06 9.57
CA ILE A 24 6.48 -9.64 10.84
C ILE A 24 6.12 -10.62 11.95
N THR A 25 6.83 -10.54 13.07
CA THR A 25 6.57 -11.42 14.20
C THR A 25 6.53 -10.64 15.51
N LEU A 26 5.43 -10.77 16.23
CA LEU A 26 5.26 -10.07 17.51
C LEU A 26 6.49 -10.24 18.39
N PRO A 27 6.69 -9.30 19.32
CA PRO A 27 5.80 -8.15 19.49
C PRO A 27 5.89 -7.16 18.32
N ASP A 28 6.96 -7.28 17.54
CA ASP A 28 7.17 -6.41 16.39
C ASP A 28 5.92 -6.35 15.52
N ASN A 29 5.16 -5.26 15.64
CA ASN A 29 3.95 -5.09 14.85
C ASN A 29 4.01 -3.81 14.01
N GLU A 30 5.23 -3.43 13.63
CA GLU A 30 5.43 -2.22 12.83
C GLU A 30 6.21 -2.55 11.56
N VAL A 31 5.70 -2.07 10.43
CA VAL A 31 6.35 -2.31 9.15
C VAL A 31 6.33 -1.06 8.27
N GLU A 32 7.41 -0.83 7.54
CA GLU A 32 7.51 0.34 6.67
C GLU A 32 7.47 -0.08 5.20
N LEU A 33 6.32 0.16 4.56
CA LEU A 33 6.15 -0.19 3.16
C LEU A 33 6.55 0.97 2.26
N LYS A 34 6.74 0.67 0.97
CA LYS A 34 7.12 1.69 0.00
C LYS A 34 6.38 1.50 -1.32
N ALA A 35 6.26 2.57 -2.09
CA ALA A 35 5.58 2.51 -3.38
C ALA A 35 6.49 2.99 -4.50
N PHE A 36 6.84 2.09 -5.41
CA PHE A 36 7.70 2.42 -6.54
C PHE A 36 6.89 2.57 -7.82
N VAL A 37 7.05 3.71 -8.48
CA VAL A 37 6.34 3.98 -9.73
C VAL A 37 7.30 4.01 -10.92
N ALA A 38 6.89 3.37 -12.00
CA ALA A 38 7.71 3.32 -13.21
C ALA A 38 6.92 3.78 -14.43
N PRO A 39 7.48 4.76 -15.17
CA PRO A 39 8.78 5.36 -14.83
C PRO A 39 8.71 6.21 -13.56
N ALA A 40 9.88 6.53 -13.01
CA ALA A 40 9.96 7.34 -11.80
C ALA A 40 9.81 8.82 -12.13
N PRO A 41 9.11 9.56 -11.25
CA PRO A 41 8.88 11.00 -11.42
C PRO A 41 10.15 11.81 -11.24
N PRO A 42 10.24 12.95 -11.96
CA PRO A 42 11.40 13.84 -11.89
C PRO A 42 11.51 14.56 -10.55
N VAL A 43 12.31 15.61 -10.52
CA VAL A 43 12.51 16.39 -9.30
C VAL A 43 11.38 17.39 -9.10
N GLU A 44 10.82 17.87 -10.20
CA GLU A 44 9.72 18.83 -10.15
C GLU A 44 8.37 18.12 -10.07
N THR A 45 8.05 17.37 -11.11
CA THR A 45 6.79 16.64 -11.17
C THR A 45 6.79 15.45 -10.22
N THR A 46 5.79 15.39 -9.35
CA THR A 46 5.69 14.30 -8.38
C THR A 46 4.30 13.69 -8.39
N TYR A 47 4.21 12.42 -8.01
CA TYR A 47 2.94 11.71 -7.97
C TYR A 47 2.36 11.68 -6.56
N ASN A 48 1.14 11.19 -6.44
CA ASN A 48 0.47 11.11 -5.14
C ASN A 48 0.36 9.65 -4.68
N TYR A 49 0.72 9.41 -3.42
CA TYR A 49 0.66 8.07 -2.86
C TYR A 49 -0.51 7.94 -1.87
N GLU A 50 -1.52 7.18 -2.27
CA GLU A 50 -2.70 6.98 -1.42
C GLU A 50 -2.87 5.51 -1.07
N TRP A 51 -2.53 5.16 0.16
CA TRP A 51 -2.64 3.78 0.63
C TRP A 51 -4.02 3.52 1.21
N ASN A 52 -4.45 2.26 1.15
CA ASN A 52 -5.75 1.86 1.68
C ASN A 52 -5.80 0.38 2.00
N LEU A 53 -6.64 0.01 2.95
CA LEU A 53 -6.78 -1.39 3.35
C LEU A 53 -8.08 -1.99 2.85
N ILE A 54 -7.97 -2.87 1.85
CA ILE A 54 -9.15 -3.51 1.29
C ILE A 54 -9.36 -4.91 1.87
N SER A 55 -8.25 -5.56 2.20
CA SER A 55 -8.32 -6.91 2.78
C SER A 55 -7.80 -6.91 4.21
N HIS A 56 -8.68 -7.25 5.15
CA HIS A 56 -8.32 -7.30 6.56
C HIS A 56 -9.24 -8.23 7.33
N PRO A 57 -8.68 -8.93 8.33
CA PRO A 57 -9.44 -9.87 9.17
C PRO A 57 -10.42 -9.15 10.09
N THR A 58 -11.46 -9.88 10.50
CA THR A 58 -12.48 -9.32 11.39
C THR A 58 -11.89 -8.98 12.75
N ASP A 59 -10.77 -9.62 13.08
CA ASP A 59 -10.11 -9.39 14.36
C ASP A 59 -9.51 -7.98 14.41
N TYR A 60 -9.21 -7.44 13.24
CA TYR A 60 -8.63 -6.11 13.16
C TYR A 60 -9.69 -5.07 12.78
N GLN A 61 -9.62 -3.89 13.40
CA GLN A 61 -10.57 -2.82 13.13
C GLN A 61 -10.24 -2.13 11.81
N GLY A 62 -9.00 -1.64 11.70
CA GLY A 62 -8.59 -0.95 10.49
C GLY A 62 -8.29 0.51 10.72
N GLU A 63 -7.04 0.80 11.11
CA GLU A 63 -6.62 2.17 11.37
C GLU A 63 -5.33 2.49 10.62
N ILE A 64 -5.45 3.23 9.52
CA ILE A 64 -4.29 3.60 8.72
C ILE A 64 -4.42 5.03 8.22
N LYS A 65 -3.27 5.67 7.98
CA LYS A 65 -3.25 7.04 7.47
C LYS A 65 -3.09 7.07 5.96
N GLN A 66 -3.55 6.01 5.30
CA GLN A 66 -3.44 5.91 3.84
C GLN A 66 -2.09 6.40 3.36
N GLY A 67 -1.08 6.30 4.23
CA GLY A 67 0.26 6.73 3.87
C GLY A 67 0.25 7.89 2.89
N HIS A 68 0.22 9.12 3.43
CA HIS A 68 0.22 10.31 2.59
C HIS A 68 1.54 10.48 1.85
N LYS A 69 2.48 9.57 2.12
CA LYS A 69 3.79 9.61 1.48
C LYS A 69 4.03 8.35 0.65
N GLN A 70 5.23 8.22 0.11
CA GLN A 70 5.59 7.07 -0.70
C GLN A 70 5.79 5.83 0.17
N THR A 71 5.79 6.04 1.49
CA THR A 71 5.99 4.95 2.42
C THR A 71 4.85 4.89 3.44
N LEU A 72 4.36 3.69 3.72
CA LEU A 72 3.28 3.51 4.67
C LEU A 72 3.76 2.74 5.90
N ASN A 73 3.69 3.39 7.06
CA ASN A 73 4.12 2.77 8.32
C ASN A 73 2.92 2.30 9.13
N LEU A 74 2.98 1.06 9.60
CA LEU A 74 1.89 0.50 10.40
C LEU A 74 2.31 0.35 11.86
N SER A 75 1.33 0.40 12.76
CA SER A 75 1.60 0.27 14.19
C SER A 75 0.43 -0.42 14.90
N GLN A 76 0.73 -1.02 16.04
CA GLN A 76 -0.30 -1.71 16.81
C GLN A 76 -1.06 -2.71 15.94
N LEU A 77 -0.35 -3.35 15.02
CA LEU A 77 -0.97 -4.32 14.12
C LEU A 77 -1.30 -5.61 14.87
N SER A 78 -2.19 -6.41 14.27
CA SER A 78 -2.60 -7.67 14.89
C SER A 78 -2.26 -8.85 13.97
N VAL A 79 -2.37 -10.06 14.52
CA VAL A 79 -2.08 -11.27 13.75
C VAL A 79 -3.13 -11.49 12.67
N GLY A 80 -2.69 -11.48 11.42
CA GLY A 80 -3.61 -11.69 10.30
C GLY A 80 -3.03 -11.20 8.98
N LEU A 81 -3.80 -11.37 7.91
CA LEU A 81 -3.36 -10.96 6.59
C LEU A 81 -3.96 -9.59 6.23
N TYR A 82 -3.09 -8.69 5.77
CA TYR A 82 -3.54 -7.35 5.39
C TYR A 82 -3.00 -6.97 4.01
N VAL A 83 -3.89 -6.50 3.14
CA VAL A 83 -3.50 -6.10 1.80
C VAL A 83 -3.60 -4.59 1.63
N PHE A 84 -2.46 -3.93 1.56
CA PHE A 84 -2.40 -2.49 1.40
C PHE A 84 -2.23 -2.10 -0.07
N LYS A 85 -3.27 -1.51 -0.65
CA LYS A 85 -3.23 -1.09 -2.05
C LYS A 85 -2.98 0.41 -2.17
N VAL A 86 -1.90 0.77 -2.85
CA VAL A 86 -1.55 2.17 -3.04
C VAL A 86 -1.98 2.66 -4.42
N THR A 87 -2.87 3.65 -4.43
CA THR A 87 -3.35 4.22 -5.69
C THR A 87 -2.63 5.51 -6.03
N VAL A 88 -1.76 5.46 -7.03
CA VAL A 88 -1.01 6.62 -7.46
C VAL A 88 -1.37 7.02 -8.88
N SER A 89 -2.11 8.12 -9.01
CA SER A 89 -2.54 8.61 -10.32
C SER A 89 -2.34 10.12 -10.43
N SER A 90 -2.19 10.61 -11.65
CA SER A 90 -1.99 12.04 -11.89
C SER A 90 -2.96 12.55 -12.96
N GLU A 91 -2.91 13.85 -13.21
CA GLU A 91 -3.78 14.48 -14.21
C GLU A 91 -3.81 13.65 -15.49
N ASN A 92 -2.63 13.25 -15.96
CA ASN A 92 -2.52 12.45 -17.18
C ASN A 92 -1.80 11.13 -16.91
N ALA A 93 -2.03 10.58 -15.72
CA ALA A 93 -1.41 9.31 -15.34
C ALA A 93 -2.29 8.55 -14.36
N PHE A 94 -2.03 7.25 -14.24
CA PHE A 94 -2.79 6.40 -13.33
C PHE A 94 -2.10 5.06 -13.12
N GLY A 95 -1.81 4.75 -11.86
CA GLY A 95 -1.14 3.49 -11.55
C GLY A 95 -1.23 3.15 -10.08
N GLU A 96 -1.51 1.88 -9.78
CA GLU A 96 -1.63 1.42 -8.41
C GLU A 96 -0.96 0.07 -8.23
N GLY A 97 -0.66 -0.28 -6.98
CA GLY A 97 -0.02 -1.55 -6.68
C GLY A 97 -0.74 -2.33 -5.61
N PHE A 98 -0.25 -3.53 -5.31
CA PHE A 98 -0.84 -4.38 -4.28
C PHE A 98 0.24 -5.08 -3.47
N VAL A 99 0.14 -4.97 -2.15
CA VAL A 99 1.10 -5.59 -1.25
C VAL A 99 0.40 -6.20 -0.04
N ASN A 100 0.75 -7.44 0.28
CA ASN A 100 0.16 -8.15 1.41
C ASN A 100 1.18 -8.31 2.54
N VAL A 101 0.70 -8.21 3.77
CA VAL A 101 1.56 -8.35 4.94
C VAL A 101 0.96 -9.32 5.96
N THR A 102 1.78 -10.26 6.43
CA THR A 102 1.33 -11.24 7.41
C THR A 102 1.98 -11.01 8.76
N VAL A 103 1.16 -11.00 9.81
CA VAL A 103 1.67 -10.79 11.17
C VAL A 103 1.62 -12.08 11.97
N LYS A 104 2.77 -12.71 12.14
CA LYS A 104 2.87 -13.96 12.89
C LYS A 104 2.81 -13.68 14.39
N PRO A 105 2.26 -14.64 15.15
CA PRO A 105 2.13 -14.54 16.60
C PRO A 105 3.48 -14.61 17.31
N ALA A 106 3.58 -13.94 18.46
CA ALA A 106 4.82 -13.94 19.23
C ALA A 106 5.24 -15.36 19.59
N ARG A 107 6.30 -15.83 18.95
CA ARG A 107 6.81 -17.18 19.21
C ARG A 107 7.38 -17.29 20.62
N SER A 108 6.92 -18.30 21.36
CA SER A 108 7.39 -18.51 22.72
C SER A 108 7.00 -19.91 23.22
N GLY A 109 7.93 -20.56 23.91
CA GLY A 109 7.67 -21.89 24.42
C GLY A 109 7.46 -22.90 23.32
N PRO A 110 6.71 -23.97 23.63
CA PRO A 110 6.41 -25.04 22.67
C PRO A 110 5.45 -24.58 21.57
N SER A 111 5.99 -24.37 20.38
CA SER A 111 5.18 -23.92 19.25
C SER A 111 3.90 -24.75 19.14
N SER A 112 2.92 -24.21 18.42
CA SER A 112 1.64 -24.89 18.24
C SER A 112 1.77 -26.02 17.22
N GLY A 113 2.33 -25.70 16.06
CA GLY A 113 2.51 -26.69 15.02
C GLY A 113 3.60 -26.32 14.04
N GLY A 1 -29.77 5.72 -30.90
CA GLY A 1 -28.56 5.01 -30.57
C GLY A 1 -27.43 5.95 -30.17
N SER A 2 -26.94 5.80 -28.94
CA SER A 2 -25.86 6.63 -28.44
C SER A 2 -24.53 6.25 -29.09
N SER A 3 -23.48 7.01 -28.77
CA SER A 3 -22.16 6.76 -29.32
C SER A 3 -21.10 7.59 -28.60
N GLY A 4 -19.99 6.95 -28.25
CA GLY A 4 -18.91 7.63 -27.56
C GLY A 4 -17.60 6.88 -27.63
N SER A 5 -16.69 7.37 -28.45
CA SER A 5 -15.38 6.75 -28.61
C SER A 5 -14.25 7.75 -28.40
N SER A 6 -13.30 7.40 -27.54
CA SER A 6 -12.17 8.28 -27.25
C SER A 6 -10.89 7.74 -27.88
N GLY A 7 -9.85 8.57 -27.90
CA GLY A 7 -8.59 8.16 -28.48
C GLY A 7 -7.42 8.94 -27.91
N PRO A 8 -7.32 10.22 -28.26
CA PRO A 8 -6.24 11.10 -27.79
C PRO A 8 -6.36 11.43 -26.31
N ARG A 9 -7.41 10.90 -25.67
CA ARG A 9 -7.65 11.14 -24.26
C ARG A 9 -7.11 9.98 -23.42
N THR A 10 -5.87 9.59 -23.69
CA THR A 10 -5.23 8.49 -22.96
C THR A 10 -4.24 9.02 -21.94
N VAL A 11 -3.91 8.17 -20.95
CA VAL A 11 -2.97 8.55 -19.91
C VAL A 11 -1.75 7.64 -19.92
N LYS A 12 -0.70 8.08 -19.24
CA LYS A 12 0.54 7.30 -19.17
C LYS A 12 0.40 6.15 -18.17
N GLU A 13 0.67 4.94 -18.62
CA GLU A 13 0.58 3.76 -17.76
C GLU A 13 1.79 3.67 -16.83
N LEU A 14 1.58 4.02 -15.55
CA LEU A 14 2.65 3.97 -14.56
C LEU A 14 2.77 2.58 -13.94
N THR A 15 3.99 2.19 -13.62
CA THR A 15 4.23 0.89 -13.01
C THR A 15 4.32 0.99 -11.49
N VAL A 16 3.21 0.69 -10.83
CA VAL A 16 3.16 0.75 -9.37
C VAL A 16 3.41 -0.62 -8.75
N SER A 17 4.40 -0.69 -7.87
CA SER A 17 4.74 -1.94 -7.21
C SER A 17 5.30 -1.69 -5.81
N ALA A 18 4.62 -2.23 -4.80
CA ALA A 18 5.05 -2.07 -3.42
C ALA A 18 6.41 -2.72 -3.19
N GLY A 19 6.62 -3.87 -3.81
CA GLY A 19 7.87 -4.58 -3.64
C GLY A 19 7.68 -6.08 -3.54
N ASP A 20 7.15 -6.54 -2.42
CA ASP A 20 6.92 -7.96 -2.21
C ASP A 20 6.18 -8.21 -0.90
N ASN A 21 5.84 -9.46 -0.63
CA ASN A 21 5.13 -9.82 0.58
C ASN A 21 6.01 -9.60 1.81
N LEU A 22 5.42 -9.02 2.86
CA LEU A 22 6.15 -8.75 4.09
C LEU A 22 5.57 -9.56 5.25
N ILE A 23 6.44 -10.09 6.10
CA ILE A 23 6.01 -10.88 7.25
C ILE A 23 6.75 -10.45 8.51
N ILE A 24 6.01 -10.17 9.57
CA ILE A 24 6.59 -9.75 10.84
C ILE A 24 6.22 -10.72 11.96
N THR A 25 6.98 -10.68 13.05
CA THR A 25 6.73 -11.54 14.19
C THR A 25 6.71 -10.75 15.49
N LEU A 26 5.64 -10.93 16.27
CA LEU A 26 5.50 -10.23 17.53
C LEU A 26 6.75 -10.39 18.39
N PRO A 27 6.97 -9.43 19.30
CA PRO A 27 6.07 -8.29 19.48
C PRO A 27 6.12 -7.31 18.31
N ASP A 28 7.21 -7.37 17.56
CA ASP A 28 7.38 -6.49 16.40
C ASP A 28 6.12 -6.47 15.54
N ASN A 29 5.30 -5.44 15.73
CA ASN A 29 4.06 -5.31 14.98
C ASN A 29 4.09 -4.06 14.09
N GLU A 30 5.30 -3.61 13.74
CA GLU A 30 5.46 -2.44 12.91
C GLU A 30 6.08 -2.80 11.57
N VAL A 31 5.57 -2.21 10.50
CA VAL A 31 6.07 -2.46 9.16
C VAL A 31 6.06 -1.20 8.30
N GLU A 32 7.05 -1.07 7.42
CA GLU A 32 7.15 0.10 6.56
C GLU A 32 7.12 -0.32 5.08
N LEU A 33 6.00 -0.04 4.42
CA LEU A 33 5.84 -0.38 3.01
C LEU A 33 6.23 0.79 2.12
N LYS A 34 6.65 0.49 0.90
CA LYS A 34 7.04 1.52 -0.06
C LYS A 34 6.46 1.23 -1.44
N ALA A 35 5.89 2.25 -2.07
CA ALA A 35 5.30 2.11 -3.39
C ALA A 35 6.26 2.59 -4.48
N PHE A 36 6.76 1.65 -5.27
CA PHE A 36 7.70 1.97 -6.34
C PHE A 36 6.95 2.27 -7.64
N VAL A 37 7.13 3.49 -8.16
CA VAL A 37 6.48 3.91 -9.39
C VAL A 37 7.50 4.18 -10.48
N ALA A 38 7.39 3.45 -11.59
CA ALA A 38 8.30 3.62 -12.72
C ALA A 38 7.55 4.05 -13.97
N PRO A 39 8.14 5.00 -14.71
CA PRO A 39 9.43 5.59 -14.35
C PRO A 39 9.33 6.49 -13.11
N ALA A 40 10.48 6.81 -12.54
CA ALA A 40 10.53 7.65 -11.35
C ALA A 40 10.27 9.11 -11.70
N PRO A 41 9.51 9.81 -10.84
CA PRO A 41 9.17 11.21 -11.04
C PRO A 41 10.38 12.14 -10.87
N PRO A 42 10.40 13.24 -11.62
CA PRO A 42 11.48 14.22 -11.57
C PRO A 42 11.50 15.00 -10.25
N VAL A 43 12.31 16.05 -10.21
CA VAL A 43 12.41 16.88 -9.02
C VAL A 43 11.23 17.84 -8.91
N GLU A 44 10.64 18.17 -10.05
CA GLU A 44 9.50 19.08 -10.08
C GLU A 44 8.18 18.30 -10.01
N THR A 45 7.89 17.55 -11.07
CA THR A 45 6.65 16.77 -11.11
C THR A 45 6.64 15.69 -10.03
N THR A 46 5.47 15.45 -9.47
CA THR A 46 5.32 14.44 -8.42
C THR A 46 3.98 13.72 -8.52
N TYR A 47 3.92 12.50 -8.02
CA TYR A 47 2.69 11.72 -8.05
C TYR A 47 2.06 11.65 -6.67
N ASN A 48 0.77 11.34 -6.64
CA ASN A 48 0.03 11.23 -5.38
C ASN A 48 -0.01 9.79 -4.88
N TYR A 49 0.41 9.60 -3.64
CA TYR A 49 0.44 8.27 -3.04
C TYR A 49 -0.73 8.08 -2.07
N GLU A 50 -1.72 7.28 -2.49
CA GLU A 50 -2.89 7.03 -1.67
C GLU A 50 -3.02 5.54 -1.36
N TRP A 51 -3.09 5.22 -0.07
CA TRP A 51 -3.22 3.83 0.36
C TRP A 51 -4.61 3.56 0.91
N ASN A 52 -5.03 2.30 0.85
CA ASN A 52 -6.35 1.90 1.34
C ASN A 52 -6.39 0.41 1.64
N LEU A 53 -7.05 0.04 2.74
CA LEU A 53 -7.17 -1.34 3.14
C LEU A 53 -8.36 -2.01 2.47
N ILE A 54 -8.14 -3.19 1.88
CA ILE A 54 -9.20 -3.91 1.21
C ILE A 54 -9.36 -5.31 1.80
N SER A 55 -8.24 -5.98 2.02
CA SER A 55 -8.25 -7.33 2.59
C SER A 55 -7.70 -7.34 4.00
N HIS A 56 -8.56 -7.61 4.97
CA HIS A 56 -8.16 -7.65 6.37
C HIS A 56 -9.23 -8.32 7.23
N PRO A 57 -8.80 -8.93 8.34
CA PRO A 57 -9.70 -9.62 9.27
C PRO A 57 -10.60 -8.65 10.03
N THR A 58 -11.85 -9.05 10.25
CA THR A 58 -12.80 -8.22 10.96
C THR A 58 -12.29 -7.88 12.35
N ASP A 59 -11.52 -8.78 12.94
CA ASP A 59 -10.96 -8.56 14.28
C ASP A 59 -10.06 -7.34 14.29
N TYR A 60 -9.38 -7.09 13.17
CA TYR A 60 -8.47 -5.95 13.06
C TYR A 60 -9.09 -4.70 13.68
N GLN A 61 -8.25 -3.86 14.28
CA GLN A 61 -8.71 -2.63 14.90
C GLN A 61 -7.87 -1.45 14.45
N GLY A 62 -6.56 -1.65 14.35
CA GLY A 62 -5.67 -0.60 13.93
C GLY A 62 -6.27 0.28 12.84
N GLU A 63 -5.76 1.50 12.71
CA GLU A 63 -6.26 2.42 11.69
C GLU A 63 -5.11 2.98 10.86
N ILE A 64 -5.27 2.92 9.54
CA ILE A 64 -4.25 3.43 8.63
C ILE A 64 -4.51 4.88 8.24
N LYS A 65 -3.51 5.52 7.65
CA LYS A 65 -3.64 6.91 7.24
C LYS A 65 -3.51 7.04 5.72
N GLN A 66 -4.06 6.06 5.01
CA GLN A 66 -4.01 6.06 3.55
C GLN A 66 -2.63 6.47 3.05
N GLY A 67 -1.60 6.27 3.89
CA GLY A 67 -0.25 6.63 3.52
C GLY A 67 -0.20 7.83 2.60
N HIS A 68 -0.44 9.01 3.15
CA HIS A 68 -0.42 10.25 2.38
C HIS A 68 0.88 10.37 1.57
N LYS A 69 1.87 9.59 1.96
CA LYS A 69 3.17 9.61 1.29
C LYS A 69 3.38 8.33 0.49
N GLN A 70 4.56 8.19 -0.11
CA GLN A 70 4.88 7.01 -0.90
C GLN A 70 5.12 5.80 -0.01
N THR A 71 5.55 6.05 1.23
CA THR A 71 5.81 4.99 2.18
C THR A 71 4.80 5.00 3.31
N LEU A 72 4.32 3.81 3.68
CA LEU A 72 3.34 3.68 4.75
C LEU A 72 3.90 2.88 5.92
N ASN A 73 3.62 3.34 7.13
CA ASN A 73 4.11 2.67 8.33
C ASN A 73 2.94 2.29 9.25
N LEU A 74 2.88 1.02 9.62
CA LEU A 74 1.81 0.53 10.50
C LEU A 74 2.38 0.07 11.83
N SER A 75 1.51 -0.05 12.84
CA SER A 75 1.92 -0.48 14.16
C SER A 75 0.81 -1.26 14.86
N GLN A 76 1.09 -1.71 16.08
CA GLN A 76 0.11 -2.47 16.84
C GLN A 76 -0.70 -3.39 15.93
N LEU A 77 -0.08 -3.83 14.84
CA LEU A 77 -0.74 -4.72 13.89
C LEU A 77 -1.04 -6.07 14.52
N SER A 78 -2.29 -6.53 14.38
CA SER A 78 -2.70 -7.81 14.94
C SER A 78 -2.32 -8.95 14.01
N VAL A 79 -2.34 -10.17 14.54
CA VAL A 79 -2.00 -11.35 13.76
C VAL A 79 -3.04 -11.63 12.69
N GLY A 80 -2.77 -11.20 11.47
CA GLY A 80 -3.71 -11.40 10.38
C GLY A 80 -3.18 -10.88 9.05
N LEU A 81 -3.95 -11.09 7.99
CA LEU A 81 -3.55 -10.65 6.66
C LEU A 81 -4.06 -9.23 6.39
N TYR A 82 -3.21 -8.42 5.74
CA TYR A 82 -3.57 -7.05 5.42
C TYR A 82 -3.02 -6.65 4.06
N VAL A 83 -3.92 -6.46 3.09
CA VAL A 83 -3.53 -6.07 1.74
C VAL A 83 -3.81 -4.59 1.50
N PHE A 84 -2.73 -3.80 1.41
CA PHE A 84 -2.86 -2.37 1.17
C PHE A 84 -2.67 -2.05 -0.31
N LYS A 85 -3.64 -1.34 -0.88
CA LYS A 85 -3.59 -0.96 -2.29
C LYS A 85 -3.23 0.51 -2.44
N VAL A 86 -2.08 0.78 -3.06
CA VAL A 86 -1.63 2.15 -3.27
C VAL A 86 -2.07 2.66 -4.64
N THR A 87 -3.04 3.56 -4.65
CA THR A 87 -3.54 4.14 -5.89
C THR A 87 -2.83 5.44 -6.22
N VAL A 88 -2.07 5.44 -7.31
CA VAL A 88 -1.33 6.62 -7.73
C VAL A 88 -1.70 7.01 -9.16
N SER A 89 -2.42 8.12 -9.29
CA SER A 89 -2.84 8.60 -10.61
C SER A 89 -2.58 10.09 -10.75
N SER A 90 -2.24 10.52 -11.96
CA SER A 90 -1.97 11.93 -12.23
C SER A 90 -2.81 12.44 -13.39
N GLU A 91 -2.72 13.74 -13.66
CA GLU A 91 -3.47 14.36 -14.74
C GLU A 91 -3.41 13.50 -16.00
N ASN A 92 -2.19 13.20 -16.46
CA ASN A 92 -2.00 12.39 -17.65
C ASN A 92 -1.32 11.08 -17.31
N ALA A 93 -1.74 10.46 -16.20
CA ALA A 93 -1.18 9.19 -15.77
C ALA A 93 -2.12 8.46 -14.83
N PHE A 94 -1.89 7.17 -14.65
CA PHE A 94 -2.73 6.35 -13.79
C PHE A 94 -2.05 5.02 -13.47
N GLY A 95 -1.98 4.69 -12.18
CA GLY A 95 -1.36 3.45 -11.76
C GLY A 95 -1.69 3.09 -10.32
N GLU A 96 -1.46 1.82 -9.97
CA GLU A 96 -1.74 1.35 -8.62
C GLU A 96 -1.11 -0.02 -8.39
N GLY A 97 -0.97 -0.40 -7.11
CA GLY A 97 -0.39 -1.68 -6.78
C GLY A 97 -1.03 -2.30 -5.55
N PHE A 98 -0.47 -3.41 -5.10
CA PHE A 98 -1.00 -4.12 -3.94
C PHE A 98 0.12 -4.83 -3.17
N VAL A 99 0.01 -4.86 -1.85
CA VAL A 99 1.00 -5.51 -1.01
C VAL A 99 0.35 -6.25 0.15
N ASN A 100 0.72 -7.52 0.32
CA ASN A 100 0.16 -8.34 1.39
C ASN A 100 1.17 -8.48 2.54
N VAL A 101 0.71 -8.18 3.75
CA VAL A 101 1.57 -8.28 4.92
C VAL A 101 0.96 -9.19 5.97
N THR A 102 1.74 -10.18 6.42
CA THR A 102 1.27 -11.12 7.43
C THR A 102 1.96 -10.89 8.77
N VAL A 103 1.19 -11.00 9.85
CA VAL A 103 1.74 -10.81 11.19
C VAL A 103 1.73 -12.11 11.97
N LYS A 104 2.90 -12.74 12.09
CA LYS A 104 3.02 -13.99 12.82
C LYS A 104 3.00 -13.75 14.32
N PRO A 105 2.39 -14.68 15.06
CA PRO A 105 2.28 -14.58 16.52
C PRO A 105 3.62 -14.79 17.22
N ALA A 106 3.78 -14.18 18.38
CA ALA A 106 5.02 -14.29 19.15
C ALA A 106 5.31 -15.74 19.51
N ARG A 107 6.34 -16.30 18.90
CA ARG A 107 6.73 -17.69 19.16
C ARG A 107 7.46 -17.81 20.49
N SER A 108 6.86 -17.24 21.54
CA SER A 108 7.47 -17.28 22.87
C SER A 108 7.32 -18.66 23.49
N GLY A 109 8.32 -19.51 23.28
CA GLY A 109 8.28 -20.86 23.83
C GLY A 109 7.17 -21.71 23.21
N PRO A 110 7.43 -23.01 23.07
CA PRO A 110 6.46 -23.94 22.49
C PRO A 110 5.27 -24.18 23.41
N SER A 111 4.08 -24.22 22.82
CA SER A 111 2.85 -24.44 23.59
C SER A 111 2.70 -25.92 23.95
N SER A 112 2.36 -26.17 25.21
CA SER A 112 2.18 -27.54 25.69
C SER A 112 1.09 -27.60 26.77
N GLY A 113 0.28 -28.65 26.71
CA GLY A 113 -0.78 -28.81 27.69
C GLY A 113 -2.15 -28.75 27.06
N GLY A 1 -23.26 19.63 -24.44
CA GLY A 1 -23.57 20.10 -25.77
C GLY A 1 -24.32 19.06 -26.59
N SER A 2 -24.90 19.50 -27.71
CA SER A 2 -25.65 18.61 -28.58
C SER A 2 -24.72 17.71 -29.37
N SER A 3 -23.88 18.31 -30.21
CA SER A 3 -22.93 17.57 -31.03
C SER A 3 -22.01 16.73 -30.16
N GLY A 4 -21.30 17.39 -29.25
CA GLY A 4 -20.37 16.70 -28.37
C GLY A 4 -19.07 16.35 -29.06
N SER A 5 -17.96 16.79 -28.49
CA SER A 5 -16.64 16.53 -29.06
C SER A 5 -16.09 15.21 -28.53
N SER A 6 -15.21 14.59 -29.32
CA SER A 6 -14.60 13.33 -28.94
C SER A 6 -13.38 13.55 -28.05
N GLY A 7 -12.49 14.42 -28.48
CA GLY A 7 -11.30 14.71 -27.72
C GLY A 7 -10.67 13.46 -27.12
N PRO A 8 -9.86 12.75 -27.93
CA PRO A 8 -9.19 11.53 -27.50
C PRO A 8 -8.09 11.80 -26.47
N ARG A 9 -8.44 11.69 -25.19
CA ARG A 9 -7.50 11.92 -24.11
C ARG A 9 -7.16 10.61 -23.39
N THR A 10 -5.88 10.25 -23.39
CA THR A 10 -5.43 9.02 -22.75
C THR A 10 -4.40 9.33 -21.66
N VAL A 11 -4.28 8.42 -20.70
CA VAL A 11 -3.33 8.59 -19.60
C VAL A 11 -2.17 7.61 -19.74
N LYS A 12 -1.08 7.90 -19.05
CA LYS A 12 0.10 7.05 -19.08
C LYS A 12 -0.05 5.86 -18.14
N GLU A 13 0.67 4.78 -18.43
CA GLU A 13 0.61 3.58 -17.60
C GLU A 13 1.81 3.49 -16.67
N LEU A 14 1.62 3.94 -15.44
CA LEU A 14 2.68 3.92 -14.44
C LEU A 14 2.74 2.57 -13.74
N THR A 15 3.95 2.01 -13.64
CA THR A 15 4.13 0.73 -12.98
C THR A 15 4.30 0.89 -11.47
N VAL A 16 3.18 0.76 -10.75
CA VAL A 16 3.21 0.89 -9.30
C VAL A 16 3.46 -0.45 -8.62
N SER A 17 4.61 -0.56 -7.95
CA SER A 17 4.98 -1.79 -7.26
C SER A 17 5.57 -1.49 -5.88
N ALA A 18 4.94 -2.03 -4.85
CA ALA A 18 5.40 -1.83 -3.48
C ALA A 18 6.66 -2.64 -3.21
N GLY A 19 6.72 -3.84 -3.77
CA GLY A 19 7.88 -4.70 -3.57
C GLY A 19 7.51 -6.17 -3.57
N ASP A 20 6.98 -6.65 -2.45
CA ASP A 20 6.59 -8.05 -2.33
C ASP A 20 5.92 -8.32 -0.98
N ASN A 21 5.40 -9.53 -0.81
CA ASN A 21 4.73 -9.90 0.42
C ASN A 21 5.70 -9.87 1.60
N LEU A 22 5.29 -9.20 2.68
CA LEU A 22 6.12 -9.09 3.87
C LEU A 22 5.51 -9.87 5.04
N ILE A 23 6.37 -10.44 5.88
CA ILE A 23 5.91 -11.21 7.02
C ILE A 23 6.66 -10.80 8.29
N ILE A 24 5.92 -10.38 9.31
CA ILE A 24 6.51 -9.97 10.57
C ILE A 24 6.16 -10.94 11.69
N THR A 25 6.88 -10.85 12.80
CA THR A 25 6.64 -11.71 13.94
C THR A 25 6.63 -10.91 15.25
N LEU A 26 5.58 -11.13 16.05
CA LEU A 26 5.45 -10.43 17.32
C LEU A 26 6.71 -10.57 18.16
N PRO A 27 6.92 -9.62 19.08
CA PRO A 27 6.00 -8.49 19.28
C PRO A 27 6.02 -7.51 18.12
N ASP A 28 7.12 -7.51 17.37
CA ASP A 28 7.26 -6.61 16.23
C ASP A 28 5.96 -6.54 15.43
N ASN A 29 5.22 -5.46 15.61
CA ASN A 29 3.95 -5.27 14.91
C ASN A 29 4.00 -4.01 14.04
N GLU A 30 5.20 -3.62 13.65
CA GLU A 30 5.38 -2.43 12.82
C GLU A 30 6.09 -2.78 11.51
N VAL A 31 5.55 -2.31 10.40
CA VAL A 31 6.13 -2.58 9.09
C VAL A 31 6.14 -1.32 8.22
N GLU A 32 7.20 -1.15 7.45
CA GLU A 32 7.33 0.01 6.57
C GLU A 32 7.29 -0.41 5.10
N LEU A 33 6.23 -0.02 4.41
CA LEU A 33 6.07 -0.36 3.00
C LEU A 33 6.40 0.84 2.11
N LYS A 34 7.04 0.57 0.98
CA LYS A 34 7.41 1.63 0.05
C LYS A 34 6.83 1.36 -1.34
N ALA A 35 6.34 2.40 -1.98
CA ALA A 35 5.76 2.29 -3.32
C ALA A 35 6.71 2.80 -4.38
N PHE A 36 6.94 1.99 -5.42
CA PHE A 36 7.84 2.36 -6.50
C PHE A 36 7.04 2.65 -7.78
N VAL A 37 7.21 3.87 -8.30
CA VAL A 37 6.52 4.28 -9.52
C VAL A 37 7.50 4.41 -10.68
N ALA A 38 7.31 3.60 -11.70
CA ALA A 38 8.17 3.63 -12.88
C ALA A 38 7.37 3.96 -14.13
N PRO A 39 7.87 4.92 -14.92
CA PRO A 39 9.13 5.62 -14.61
C PRO A 39 8.99 6.55 -13.39
N ALA A 40 10.12 6.90 -12.79
CA ALA A 40 10.12 7.77 -11.62
C ALA A 40 9.86 9.23 -12.02
N PRO A 41 9.13 9.95 -11.18
CA PRO A 41 8.81 11.36 -11.42
C PRO A 41 10.03 12.28 -11.29
N PRO A 42 9.99 13.41 -12.02
CA PRO A 42 11.09 14.38 -12.01
C PRO A 42 11.21 15.10 -10.67
N VAL A 43 12.01 16.17 -10.65
CA VAL A 43 12.21 16.95 -9.44
C VAL A 43 11.03 17.89 -9.19
N GLU A 44 10.33 18.25 -10.27
CA GLU A 44 9.19 19.14 -10.17
C GLU A 44 7.90 18.35 -9.95
N THR A 45 7.47 17.64 -10.98
CA THR A 45 6.25 16.84 -10.90
C THR A 45 6.42 15.68 -9.95
N THR A 46 5.45 15.49 -9.05
CA THR A 46 5.49 14.41 -8.08
C THR A 46 4.16 13.67 -8.02
N TYR A 47 4.23 12.34 -8.09
CA TYR A 47 3.04 11.50 -8.05
C TYR A 47 2.44 11.48 -6.65
N ASN A 48 1.17 11.09 -6.56
CA ASN A 48 0.48 11.02 -5.28
C ASN A 48 0.34 9.58 -4.82
N TYR A 49 0.66 9.32 -3.55
CA TYR A 49 0.57 7.98 -2.99
C TYR A 49 -0.61 7.87 -2.03
N GLU A 50 -1.64 7.16 -2.45
CA GLU A 50 -2.84 6.98 -1.63
C GLU A 50 -3.00 5.51 -1.22
N TRP A 51 -2.70 5.22 0.03
CA TRP A 51 -2.81 3.85 0.54
C TRP A 51 -4.21 3.60 1.09
N ASN A 52 -4.63 2.34 1.05
CA ASN A 52 -5.96 1.95 1.54
C ASN A 52 -5.99 0.47 1.88
N LEU A 53 -6.76 0.13 2.92
CA LEU A 53 -6.89 -1.25 3.35
C LEU A 53 -8.15 -1.89 2.79
N ILE A 54 -7.98 -2.89 1.94
CA ILE A 54 -9.11 -3.59 1.34
C ILE A 54 -9.28 -4.99 1.92
N SER A 55 -8.19 -5.53 2.47
CA SER A 55 -8.22 -6.86 3.06
C SER A 55 -7.74 -6.82 4.50
N HIS A 56 -8.65 -7.20 5.42
CA HIS A 56 -8.32 -7.20 6.84
C HIS A 56 -9.29 -8.11 7.61
N PRO A 57 -8.77 -8.80 8.63
CA PRO A 57 -9.57 -9.70 9.47
C PRO A 57 -10.56 -8.95 10.34
N THR A 58 -11.47 -9.70 10.97
CA THR A 58 -12.47 -9.10 11.84
C THR A 58 -11.87 -8.67 13.17
N ASP A 59 -10.79 -9.34 13.57
CA ASP A 59 -10.11 -9.01 14.82
C ASP A 59 -9.56 -7.58 14.80
N TYR A 60 -9.16 -7.13 13.61
CA TYR A 60 -8.62 -5.79 13.45
C TYR A 60 -9.71 -4.80 13.02
N GLN A 61 -9.52 -3.54 13.38
CA GLN A 61 -10.49 -2.50 13.04
C GLN A 61 -10.10 -1.81 11.73
N GLY A 62 -8.86 -1.37 11.64
CA GLY A 62 -8.39 -0.70 10.44
C GLY A 62 -8.14 0.79 10.66
N GLU A 63 -6.96 1.12 11.15
CA GLU A 63 -6.61 2.51 11.41
C GLU A 63 -5.35 2.91 10.63
N ILE A 64 -5.57 3.56 9.48
CA ILE A 64 -4.46 3.99 8.63
C ILE A 64 -4.73 5.38 8.06
N LYS A 65 -3.65 6.11 7.77
CA LYS A 65 -3.77 7.45 7.21
C LYS A 65 -3.55 7.43 5.70
N GLN A 66 -3.85 6.29 5.08
CA GLN A 66 -3.69 6.15 3.64
C GLN A 66 -2.30 6.60 3.20
N GLY A 67 -1.34 6.54 4.12
CA GLY A 67 0.01 6.95 3.81
C GLY A 67 0.07 8.06 2.79
N HIS A 68 -0.06 9.29 3.25
CA HIS A 68 -0.02 10.45 2.37
C HIS A 68 1.32 10.57 1.66
N LYS A 69 2.27 9.73 2.08
CA LYS A 69 3.61 9.73 1.49
C LYS A 69 3.84 8.47 0.67
N GLN A 70 5.04 8.34 0.11
CA GLN A 70 5.39 7.18 -0.70
C GLN A 70 5.61 5.96 0.18
N THR A 71 5.86 6.19 1.46
CA THR A 71 6.10 5.09 2.40
C THR A 71 5.04 5.08 3.50
N LEU A 72 4.47 3.91 3.75
CA LEU A 72 3.43 3.76 4.77
C LEU A 72 3.93 2.87 5.92
N ASN A 73 3.75 3.36 7.14
CA ASN A 73 4.18 2.62 8.32
C ASN A 73 2.96 2.17 9.15
N LEU A 74 3.03 0.96 9.68
CA LEU A 74 1.95 0.42 10.49
C LEU A 74 2.40 0.20 11.93
N SER A 75 1.46 0.24 12.86
CA SER A 75 1.76 0.04 14.27
C SER A 75 0.64 -0.72 14.97
N GLN A 76 0.96 -1.31 16.12
CA GLN A 76 -0.03 -2.07 16.88
C GLN A 76 -0.74 -3.09 15.99
N LEU A 77 -0.03 -3.62 15.01
CA LEU A 77 -0.60 -4.60 14.10
C LEU A 77 -0.80 -5.94 14.79
N SER A 78 -1.95 -6.57 14.53
CA SER A 78 -2.26 -7.86 15.13
C SER A 78 -2.05 -9.00 14.13
N VAL A 79 -1.87 -10.21 14.65
CA VAL A 79 -1.65 -11.37 13.80
C VAL A 79 -2.82 -11.57 12.83
N GLY A 80 -2.58 -11.29 11.56
CA GLY A 80 -3.62 -11.44 10.56
C GLY A 80 -3.16 -11.02 9.17
N LEU A 81 -4.02 -11.21 8.18
CA LEU A 81 -3.70 -10.84 6.81
C LEU A 81 -4.16 -9.43 6.49
N TYR A 82 -3.21 -8.56 6.16
CA TYR A 82 -3.54 -7.17 5.82
C TYR A 82 -2.98 -6.79 4.46
N VAL A 83 -3.89 -6.50 3.53
CA VAL A 83 -3.49 -6.13 2.17
C VAL A 83 -3.74 -4.64 1.92
N PHE A 84 -2.66 -3.91 1.62
CA PHE A 84 -2.76 -2.48 1.36
C PHE A 84 -2.61 -2.19 -0.12
N LYS A 85 -3.55 -1.43 -0.68
CA LYS A 85 -3.52 -1.08 -2.09
C LYS A 85 -3.20 0.41 -2.27
N VAL A 86 -2.02 0.68 -2.83
CA VAL A 86 -1.60 2.06 -3.07
C VAL A 86 -2.00 2.53 -4.45
N THR A 87 -2.93 3.48 -4.51
CA THR A 87 -3.41 4.02 -5.78
C THR A 87 -2.69 5.32 -6.13
N VAL A 88 -1.81 5.26 -7.12
CA VAL A 88 -1.06 6.43 -7.55
C VAL A 88 -1.43 6.82 -8.98
N SER A 89 -2.09 7.98 -9.12
CA SER A 89 -2.50 8.46 -10.43
C SER A 89 -2.20 9.95 -10.57
N SER A 90 -2.03 10.40 -11.82
CA SER A 90 -1.73 11.79 -12.09
C SER A 90 -2.69 12.36 -13.13
N GLU A 91 -2.52 13.64 -13.44
CA GLU A 91 -3.38 14.31 -14.42
C GLU A 91 -3.47 13.49 -15.70
N ASN A 92 -2.31 13.09 -16.23
CA ASN A 92 -2.26 12.30 -17.45
C ASN A 92 -1.61 10.95 -17.21
N ALA A 93 -1.93 10.35 -16.06
CA ALA A 93 -1.38 9.04 -15.71
C ALA A 93 -2.27 8.33 -14.70
N PHE A 94 -2.04 7.02 -14.54
CA PHE A 94 -2.82 6.22 -13.61
C PHE A 94 -2.12 4.91 -13.28
N GLY A 95 -1.98 4.62 -12.00
CA GLY A 95 -1.32 3.40 -11.58
C GLY A 95 -1.67 3.01 -10.16
N GLU A 96 -1.38 1.76 -9.79
CA GLU A 96 -1.67 1.26 -8.46
C GLU A 96 -0.94 -0.04 -8.19
N GLY A 97 -0.69 -0.33 -6.91
CA GLY A 97 -0.01 -1.56 -6.55
C GLY A 97 -0.77 -2.38 -5.55
N PHE A 98 -0.20 -3.52 -5.15
CA PHE A 98 -0.85 -4.39 -4.18
C PHE A 98 0.19 -5.15 -3.35
N VAL A 99 0.20 -4.88 -2.05
CA VAL A 99 1.15 -5.53 -1.15
C VAL A 99 0.44 -6.03 0.11
N ASN A 100 0.72 -7.27 0.49
CA ASN A 100 0.11 -7.86 1.68
C ASN A 100 1.15 -8.09 2.76
N VAL A 101 0.72 -8.05 4.02
CA VAL A 101 1.62 -8.26 5.15
C VAL A 101 1.01 -9.22 6.16
N THR A 102 1.67 -10.36 6.35
CA THR A 102 1.20 -11.37 7.29
C THR A 102 1.90 -11.24 8.64
N VAL A 103 1.12 -11.03 9.69
CA VAL A 103 1.67 -10.89 11.04
C VAL A 103 1.61 -12.20 11.80
N LYS A 104 2.77 -12.84 11.97
CA LYS A 104 2.85 -14.10 12.68
C LYS A 104 2.72 -13.89 14.19
N PRO A 105 2.05 -14.83 14.86
CA PRO A 105 1.85 -14.77 16.32
C PRO A 105 3.14 -15.00 17.09
N ALA A 106 3.28 -14.28 18.20
CA ALA A 106 4.47 -14.41 19.05
C ALA A 106 4.66 -15.84 19.52
N ARG A 107 5.55 -16.57 18.87
CA ARG A 107 5.82 -17.96 19.23
C ARG A 107 7.01 -18.05 20.18
N SER A 108 6.73 -18.16 21.47
CA SER A 108 7.77 -18.26 22.48
C SER A 108 7.18 -18.53 23.87
N GLY A 109 8.02 -18.96 24.79
CA GLY A 109 7.56 -19.26 26.14
C GLY A 109 8.62 -19.95 26.97
N PRO A 110 8.54 -21.29 27.02
CA PRO A 110 9.49 -22.10 27.78
C PRO A 110 10.89 -22.10 27.17
N SER A 111 11.83 -22.78 27.82
CA SER A 111 13.20 -22.85 27.35
C SER A 111 13.52 -24.23 26.78
N SER A 112 14.16 -24.26 25.63
CA SER A 112 14.52 -25.51 24.98
C SER A 112 15.99 -25.51 24.56
N GLY A 113 16.84 -26.12 25.38
CA GLY A 113 18.26 -26.17 25.07
C GLY A 113 18.64 -27.42 24.30
N GLY A 1 -26.46 21.18 -18.13
CA GLY A 1 -25.32 21.59 -18.92
C GLY A 1 -24.34 20.46 -19.17
N SER A 2 -24.44 19.83 -20.34
CA SER A 2 -23.57 18.72 -20.69
C SER A 2 -22.42 19.19 -21.57
N SER A 3 -21.20 18.80 -21.21
CA SER A 3 -20.02 19.19 -21.98
C SER A 3 -18.88 18.20 -21.74
N GLY A 4 -18.14 17.90 -22.79
CA GLY A 4 -17.02 16.98 -22.68
C GLY A 4 -17.19 15.76 -23.56
N SER A 5 -16.17 15.45 -24.36
CA SER A 5 -16.22 14.30 -25.25
C SER A 5 -14.99 13.41 -25.06
N SER A 6 -15.12 12.14 -25.41
CA SER A 6 -14.03 11.19 -25.28
C SER A 6 -13.19 11.14 -26.55
N GLY A 7 -12.03 10.49 -26.46
CA GLY A 7 -11.16 10.38 -27.62
C GLY A 7 -9.70 10.52 -27.25
N PRO A 8 -9.16 11.75 -27.37
CA PRO A 8 -7.76 12.04 -27.06
C PRO A 8 -7.48 11.96 -25.57
N ARG A 9 -8.40 12.48 -24.77
CA ARG A 9 -8.24 12.47 -23.31
C ARG A 9 -7.90 11.08 -22.82
N THR A 10 -6.61 10.79 -22.74
CA THR A 10 -6.14 9.48 -22.28
C THR A 10 -4.97 9.62 -21.31
N VAL A 11 -4.82 8.65 -20.42
CA VAL A 11 -3.73 8.68 -19.45
C VAL A 11 -2.72 7.57 -19.73
N LYS A 12 -1.53 7.70 -19.14
CA LYS A 12 -0.47 6.72 -19.34
C LYS A 12 -0.59 5.59 -18.32
N GLU A 13 -0.21 4.38 -18.74
CA GLU A 13 -0.28 3.22 -17.86
C GLU A 13 1.02 3.04 -17.08
N LEU A 14 1.00 3.44 -15.81
CA LEU A 14 2.19 3.33 -14.97
C LEU A 14 2.21 1.98 -14.24
N THR A 15 3.41 1.58 -13.80
CA THR A 15 3.57 0.31 -13.10
C THR A 15 3.84 0.53 -11.62
N VAL A 16 2.80 0.43 -10.80
CA VAL A 16 2.93 0.62 -9.36
C VAL A 16 3.27 -0.69 -8.66
N SER A 17 4.27 -0.65 -7.80
CA SER A 17 4.70 -1.83 -7.06
C SER A 17 5.30 -1.45 -5.71
N ALA A 18 4.81 -2.07 -4.65
CA ALA A 18 5.30 -1.80 -3.31
C ALA A 18 6.65 -2.48 -3.07
N GLY A 19 6.80 -3.67 -3.61
CA GLY A 19 8.05 -4.41 -3.45
C GLY A 19 7.84 -5.90 -3.38
N ASP A 20 7.42 -6.39 -2.22
CA ASP A 20 7.18 -7.82 -2.02
C ASP A 20 6.43 -8.07 -0.72
N ASN A 21 5.95 -9.30 -0.55
CA ASN A 21 5.23 -9.67 0.67
C ASN A 21 6.13 -9.57 1.89
N LEU A 22 5.61 -8.94 2.94
CA LEU A 22 6.37 -8.77 4.18
C LEU A 22 5.73 -9.56 5.31
N ILE A 23 6.57 -10.18 6.14
CA ILE A 23 6.09 -10.98 7.27
C ILE A 23 6.77 -10.55 8.56
N ILE A 24 5.99 -10.10 9.53
CA ILE A 24 6.52 -9.67 10.82
C ILE A 24 6.11 -10.63 11.92
N THR A 25 6.85 -10.60 13.03
CA THR A 25 6.56 -11.46 14.17
C THR A 25 6.51 -10.67 15.47
N LEU A 26 5.44 -10.86 16.23
CA LEU A 26 5.27 -10.16 17.50
C LEU A 26 6.51 -10.30 18.37
N PRO A 27 6.70 -9.35 19.30
CA PRO A 27 5.79 -8.22 19.46
C PRO A 27 5.85 -7.24 18.29
N ASP A 28 6.97 -7.25 17.58
CA ASP A 28 7.15 -6.37 16.43
C ASP A 28 5.94 -6.40 15.51
N ASN A 29 5.06 -5.42 15.66
CA ASN A 29 3.85 -5.35 14.85
C ASN A 29 3.88 -4.11 13.96
N GLU A 30 5.07 -3.59 13.69
CA GLU A 30 5.23 -2.41 12.86
C GLU A 30 5.89 -2.77 11.53
N VAL A 31 5.42 -2.16 10.46
CA VAL A 31 5.96 -2.40 9.13
C VAL A 31 6.00 -1.13 8.29
N GLU A 32 7.10 -0.93 7.57
CA GLU A 32 7.25 0.26 6.73
C GLU A 32 7.27 -0.13 5.25
N LEU A 33 6.14 0.10 4.59
CA LEU A 33 6.02 -0.23 3.17
C LEU A 33 6.38 0.98 2.31
N LYS A 34 6.86 0.71 1.10
CA LYS A 34 7.24 1.77 0.17
C LYS A 34 6.46 1.67 -1.13
N ALA A 35 6.35 2.79 -1.85
CA ALA A 35 5.64 2.81 -3.12
C ALA A 35 6.58 3.14 -4.27
N PHE A 36 6.68 2.21 -5.22
CA PHE A 36 7.54 2.39 -6.38
C PHE A 36 6.72 2.43 -7.67
N VAL A 37 7.02 3.40 -8.53
CA VAL A 37 6.32 3.54 -9.79
C VAL A 37 7.29 3.87 -10.93
N ALA A 38 7.01 3.32 -12.11
CA ALA A 38 7.85 3.56 -13.28
C ALA A 38 7.01 3.92 -14.50
N PRO A 39 7.49 4.89 -15.28
CA PRO A 39 8.75 5.60 -14.99
C PRO A 39 8.63 6.49 -13.76
N ALA A 40 9.76 6.72 -13.10
CA ALA A 40 9.79 7.57 -11.91
C ALA A 40 9.67 9.04 -12.27
N PRO A 41 8.97 9.81 -11.42
CA PRO A 41 8.76 11.24 -11.64
C PRO A 41 10.04 12.05 -11.47
N PRO A 42 10.02 13.31 -11.93
CA PRO A 42 11.17 14.21 -11.84
C PRO A 42 11.45 14.65 -10.41
N VAL A 43 12.32 15.63 -10.25
CA VAL A 43 12.67 16.14 -8.93
C VAL A 43 11.65 17.16 -8.45
N GLU A 44 10.83 17.66 -9.37
CA GLU A 44 9.80 18.64 -9.04
C GLU A 44 8.44 17.97 -8.90
N THR A 45 7.85 17.60 -10.03
CA THR A 45 6.55 16.94 -10.03
C THR A 45 6.61 15.58 -9.37
N THR A 46 5.77 15.37 -8.37
CA THR A 46 5.73 14.10 -7.64
C THR A 46 4.30 13.56 -7.58
N TYR A 47 4.11 12.36 -8.10
CA TYR A 47 2.80 11.72 -8.10
C TYR A 47 2.18 11.75 -6.71
N ASN A 48 0.97 11.22 -6.60
CA ASN A 48 0.27 11.18 -5.31
C ASN A 48 0.15 9.76 -4.80
N TYR A 49 0.65 9.51 -3.60
CA TYR A 49 0.59 8.19 -2.99
C TYR A 49 -0.59 8.07 -2.03
N GLU A 50 -1.59 7.31 -2.43
CA GLU A 50 -2.78 7.10 -1.60
C GLU A 50 -2.97 5.63 -1.25
N TRP A 51 -2.68 5.29 -0.01
CA TRP A 51 -2.83 3.91 0.46
C TRP A 51 -4.23 3.65 0.97
N ASN A 52 -4.63 2.38 0.96
CA ASN A 52 -5.96 2.00 1.43
C ASN A 52 -6.03 0.50 1.71
N LEU A 53 -6.72 0.13 2.77
CA LEU A 53 -6.87 -1.27 3.16
C LEU A 53 -8.08 -1.90 2.48
N ILE A 54 -7.88 -3.08 1.92
CA ILE A 54 -8.96 -3.80 1.24
C ILE A 54 -9.12 -5.21 1.79
N SER A 55 -8.00 -5.93 1.90
CA SER A 55 -8.02 -7.30 2.40
C SER A 55 -7.52 -7.34 3.84
N HIS A 56 -8.45 -7.38 4.80
CA HIS A 56 -8.10 -7.42 6.21
C HIS A 56 -9.18 -8.15 7.01
N PRO A 57 -8.75 -8.88 8.04
CA PRO A 57 -9.66 -9.64 8.91
C PRO A 57 -10.52 -8.73 9.78
N THR A 58 -11.79 -9.11 9.94
CA THR A 58 -12.72 -8.33 10.75
C THR A 58 -12.14 -8.02 12.12
N ASP A 59 -11.31 -8.94 12.62
CA ASP A 59 -10.69 -8.77 13.92
C ASP A 59 -9.79 -7.53 13.95
N TYR A 60 -9.20 -7.22 12.81
CA TYR A 60 -8.33 -6.06 12.70
C TYR A 60 -9.01 -4.80 13.21
N GLN A 61 -8.26 -3.98 13.93
CA GLN A 61 -8.79 -2.74 14.49
C GLN A 61 -7.92 -1.55 14.10
N GLY A 62 -6.61 -1.79 13.97
CA GLY A 62 -5.70 -0.72 13.60
C GLY A 62 -6.28 0.21 12.56
N GLU A 63 -5.76 1.43 12.50
CA GLU A 63 -6.24 2.42 11.55
C GLU A 63 -5.08 3.02 10.76
N ILE A 64 -5.21 3.02 9.44
CA ILE A 64 -4.16 3.57 8.57
C ILE A 64 -4.52 4.97 8.10
N LYS A 65 -3.51 5.75 7.75
CA LYS A 65 -3.71 7.12 7.29
C LYS A 65 -3.53 7.21 5.78
N GLN A 66 -3.90 6.13 5.08
CA GLN A 66 -3.78 6.09 3.63
C GLN A 66 -2.40 6.55 3.18
N GLY A 67 -1.42 6.40 4.06
CA GLY A 67 -0.07 6.81 3.74
C GLY A 67 -0.02 8.01 2.81
N HIS A 68 -0.21 9.20 3.37
CA HIS A 68 -0.19 10.42 2.59
C HIS A 68 1.13 10.57 1.83
N LYS A 69 2.11 9.76 2.20
CA LYS A 69 3.42 9.78 1.57
C LYS A 69 3.70 8.49 0.83
N GLN A 70 4.86 8.42 0.16
CA GLN A 70 5.23 7.23 -0.59
C GLN A 70 5.35 6.02 0.33
N THR A 71 5.70 6.27 1.59
CA THR A 71 5.84 5.20 2.57
C THR A 71 4.64 5.14 3.50
N LEU A 72 4.25 3.92 3.88
CA LEU A 72 3.11 3.73 4.76
C LEU A 72 3.51 2.93 5.99
N ASN A 73 3.62 3.61 7.13
CA ASN A 73 3.99 2.96 8.38
C ASN A 73 2.76 2.53 9.17
N LEU A 74 2.76 1.29 9.64
CA LEU A 74 1.64 0.76 10.40
C LEU A 74 2.06 0.43 11.83
N SER A 75 1.08 0.34 12.73
CA SER A 75 1.35 0.03 14.12
C SER A 75 0.23 -0.81 14.72
N GLN A 76 0.46 -1.32 15.93
CA GLN A 76 -0.53 -2.14 16.62
C GLN A 76 -1.20 -3.11 15.65
N LEU A 77 -0.39 -3.77 14.81
CA LEU A 77 -0.90 -4.71 13.83
C LEU A 77 -1.09 -6.09 14.46
N SER A 78 -2.33 -6.58 14.42
CA SER A 78 -2.65 -7.88 15.00
C SER A 78 -2.23 -9.01 14.05
N VAL A 79 -2.38 -10.24 14.51
CA VAL A 79 -2.02 -11.40 13.71
C VAL A 79 -3.06 -11.66 12.63
N GLY A 80 -2.67 -11.41 11.37
CA GLY A 80 -3.58 -11.62 10.26
C GLY A 80 -3.04 -11.08 8.95
N LEU A 81 -3.77 -11.30 7.87
CA LEU A 81 -3.36 -10.83 6.55
C LEU A 81 -3.86 -9.42 6.31
N TYR A 82 -3.03 -8.62 5.63
CA TYR A 82 -3.40 -7.23 5.33
C TYR A 82 -2.88 -6.84 3.95
N VAL A 83 -3.80 -6.47 3.06
CA VAL A 83 -3.45 -6.07 1.71
C VAL A 83 -3.69 -4.58 1.49
N PHE A 84 -2.60 -3.83 1.33
CA PHE A 84 -2.69 -2.39 1.12
C PHE A 84 -2.51 -2.04 -0.35
N LYS A 85 -3.49 -1.33 -0.90
CA LYS A 85 -3.44 -0.93 -2.31
C LYS A 85 -3.10 0.54 -2.44
N VAL A 86 -1.91 0.83 -2.95
CA VAL A 86 -1.46 2.20 -3.13
C VAL A 86 -1.84 2.72 -4.51
N THR A 87 -2.87 3.57 -4.57
CA THR A 87 -3.33 4.14 -5.83
C THR A 87 -2.58 5.43 -6.15
N VAL A 88 -1.75 5.37 -7.18
CA VAL A 88 -0.97 6.54 -7.60
C VAL A 88 -1.29 6.92 -9.04
N SER A 89 -1.91 8.08 -9.22
CA SER A 89 -2.26 8.56 -10.55
C SER A 89 -1.89 10.03 -10.71
N SER A 90 -1.78 10.47 -11.97
CA SER A 90 -1.42 11.85 -12.26
C SER A 90 -2.43 12.47 -13.23
N GLU A 91 -2.17 13.72 -13.61
CA GLU A 91 -3.04 14.43 -14.54
C GLU A 91 -3.19 13.67 -15.85
N ASN A 92 -2.12 13.02 -16.28
CA ASN A 92 -2.13 12.26 -17.51
C ASN A 92 -1.57 10.85 -17.29
N ALA A 93 -1.84 10.29 -16.12
CA ALA A 93 -1.36 8.96 -15.77
C ALA A 93 -2.25 8.32 -14.71
N PHE A 94 -2.08 7.01 -14.51
CA PHE A 94 -2.86 6.29 -13.52
C PHE A 94 -2.21 4.95 -13.20
N GLY A 95 -2.02 4.68 -11.90
CA GLY A 95 -1.40 3.43 -11.49
C GLY A 95 -1.87 3.00 -10.11
N GLU A 96 -1.82 1.69 -9.86
CA GLU A 96 -2.24 1.14 -8.57
C GLU A 96 -1.33 -0.01 -8.15
N GLY A 97 -1.01 -0.05 -6.86
CA GLY A 97 -0.14 -1.10 -6.35
C GLY A 97 -0.87 -2.00 -5.36
N PHE A 98 -0.27 -3.15 -5.07
CA PHE A 98 -0.86 -4.11 -4.13
C PHE A 98 0.23 -4.88 -3.39
N VAL A 99 0.16 -4.86 -2.07
CA VAL A 99 1.14 -5.56 -1.24
C VAL A 99 0.45 -6.30 -0.10
N ASN A 100 0.89 -7.53 0.14
CA ASN A 100 0.32 -8.35 1.21
C ASN A 100 1.32 -8.51 2.35
N VAL A 101 0.84 -8.28 3.58
CA VAL A 101 1.69 -8.41 4.76
C VAL A 101 1.07 -9.33 5.79
N THR A 102 1.84 -10.30 6.27
CA THR A 102 1.36 -11.25 7.26
C THR A 102 2.04 -11.04 8.60
N VAL A 103 1.25 -11.11 9.68
CA VAL A 103 1.78 -10.93 11.03
C VAL A 103 1.66 -12.20 11.84
N LYS A 104 2.80 -12.80 12.18
CA LYS A 104 2.83 -14.02 12.96
C LYS A 104 2.75 -13.72 14.45
N PRO A 105 2.11 -14.62 15.21
CA PRO A 105 1.95 -14.47 16.66
C PRO A 105 3.27 -14.63 17.41
N ALA A 106 3.35 -14.04 18.60
CA ALA A 106 4.56 -14.12 19.42
C ALA A 106 4.84 -15.57 19.83
N ARG A 107 5.88 -16.16 19.23
CA ARG A 107 6.25 -17.53 19.54
C ARG A 107 7.09 -17.59 20.81
N SER A 108 6.71 -16.81 21.81
CA SER A 108 7.43 -16.76 23.07
C SER A 108 6.94 -17.87 24.01
N GLY A 109 5.63 -17.93 24.22
CA GLY A 109 5.07 -18.94 25.09
C GLY A 109 3.56 -19.05 24.95
N PRO A 110 3.09 -20.25 24.57
CA PRO A 110 1.66 -20.51 24.39
C PRO A 110 0.89 -20.52 25.70
N SER A 111 1.63 -20.51 26.80
CA SER A 111 1.02 -20.52 28.13
C SER A 111 0.29 -19.20 28.40
N SER A 112 -0.89 -19.05 27.78
CA SER A 112 -1.69 -17.85 27.95
C SER A 112 -2.45 -17.88 29.27
N GLY A 113 -2.66 -16.71 29.86
CA GLY A 113 -3.38 -16.63 31.12
C GLY A 113 -2.56 -15.98 32.21
N GLY A 1 -27.19 8.25 -24.98
CA GLY A 1 -26.75 7.09 -25.73
C GLY A 1 -25.63 7.41 -26.70
N SER A 2 -24.43 6.92 -26.39
CA SER A 2 -23.27 7.15 -27.25
C SER A 2 -22.58 5.84 -27.60
N SER A 3 -22.69 5.44 -28.85
CA SER A 3 -22.07 4.20 -29.32
C SER A 3 -20.55 4.37 -29.48
N GLY A 4 -19.81 4.07 -28.42
CA GLY A 4 -18.37 4.20 -28.47
C GLY A 4 -17.85 5.29 -27.57
N SER A 5 -16.73 5.04 -26.90
CA SER A 5 -16.13 6.00 -25.99
C SER A 5 -16.11 7.40 -26.63
N SER A 6 -16.55 8.39 -25.87
CA SER A 6 -16.58 9.77 -26.36
C SER A 6 -15.22 10.44 -26.18
N GLY A 7 -14.34 10.23 -27.15
CA GLY A 7 -13.01 10.82 -27.08
C GLY A 7 -11.95 9.83 -26.64
N PRO A 8 -10.81 9.83 -27.34
CA PRO A 8 -9.70 8.92 -27.04
C PRO A 8 -9.01 9.27 -25.71
N ARG A 9 -9.53 10.29 -25.03
CA ARG A 9 -8.97 10.72 -23.76
C ARG A 9 -8.43 9.52 -22.98
N THR A 10 -7.11 9.38 -22.95
CA THR A 10 -6.47 8.29 -22.23
C THR A 10 -5.31 8.79 -21.38
N VAL A 11 -4.99 8.05 -20.33
CA VAL A 11 -3.91 8.43 -19.42
C VAL A 11 -2.73 7.46 -19.55
N LYS A 12 -1.59 7.85 -18.98
CA LYS A 12 -0.39 7.03 -19.05
C LYS A 12 -0.58 5.73 -18.27
N GLU A 13 0.39 4.83 -18.36
CA GLU A 13 0.33 3.55 -17.66
C GLU A 13 1.53 3.37 -16.74
N LEU A 14 1.42 3.91 -15.52
CA LEU A 14 2.50 3.80 -14.55
C LEU A 14 2.48 2.45 -13.84
N THR A 15 3.65 1.85 -13.66
CA THR A 15 3.76 0.56 -13.00
C THR A 15 4.08 0.73 -11.51
N VAL A 16 3.03 0.73 -10.68
CA VAL A 16 3.20 0.88 -9.25
C VAL A 16 3.43 -0.47 -8.58
N SER A 17 4.43 -0.52 -7.71
CA SER A 17 4.76 -1.75 -6.99
C SER A 17 5.37 -1.45 -5.63
N ALA A 18 4.80 -2.05 -4.59
CA ALA A 18 5.28 -1.84 -3.23
C ALA A 18 6.58 -2.61 -2.99
N GLY A 19 6.64 -3.83 -3.49
CA GLY A 19 7.84 -4.64 -3.31
C GLY A 19 7.53 -6.12 -3.28
N ASP A 20 7.01 -6.59 -2.15
CA ASP A 20 6.66 -8.00 -2.00
C ASP A 20 5.95 -8.24 -0.67
N ASN A 21 5.53 -9.48 -0.44
CA ASN A 21 4.83 -9.85 0.78
C ASN A 21 5.77 -9.81 1.98
N LEU A 22 5.35 -9.13 3.03
CA LEU A 22 6.16 -9.02 4.25
C LEU A 22 5.51 -9.77 5.41
N ILE A 23 6.33 -10.44 6.20
CA ILE A 23 5.84 -11.20 7.35
C ILE A 23 6.57 -10.81 8.62
N ILE A 24 5.83 -10.33 9.61
CA ILE A 24 6.41 -9.92 10.88
C ILE A 24 5.99 -10.87 12.01
N THR A 25 6.76 -10.85 13.10
CA THR A 25 6.47 -11.70 14.24
C THR A 25 6.45 -10.90 15.54
N LEU A 26 5.36 -11.01 16.28
CA LEU A 26 5.22 -10.29 17.54
C LEU A 26 6.45 -10.50 18.43
N PRO A 27 6.68 -9.55 19.35
CA PRO A 27 5.81 -8.38 19.53
C PRO A 27 5.93 -7.40 18.36
N ASP A 28 7.02 -7.50 17.62
CA ASP A 28 7.25 -6.62 16.48
C ASP A 28 6.04 -6.61 15.55
N ASN A 29 5.21 -5.57 15.69
CA ASN A 29 4.01 -5.43 14.87
C ASN A 29 4.09 -4.20 13.99
N GLU A 30 5.32 -3.79 13.67
CA GLU A 30 5.53 -2.61 12.82
C GLU A 30 6.11 -3.02 11.47
N VAL A 31 5.62 -2.38 10.41
CA VAL A 31 6.08 -2.67 9.06
C VAL A 31 6.13 -1.40 8.21
N GLU A 32 7.21 -1.24 7.45
CA GLU A 32 7.37 -0.08 6.58
C GLU A 32 7.39 -0.49 5.11
N LEU A 33 6.39 -0.04 4.37
CA LEU A 33 6.29 -0.36 2.95
C LEU A 33 6.77 0.81 2.09
N LYS A 34 7.19 0.51 0.87
CA LYS A 34 7.68 1.53 -0.04
C LYS A 34 7.07 1.35 -1.44
N ALA A 35 6.52 2.43 -1.98
CA ALA A 35 5.91 2.39 -3.30
C ALA A 35 6.94 2.67 -4.38
N PHE A 36 6.87 1.91 -5.47
CA PHE A 36 7.80 2.07 -6.58
C PHE A 36 7.05 2.17 -7.90
N VAL A 37 7.16 3.34 -8.54
CA VAL A 37 6.49 3.57 -9.81
C VAL A 37 7.49 4.00 -10.89
N ALA A 38 7.27 3.51 -12.11
CA ALA A 38 8.15 3.84 -13.22
C ALA A 38 7.35 4.13 -14.49
N PRO A 39 7.84 5.06 -15.31
CA PRO A 39 9.08 5.80 -15.01
C PRO A 39 8.93 6.76 -13.84
N ALA A 40 10.04 7.05 -13.18
CA ALA A 40 10.03 7.97 -12.03
C ALA A 40 9.76 9.40 -12.47
N PRO A 41 8.96 10.12 -11.68
CA PRO A 41 8.62 11.52 -11.97
C PRO A 41 9.80 12.46 -11.79
N PRO A 42 9.73 13.64 -12.41
CA PRO A 42 10.78 14.65 -12.34
C PRO A 42 10.87 15.28 -10.95
N VAL A 43 11.65 16.36 -10.86
CA VAL A 43 11.83 17.06 -9.59
C VAL A 43 10.60 17.89 -9.24
N GLU A 44 10.06 18.59 -10.23
CA GLU A 44 8.88 19.42 -10.04
C GLU A 44 7.63 18.56 -9.92
N THR A 45 7.28 17.88 -11.00
CA THR A 45 6.09 17.03 -11.03
C THR A 45 6.34 15.74 -10.26
N THR A 46 5.41 15.41 -9.35
CA THR A 46 5.53 14.20 -8.55
C THR A 46 4.16 13.56 -8.32
N TYR A 47 4.11 12.23 -8.44
CA TYR A 47 2.86 11.50 -8.24
C TYR A 47 2.45 11.50 -6.77
N ASN A 48 1.20 11.16 -6.51
CA ASN A 48 0.68 11.11 -5.15
C ASN A 48 0.50 9.67 -4.68
N TYR A 49 0.93 9.39 -3.46
CA TYR A 49 0.82 8.05 -2.89
C TYR A 49 -0.35 7.96 -1.92
N GLU A 50 -1.36 7.18 -2.29
CA GLU A 50 -2.54 7.02 -1.45
C GLU A 50 -2.74 5.55 -1.06
N TRP A 51 -2.40 5.22 0.18
CA TRP A 51 -2.55 3.85 0.67
C TRP A 51 -3.92 3.63 1.28
N ASN A 52 -4.33 2.37 1.35
CA ASN A 52 -5.63 2.02 1.92
C ASN A 52 -5.74 0.51 2.15
N LEU A 53 -6.58 0.13 3.10
CA LEU A 53 -6.78 -1.28 3.42
C LEU A 53 -8.07 -1.81 2.79
N ILE A 54 -7.92 -2.65 1.78
CA ILE A 54 -9.07 -3.24 1.10
C ILE A 54 -9.37 -4.65 1.61
N SER A 55 -8.32 -5.34 2.06
CA SER A 55 -8.47 -6.69 2.58
C SER A 55 -7.90 -6.80 3.98
N HIS A 56 -8.73 -7.26 4.92
CA HIS A 56 -8.30 -7.41 6.31
C HIS A 56 -9.28 -8.29 7.08
N PRO A 57 -8.77 -8.98 8.12
CA PRO A 57 -9.59 -9.86 8.95
C PRO A 57 -10.58 -9.09 9.82
N THR A 58 -11.54 -9.81 10.40
CA THR A 58 -12.55 -9.20 11.25
C THR A 58 -11.94 -8.72 12.57
N ASP A 59 -10.90 -9.42 13.02
CA ASP A 59 -10.23 -9.07 14.27
C ASP A 59 -9.63 -7.68 14.19
N TYR A 60 -9.34 -7.22 12.97
CA TYR A 60 -8.75 -5.91 12.76
C TYR A 60 -9.79 -4.94 12.19
N GLN A 61 -9.91 -3.78 12.83
CA GLN A 61 -10.86 -2.77 12.39
C GLN A 61 -10.40 -2.10 11.10
N GLY A 62 -9.18 -1.58 11.11
CA GLY A 62 -8.63 -0.92 9.94
C GLY A 62 -8.36 0.55 10.18
N GLU A 63 -7.15 0.85 10.66
CA GLU A 63 -6.76 2.23 10.94
C GLU A 63 -5.42 2.55 10.31
N ILE A 64 -5.44 3.32 9.23
CA ILE A 64 -4.22 3.69 8.53
C ILE A 64 -4.31 5.12 8.00
N LYS A 65 -3.17 5.81 7.97
CA LYS A 65 -3.12 7.18 7.48
C LYS A 65 -2.96 7.22 5.97
N GLN A 66 -3.41 6.16 5.31
CA GLN A 66 -3.32 6.06 3.85
C GLN A 66 -1.94 6.51 3.36
N GLY A 67 -0.94 6.40 4.23
CA GLY A 67 0.41 6.79 3.88
C GLY A 67 0.43 7.95 2.90
N HIS A 68 0.28 9.17 3.44
CA HIS A 68 0.29 10.37 2.61
C HIS A 68 1.60 10.49 1.84
N LYS A 69 2.58 9.67 2.21
CA LYS A 69 3.88 9.69 1.55
C LYS A 69 4.10 8.42 0.75
N GLN A 70 5.29 8.27 0.18
CA GLN A 70 5.63 7.10 -0.62
C GLN A 70 5.77 5.87 0.28
N THR A 71 6.09 6.09 1.55
CA THR A 71 6.26 5.00 2.50
C THR A 71 5.13 4.99 3.53
N LEU A 72 4.75 3.80 3.96
CA LEU A 72 3.68 3.64 4.94
C LEU A 72 4.15 2.82 6.13
N ASN A 73 4.06 3.38 7.32
CA ASN A 73 4.48 2.70 8.54
C ASN A 73 3.28 2.37 9.41
N LEU A 74 3.21 1.12 9.88
CA LEU A 74 2.11 0.68 10.73
C LEU A 74 2.62 0.24 12.10
N SER A 75 1.72 0.17 13.07
CA SER A 75 2.08 -0.23 14.42
C SER A 75 0.93 -0.98 15.09
N GLN A 76 1.16 -1.44 16.32
CA GLN A 76 0.15 -2.17 17.07
C GLN A 76 -0.65 -3.09 16.15
N LEU A 77 0.02 -3.66 15.16
CA LEU A 77 -0.63 -4.55 14.20
C LEU A 77 -0.87 -5.92 14.83
N SER A 78 -2.11 -6.40 14.74
CA SER A 78 -2.46 -7.70 15.30
C SER A 78 -2.14 -8.82 14.32
N VAL A 79 -2.50 -10.05 14.70
CA VAL A 79 -2.24 -11.21 13.85
C VAL A 79 -3.29 -11.34 12.76
N GLY A 80 -2.84 -11.38 11.50
CA GLY A 80 -3.76 -11.50 10.39
C GLY A 80 -3.17 -10.98 9.09
N LEU A 81 -3.84 -11.26 7.98
CA LEU A 81 -3.38 -10.82 6.67
C LEU A 81 -3.94 -9.44 6.33
N TYR A 82 -3.05 -8.49 6.06
CA TYR A 82 -3.46 -7.13 5.73
C TYR A 82 -2.90 -6.72 4.36
N VAL A 83 -3.80 -6.31 3.46
CA VAL A 83 -3.41 -5.88 2.13
C VAL A 83 -3.53 -4.38 1.97
N PHE A 84 -2.44 -3.72 1.58
CA PHE A 84 -2.43 -2.27 1.39
C PHE A 84 -2.31 -1.93 -0.09
N LYS A 85 -3.30 -1.18 -0.60
CA LYS A 85 -3.30 -0.77 -1.99
C LYS A 85 -2.84 0.67 -2.14
N VAL A 86 -1.75 0.88 -2.85
CA VAL A 86 -1.20 2.21 -3.06
C VAL A 86 -1.64 2.77 -4.42
N THR A 87 -2.73 3.52 -4.41
CA THR A 87 -3.26 4.12 -5.63
C THR A 87 -2.51 5.39 -6.00
N VAL A 88 -1.74 5.32 -7.09
CA VAL A 88 -0.97 6.47 -7.54
C VAL A 88 -1.36 6.86 -8.95
N SER A 89 -2.02 8.02 -9.08
CA SER A 89 -2.45 8.51 -10.38
C SER A 89 -2.09 9.98 -10.55
N SER A 90 -2.11 10.44 -11.80
CA SER A 90 -1.77 11.83 -12.11
C SER A 90 -2.81 12.44 -13.04
N GLU A 91 -2.64 13.73 -13.34
CA GLU A 91 -3.57 14.44 -14.21
C GLU A 91 -3.67 13.74 -15.56
N ASN A 92 -2.58 13.08 -15.97
CA ASN A 92 -2.54 12.37 -17.24
C ASN A 92 -1.93 10.99 -17.08
N ALA A 93 -2.17 10.38 -15.93
CA ALA A 93 -1.65 9.05 -15.65
C ALA A 93 -2.53 8.31 -14.65
N PHE A 94 -2.23 7.03 -14.42
CA PHE A 94 -3.00 6.22 -13.49
C PHE A 94 -2.26 4.92 -13.17
N GLY A 95 -2.03 4.67 -11.90
CA GLY A 95 -1.35 3.46 -11.48
C GLY A 95 -1.69 3.05 -10.06
N GLU A 96 -1.40 1.79 -9.73
CA GLU A 96 -1.69 1.27 -8.40
C GLU A 96 -0.98 -0.06 -8.17
N GLY A 97 -0.83 -0.44 -6.90
CA GLY A 97 -0.18 -1.69 -6.57
C GLY A 97 -0.87 -2.43 -5.44
N PHE A 98 -0.39 -3.63 -5.14
CA PHE A 98 -0.97 -4.43 -4.07
C PHE A 98 0.12 -5.14 -3.26
N VAL A 99 0.06 -4.98 -1.95
CA VAL A 99 1.03 -5.60 -1.06
C VAL A 99 0.38 -6.11 0.21
N ASN A 100 0.62 -7.38 0.53
CA ASN A 100 0.05 -8.00 1.72
C ASN A 100 1.10 -8.14 2.81
N VAL A 101 0.66 -8.13 4.06
CA VAL A 101 1.56 -8.27 5.20
C VAL A 101 0.97 -9.17 6.27
N THR A 102 1.71 -10.22 6.63
CA THR A 102 1.26 -11.16 7.65
C THR A 102 1.91 -10.87 9.00
N VAL A 103 1.13 -10.99 10.06
CA VAL A 103 1.62 -10.74 11.41
C VAL A 103 1.54 -12.00 12.27
N LYS A 104 2.63 -12.77 12.30
CA LYS A 104 2.68 -14.00 13.07
C LYS A 104 2.62 -13.70 14.57
N PRO A 105 2.05 -14.65 15.34
CA PRO A 105 1.93 -14.51 16.79
C PRO A 105 3.27 -14.57 17.51
N ALA A 106 3.34 -13.97 18.68
CA ALA A 106 4.57 -13.96 19.47
C ALA A 106 4.83 -15.33 20.09
N ARG A 107 5.91 -15.98 19.66
CA ARG A 107 6.27 -17.30 20.17
C ARG A 107 7.57 -17.23 20.97
N SER A 108 8.53 -16.45 20.47
CA SER A 108 9.82 -16.30 21.13
C SER A 108 9.67 -15.59 22.47
N GLY A 109 9.87 -16.34 23.55
CA GLY A 109 9.75 -15.77 24.88
C GLY A 109 11.00 -15.98 25.72
N PRO A 110 10.84 -15.91 27.04
CA PRO A 110 11.95 -16.10 27.98
C PRO A 110 12.45 -17.54 28.02
N SER A 111 13.69 -17.74 27.61
CA SER A 111 14.29 -19.08 27.59
C SER A 111 15.80 -19.00 27.65
N SER A 112 16.40 -19.77 28.56
CA SER A 112 17.85 -19.78 28.71
C SER A 112 18.46 -21.01 28.03
N GLY A 113 19.47 -20.77 27.21
CA GLY A 113 20.13 -21.85 26.50
C GLY A 113 21.35 -22.36 27.24
N GLY A 1 -15.33 20.17 -32.67
CA GLY A 1 -16.40 19.25 -32.28
C GLY A 1 -15.88 18.03 -31.56
N SER A 2 -15.80 18.11 -30.24
CA SER A 2 -15.30 16.99 -29.44
C SER A 2 -16.35 15.89 -29.35
N SER A 3 -15.93 14.65 -29.60
CA SER A 3 -16.83 13.51 -29.55
C SER A 3 -16.05 12.21 -29.40
N GLY A 4 -16.40 11.42 -28.39
CA GLY A 4 -15.72 10.16 -28.16
C GLY A 4 -15.87 9.68 -26.73
N SER A 5 -16.60 8.60 -26.54
CA SER A 5 -16.82 8.04 -25.21
C SER A 5 -15.60 7.25 -24.74
N SER A 6 -14.95 7.73 -23.69
CA SER A 6 -13.77 7.08 -23.15
C SER A 6 -12.95 6.44 -24.26
N GLY A 7 -12.80 7.16 -25.37
CA GLY A 7 -12.04 6.66 -26.49
C GLY A 7 -10.63 7.21 -26.53
N PRO A 8 -10.45 8.38 -27.17
CA PRO A 8 -9.15 9.03 -27.28
C PRO A 8 -8.66 9.58 -25.96
N ARG A 9 -9.44 9.35 -24.90
CA ARG A 9 -9.08 9.83 -23.57
C ARG A 9 -8.37 8.73 -22.77
N THR A 10 -7.04 8.73 -22.83
CA THR A 10 -6.25 7.73 -22.11
C THR A 10 -5.11 8.38 -21.35
N VAL A 11 -4.69 7.76 -20.26
CA VAL A 11 -3.61 8.28 -19.43
C VAL A 11 -2.38 7.37 -19.51
N LYS A 12 -1.26 7.85 -18.97
CA LYS A 12 -0.02 7.09 -18.97
C LYS A 12 -0.16 5.83 -18.13
N GLU A 13 0.50 4.75 -18.56
CA GLU A 13 0.45 3.49 -17.83
C GLU A 13 1.66 3.35 -16.90
N LEU A 14 1.49 3.76 -15.66
CA LEU A 14 2.57 3.69 -14.67
C LEU A 14 2.63 2.30 -14.03
N THR A 15 3.83 1.86 -13.69
CA THR A 15 4.01 0.56 -13.08
C THR A 15 4.24 0.68 -11.57
N VAL A 16 3.15 0.60 -10.81
CA VAL A 16 3.22 0.71 -9.36
C VAL A 16 3.57 -0.63 -8.73
N SER A 17 4.68 -0.65 -7.98
CA SER A 17 5.12 -1.87 -7.32
C SER A 17 5.67 -1.56 -5.92
N ALA A 18 5.13 -2.24 -4.93
CA ALA A 18 5.57 -2.04 -3.55
C ALA A 18 6.85 -2.82 -3.26
N GLY A 19 6.94 -4.02 -3.83
CA GLY A 19 8.11 -4.85 -3.63
C GLY A 19 7.77 -6.32 -3.54
N ASP A 20 7.28 -6.75 -2.37
CA ASP A 20 6.91 -8.14 -2.16
C ASP A 20 6.26 -8.33 -0.80
N ASN A 21 5.54 -9.43 -0.64
CA ASN A 21 4.85 -9.73 0.61
C ASN A 21 5.82 -9.63 1.80
N LEU A 22 5.35 -9.04 2.88
CA LEU A 22 6.16 -8.87 4.08
C LEU A 22 5.55 -9.60 5.27
N ILE A 23 6.38 -10.31 6.01
CA ILE A 23 5.93 -11.06 7.18
C ILE A 23 6.64 -10.61 8.44
N ILE A 24 5.88 -10.34 9.49
CA ILE A 24 6.45 -9.90 10.76
C ILE A 24 6.05 -10.85 11.90
N THR A 25 6.78 -10.76 13.00
CA THR A 25 6.51 -11.61 14.15
C THR A 25 6.45 -10.79 15.44
N LEU A 26 5.35 -10.94 16.18
CA LEU A 26 5.17 -10.21 17.43
C LEU A 26 6.39 -10.34 18.33
N PRO A 27 6.57 -9.39 19.25
CA PRO A 27 5.64 -8.26 19.40
C PRO A 27 5.72 -7.28 18.23
N ASP A 28 6.81 -7.36 17.47
CA ASP A 28 7.01 -6.48 16.32
C ASP A 28 5.76 -6.46 15.44
N ASN A 29 4.95 -5.41 15.60
CA ASN A 29 3.73 -5.26 14.82
C ASN A 29 3.77 -3.99 13.98
N GLU A 30 4.98 -3.54 13.66
CA GLU A 30 5.15 -2.33 12.85
C GLU A 30 5.94 -2.64 11.58
N VAL A 31 5.48 -2.08 10.47
CA VAL A 31 6.15 -2.30 9.18
C VAL A 31 6.10 -1.03 8.32
N GLU A 32 7.14 -0.83 7.52
CA GLU A 32 7.21 0.34 6.66
C GLU A 32 7.26 -0.07 5.19
N LEU A 33 6.14 0.11 4.48
CA LEU A 33 6.06 -0.25 3.07
C LEU A 33 6.38 0.95 2.19
N LYS A 34 6.80 0.69 0.95
CA LYS A 34 7.13 1.74 0.01
C LYS A 34 6.64 1.39 -1.39
N ALA A 35 6.22 2.42 -2.14
CA ALA A 35 5.74 2.22 -3.50
C ALA A 35 6.77 2.66 -4.53
N PHE A 36 6.86 1.92 -5.62
CA PHE A 36 7.82 2.24 -6.68
C PHE A 36 7.09 2.55 -7.99
N VAL A 37 7.21 3.79 -8.44
CA VAL A 37 6.57 4.21 -9.68
C VAL A 37 7.58 4.39 -10.80
N ALA A 38 7.45 3.58 -11.85
CA ALA A 38 8.36 3.65 -12.98
C ALA A 38 7.61 3.95 -14.27
N PRO A 39 8.07 4.96 -15.02
CA PRO A 39 9.25 5.74 -14.63
C PRO A 39 8.99 6.63 -13.41
N ALA A 40 10.06 6.97 -12.70
CA ALA A 40 9.94 7.82 -11.52
C ALA A 40 9.70 9.28 -11.91
N PRO A 41 8.92 9.98 -11.09
CA PRO A 41 8.59 11.39 -11.33
C PRO A 41 9.80 12.30 -11.13
N PRO A 42 9.86 13.39 -11.91
CA PRO A 42 10.95 14.36 -11.85
C PRO A 42 10.91 15.18 -10.55
N VAL A 43 11.76 16.21 -10.49
CA VAL A 43 11.82 17.06 -9.31
C VAL A 43 10.58 17.95 -9.20
N GLU A 44 10.18 18.55 -10.32
CA GLU A 44 9.01 19.40 -10.36
C GLU A 44 7.73 18.60 -10.16
N THR A 45 7.42 17.74 -11.12
CA THR A 45 6.23 16.91 -11.06
C THR A 45 6.39 15.80 -10.02
N THR A 46 5.30 15.49 -9.32
CA THR A 46 5.33 14.44 -8.30
C THR A 46 4.02 13.65 -8.29
N TYR A 47 4.11 12.37 -7.97
CA TYR A 47 2.94 11.50 -7.93
C TYR A 47 2.34 11.47 -6.53
N ASN A 48 1.06 11.15 -6.44
CA ASN A 48 0.36 11.08 -5.16
C ASN A 48 0.20 9.63 -4.73
N TYR A 49 0.65 9.32 -3.51
CA TYR A 49 0.54 7.97 -2.97
C TYR A 49 -0.62 7.86 -1.99
N GLU A 50 -1.64 7.11 -2.37
CA GLU A 50 -2.82 6.92 -1.53
C GLU A 50 -3.00 5.45 -1.18
N TRP A 51 -2.67 5.10 0.07
CA TRP A 51 -2.81 3.73 0.53
C TRP A 51 -4.19 3.47 1.10
N ASN A 52 -4.66 2.23 1.00
CA ASN A 52 -5.97 1.86 1.50
C ASN A 52 -6.04 0.37 1.79
N LEU A 53 -6.86 0.00 2.77
CA LEU A 53 -7.02 -1.40 3.15
C LEU A 53 -8.30 -1.98 2.58
N ILE A 54 -8.16 -2.87 1.59
CA ILE A 54 -9.32 -3.49 0.96
C ILE A 54 -9.53 -4.91 1.48
N SER A 55 -8.43 -5.56 1.87
CA SER A 55 -8.50 -6.93 2.38
C SER A 55 -7.93 -7.00 3.80
N HIS A 56 -8.77 -7.44 4.74
CA HIS A 56 -8.35 -7.56 6.13
C HIS A 56 -9.44 -8.25 6.96
N PRO A 57 -9.01 -8.93 8.03
CA PRO A 57 -9.92 -9.65 8.93
C PRO A 57 -10.78 -8.70 9.75
N THR A 58 -11.78 -9.26 10.44
CA THR A 58 -12.68 -8.47 11.27
C THR A 58 -12.03 -8.12 12.60
N ASP A 59 -11.13 -8.98 13.06
CA ASP A 59 -10.44 -8.76 14.33
C ASP A 59 -9.55 -7.52 14.25
N TYR A 60 -9.18 -7.15 13.04
CA TYR A 60 -8.33 -5.98 12.83
C TYR A 60 -8.90 -4.75 13.51
N GLN A 61 -8.04 -3.95 14.12
CA GLN A 61 -8.47 -2.74 14.80
C GLN A 61 -7.59 -1.55 14.41
N GLY A 62 -6.31 -1.83 14.14
CA GLY A 62 -5.39 -0.77 13.77
C GLY A 62 -6.00 0.20 12.77
N GLU A 63 -5.42 1.39 12.68
CA GLU A 63 -5.92 2.41 11.76
C GLU A 63 -4.81 2.88 10.82
N ILE A 64 -5.09 2.91 9.52
CA ILE A 64 -4.12 3.35 8.54
C ILE A 64 -4.41 4.76 8.06
N LYS A 65 -3.35 5.55 7.86
CA LYS A 65 -3.49 6.92 7.40
C LYS A 65 -3.38 7.01 5.88
N GLN A 66 -3.61 5.89 5.22
CA GLN A 66 -3.55 5.83 3.76
C GLN A 66 -2.18 6.32 3.26
N GLY A 67 -1.17 6.20 4.12
CA GLY A 67 0.17 6.63 3.76
C GLY A 67 0.15 7.82 2.82
N HIS A 68 -0.02 9.02 3.38
CA HIS A 68 -0.04 10.24 2.58
C HIS A 68 1.26 10.41 1.79
N LYS A 69 2.25 9.60 2.13
CA LYS A 69 3.55 9.66 1.46
C LYS A 69 3.80 8.39 0.66
N GLN A 70 4.99 8.30 0.05
CA GLN A 70 5.35 7.14 -0.74
C GLN A 70 5.57 5.92 0.14
N THR A 71 5.54 6.14 1.46
CA THR A 71 5.74 5.05 2.42
C THR A 71 4.59 4.99 3.42
N LEU A 72 4.17 3.76 3.74
CA LEU A 72 3.08 3.56 4.69
C LEU A 72 3.56 2.83 5.92
N ASN A 73 3.47 3.48 7.08
CA ASN A 73 3.89 2.89 8.34
C ASN A 73 2.69 2.44 9.16
N LEU A 74 2.70 1.18 9.59
CA LEU A 74 1.62 0.64 10.39
C LEU A 74 2.07 0.37 11.82
N SER A 75 1.12 0.36 12.75
CA SER A 75 1.42 0.12 14.15
C SER A 75 0.27 -0.61 14.84
N GLN A 76 0.54 -1.13 16.03
CA GLN A 76 -0.47 -1.85 16.79
C GLN A 76 -1.16 -2.90 15.93
N LEU A 77 -0.41 -3.51 15.02
CA LEU A 77 -0.95 -4.52 14.13
C LEU A 77 -1.16 -5.85 14.87
N SER A 78 -2.22 -6.56 14.49
CA SER A 78 -2.53 -7.84 15.12
C SER A 78 -2.24 -9.00 14.17
N VAL A 79 -2.52 -10.22 14.63
CA VAL A 79 -2.28 -11.41 13.81
C VAL A 79 -3.34 -11.55 12.73
N GLY A 80 -2.90 -11.49 11.48
CA GLY A 80 -3.82 -11.62 10.36
C GLY A 80 -3.25 -11.08 9.07
N LEU A 81 -3.99 -11.24 7.98
CA LEU A 81 -3.54 -10.78 6.67
C LEU A 81 -4.06 -9.36 6.39
N TYR A 82 -3.25 -8.58 5.70
CA TYR A 82 -3.62 -7.21 5.36
C TYR A 82 -3.11 -6.82 3.98
N VAL A 83 -4.03 -6.41 3.11
CA VAL A 83 -3.68 -6.02 1.75
C VAL A 83 -3.82 -4.51 1.56
N PHE A 84 -2.69 -3.84 1.35
CA PHE A 84 -2.68 -2.40 1.15
C PHE A 84 -2.53 -2.04 -0.32
N LYS A 85 -3.49 -1.29 -0.85
CA LYS A 85 -3.47 -0.89 -2.25
C LYS A 85 -3.04 0.57 -2.39
N VAL A 86 -1.83 0.79 -2.92
CA VAL A 86 -1.32 2.13 -3.11
C VAL A 86 -1.71 2.69 -4.47
N THR A 87 -2.83 3.41 -4.52
CA THR A 87 -3.30 4.00 -5.76
C THR A 87 -2.57 5.30 -6.08
N VAL A 88 -1.73 5.25 -7.11
CA VAL A 88 -0.96 6.43 -7.51
C VAL A 88 -1.34 6.86 -8.93
N SER A 89 -2.04 7.99 -9.03
CA SER A 89 -2.47 8.50 -10.32
C SER A 89 -2.08 9.97 -10.48
N SER A 90 -1.98 10.42 -11.72
CA SER A 90 -1.60 11.81 -12.00
C SER A 90 -2.57 12.44 -13.00
N GLU A 91 -2.27 13.67 -13.40
CA GLU A 91 -3.11 14.39 -14.35
C GLU A 91 -3.23 13.61 -15.66
N ASN A 92 -2.10 13.13 -16.17
CA ASN A 92 -2.09 12.38 -17.41
C ASN A 92 -1.46 11.00 -17.20
N ALA A 93 -1.71 10.41 -16.03
CA ALA A 93 -1.17 9.10 -15.71
C ALA A 93 -2.05 8.39 -14.68
N PHE A 94 -1.81 7.09 -14.50
CA PHE A 94 -2.59 6.30 -13.55
C PHE A 94 -1.88 4.98 -13.25
N GLY A 95 -1.73 4.68 -11.96
CA GLY A 95 -1.07 3.45 -11.56
C GLY A 95 -1.55 2.94 -10.22
N GLU A 96 -1.63 1.63 -10.07
CA GLU A 96 -2.08 1.02 -8.82
C GLU A 96 -1.24 -0.21 -8.48
N GLY A 97 -1.04 -0.45 -7.19
CA GLY A 97 -0.27 -1.59 -6.76
C GLY A 97 -0.95 -2.37 -5.64
N PHE A 98 -0.40 -3.54 -5.33
CA PHE A 98 -0.97 -4.39 -4.29
C PHE A 98 0.13 -5.06 -3.47
N VAL A 99 0.05 -4.94 -2.15
CA VAL A 99 1.04 -5.54 -1.26
C VAL A 99 0.38 -6.05 0.02
N ASN A 100 0.60 -7.33 0.31
CA ASN A 100 0.03 -7.95 1.50
C ASN A 100 1.09 -8.11 2.59
N VAL A 101 0.65 -8.18 3.83
CA VAL A 101 1.55 -8.35 4.96
C VAL A 101 0.96 -9.27 6.02
N THR A 102 1.72 -10.30 6.40
CA THR A 102 1.25 -11.25 7.41
C THR A 102 1.89 -10.95 8.76
N VAL A 103 1.12 -11.18 9.83
CA VAL A 103 1.60 -10.95 11.18
C VAL A 103 1.57 -12.22 12.01
N LYS A 104 2.73 -12.86 12.16
CA LYS A 104 2.84 -14.09 12.93
C LYS A 104 2.76 -13.81 14.43
N PRO A 105 2.27 -14.79 15.20
CA PRO A 105 2.13 -14.68 16.65
C PRO A 105 3.48 -14.66 17.35
N ALA A 106 3.51 -14.11 18.57
CA ALA A 106 4.73 -14.04 19.35
C ALA A 106 5.30 -15.43 19.60
N ARG A 107 6.39 -15.75 18.90
CA ARG A 107 7.02 -17.06 19.05
C ARG A 107 7.79 -17.14 20.38
N SER A 108 7.57 -18.21 21.11
CA SER A 108 8.24 -18.41 22.39
C SER A 108 9.28 -19.52 22.30
N GLY A 109 10.54 -19.18 22.58
CA GLY A 109 11.60 -20.16 22.53
C GLY A 109 12.96 -19.56 22.83
N PRO A 110 13.97 -20.43 22.97
CA PRO A 110 15.34 -19.99 23.26
C PRO A 110 16.00 -19.26 22.10
N SER A 111 15.23 -19.07 21.02
CA SER A 111 15.73 -18.39 19.84
C SER A 111 16.72 -17.29 20.21
N SER A 112 16.40 -16.53 21.26
CA SER A 112 17.26 -15.46 21.71
C SER A 112 17.46 -15.53 23.23
N GLY A 113 16.39 -15.28 23.97
CA GLY A 113 16.47 -15.32 25.43
C GLY A 113 15.12 -15.13 26.09
N GLY A 1 -14.94 3.30 -17.02
CA GLY A 1 -15.57 3.27 -18.32
C GLY A 1 -15.87 4.67 -18.84
N SER A 2 -17.14 5.06 -18.77
CA SER A 2 -17.57 6.37 -19.24
C SER A 2 -18.41 7.08 -18.19
N SER A 3 -18.43 8.41 -18.25
CA SER A 3 -19.20 9.20 -17.30
C SER A 3 -20.42 9.81 -17.97
N GLY A 4 -20.20 10.53 -19.08
CA GLY A 4 -21.29 11.15 -19.79
C GLY A 4 -20.82 11.87 -21.04
N SER A 5 -21.03 11.24 -22.20
CA SER A 5 -20.62 11.83 -23.47
C SER A 5 -19.11 12.01 -23.52
N SER A 6 -18.37 11.04 -22.97
CA SER A 6 -16.92 11.10 -22.95
C SER A 6 -16.33 10.25 -24.07
N GLY A 7 -15.60 10.90 -24.97
CA GLY A 7 -14.99 10.19 -26.08
C GLY A 7 -13.75 9.42 -25.66
N PRO A 8 -12.81 9.26 -26.60
CA PRO A 8 -11.55 8.53 -26.35
C PRO A 8 -10.62 9.30 -25.41
N ARG A 9 -10.03 8.59 -24.46
CA ARG A 9 -9.12 9.20 -23.50
C ARG A 9 -8.19 8.14 -22.90
N THR A 10 -6.89 8.35 -23.07
CA THR A 10 -5.90 7.43 -22.55
C THR A 10 -4.82 8.17 -21.76
N VAL A 11 -4.36 7.55 -20.68
CA VAL A 11 -3.33 8.16 -19.83
C VAL A 11 -2.05 7.32 -19.84
N LYS A 12 -0.99 7.85 -19.25
CA LYS A 12 0.29 7.16 -19.18
C LYS A 12 0.23 6.01 -18.17
N GLU A 13 0.35 4.78 -18.67
CA GLU A 13 0.33 3.61 -17.81
C GLU A 13 1.58 3.51 -16.97
N LEU A 14 1.42 3.64 -15.65
CA LEU A 14 2.56 3.56 -14.74
C LEU A 14 2.64 2.19 -14.08
N THR A 15 3.81 1.88 -13.51
CA THR A 15 4.02 0.60 -12.85
C THR A 15 4.23 0.78 -11.36
N VAL A 16 3.13 0.71 -10.60
CA VAL A 16 3.21 0.86 -9.15
C VAL A 16 3.43 -0.48 -8.46
N SER A 17 4.60 -0.63 -7.83
CA SER A 17 4.94 -1.86 -7.14
C SER A 17 5.50 -1.58 -5.75
N ALA A 18 4.90 -2.18 -4.73
CA ALA A 18 5.35 -1.99 -3.36
C ALA A 18 6.70 -2.65 -3.13
N GLY A 19 6.88 -3.84 -3.68
CA GLY A 19 8.13 -4.55 -3.52
C GLY A 19 7.95 -6.05 -3.43
N ASP A 20 7.42 -6.51 -2.31
CA ASP A 20 7.18 -7.94 -2.10
C ASP A 20 6.46 -8.19 -0.77
N ASN A 21 5.80 -9.33 -0.67
CA ASN A 21 5.06 -9.70 0.53
C ASN A 21 5.96 -9.59 1.76
N LEU A 22 5.41 -9.04 2.83
CA LEU A 22 6.16 -8.88 4.08
C LEU A 22 5.54 -9.73 5.19
N ILE A 23 6.39 -10.32 6.02
CA ILE A 23 5.93 -11.15 7.12
C ILE A 23 6.65 -10.79 8.41
N ILE A 24 5.88 -10.41 9.43
CA ILE A 24 6.45 -10.03 10.71
C ILE A 24 5.99 -10.99 11.81
N THR A 25 6.64 -10.92 12.96
CA THR A 25 6.31 -11.79 14.09
C THR A 25 6.26 -11.00 15.40
N LEU A 26 5.21 -11.21 16.18
CA LEU A 26 5.04 -10.52 17.45
C LEU A 26 6.28 -10.70 18.33
N PRO A 27 6.49 -9.75 19.26
CA PRO A 27 5.60 -8.61 19.43
C PRO A 27 5.68 -7.63 18.27
N ASP A 28 6.83 -7.63 17.58
CA ASP A 28 7.04 -6.74 16.45
C ASP A 28 5.79 -6.64 15.59
N ASN A 29 5.10 -5.50 15.66
CA ASN A 29 3.88 -5.29 14.89
C ASN A 29 4.00 -4.03 14.03
N GLU A 30 5.24 -3.68 13.69
CA GLU A 30 5.48 -2.51 12.85
C GLU A 30 6.15 -2.90 11.54
N VAL A 31 5.66 -2.33 10.44
CA VAL A 31 6.22 -2.62 9.12
C VAL A 31 6.15 -1.39 8.22
N GLU A 32 7.19 -1.18 7.43
CA GLU A 32 7.25 -0.03 6.52
C GLU A 32 7.13 -0.50 5.07
N LEU A 33 6.23 0.14 4.33
CA LEU A 33 6.02 -0.19 2.93
C LEU A 33 6.30 1.01 2.02
N LYS A 34 6.95 0.75 0.90
CA LYS A 34 7.28 1.81 -0.05
C LYS A 34 6.65 1.53 -1.41
N ALA A 35 6.16 2.59 -2.06
CA ALA A 35 5.53 2.45 -3.37
C ALA A 35 6.47 2.91 -4.48
N PHE A 36 6.93 1.95 -5.28
CA PHE A 36 7.85 2.26 -6.38
C PHE A 36 7.07 2.48 -7.67
N VAL A 37 7.31 3.62 -8.31
CA VAL A 37 6.64 3.95 -9.57
C VAL A 37 7.65 4.10 -10.70
N ALA A 38 7.45 3.33 -11.76
CA ALA A 38 8.34 3.38 -12.92
C ALA A 38 7.56 3.71 -14.19
N PRO A 39 8.09 4.66 -14.98
CA PRO A 39 9.33 5.37 -14.64
C PRO A 39 9.16 6.31 -13.45
N ALA A 40 10.27 6.87 -12.98
CA ALA A 40 10.25 7.78 -11.84
C ALA A 40 9.93 9.20 -12.29
N PRO A 41 9.17 9.93 -11.46
CA PRO A 41 8.78 11.31 -11.75
C PRO A 41 9.96 12.27 -11.66
N PRO A 42 9.88 13.38 -12.41
CA PRO A 42 10.94 14.40 -12.44
C PRO A 42 11.03 15.17 -11.12
N VAL A 43 11.83 16.23 -11.12
CA VAL A 43 12.00 17.06 -9.93
C VAL A 43 10.80 17.97 -9.73
N GLU A 44 10.19 18.39 -10.83
CA GLU A 44 9.03 19.28 -10.77
C GLU A 44 7.76 18.49 -10.48
N THR A 45 7.34 17.69 -11.45
CA THR A 45 6.14 16.87 -11.31
C THR A 45 6.25 15.91 -10.14
N THR A 46 5.15 15.70 -9.42
CA THR A 46 5.14 14.80 -8.28
C THR A 46 3.88 13.95 -8.26
N TYR A 47 4.04 12.66 -7.97
CA TYR A 47 2.92 11.74 -7.92
C TYR A 47 2.31 11.68 -6.53
N ASN A 48 1.06 11.24 -6.45
CA ASN A 48 0.37 11.13 -5.16
C ASN A 48 0.26 9.67 -4.72
N TYR A 49 0.48 9.44 -3.42
CA TYR A 49 0.40 8.09 -2.88
C TYR A 49 -0.76 7.96 -1.91
N GLU A 50 -1.79 7.23 -2.33
CA GLU A 50 -2.98 7.03 -1.51
C GLU A 50 -3.15 5.55 -1.15
N TRP A 51 -2.85 5.21 0.10
CA TRP A 51 -2.97 3.83 0.57
C TRP A 51 -4.37 3.55 1.09
N ASN A 52 -4.80 2.30 1.00
CA ASN A 52 -6.12 1.90 1.47
C ASN A 52 -6.17 0.41 1.75
N LEU A 53 -6.78 0.04 2.88
CA LEU A 53 -6.89 -1.36 3.26
C LEU A 53 -8.12 -2.00 2.62
N ILE A 54 -7.93 -3.16 2.01
CA ILE A 54 -9.02 -3.88 1.36
C ILE A 54 -9.15 -5.30 1.92
N SER A 55 -8.03 -6.01 1.99
CA SER A 55 -8.03 -7.37 2.49
C SER A 55 -7.54 -7.41 3.94
N HIS A 56 -8.48 -7.40 4.88
CA HIS A 56 -8.15 -7.45 6.30
C HIS A 56 -9.26 -8.12 7.10
N PRO A 57 -8.86 -8.85 8.16
CA PRO A 57 -9.81 -9.56 9.02
C PRO A 57 -10.65 -8.61 9.87
N THR A 58 -11.93 -8.94 10.01
CA THR A 58 -12.83 -8.11 10.81
C THR A 58 -12.32 -7.93 12.22
N ASP A 59 -11.54 -8.89 12.69
CA ASP A 59 -10.99 -8.84 14.04
C ASP A 59 -10.07 -7.63 14.19
N TYR A 60 -9.47 -7.20 13.09
CA TYR A 60 -8.56 -6.06 13.11
C TYR A 60 -9.27 -4.81 13.63
N GLN A 61 -8.50 -3.92 14.24
CA GLN A 61 -9.05 -2.68 14.79
C GLN A 61 -8.20 -1.48 14.39
N GLY A 62 -6.89 -1.70 14.31
CA GLY A 62 -5.98 -0.63 13.94
C GLY A 62 -6.54 0.27 12.87
N GLU A 63 -6.01 1.48 12.77
CA GLU A 63 -6.47 2.44 11.77
C GLU A 63 -5.30 3.03 11.00
N ILE A 64 -5.39 2.99 9.67
CA ILE A 64 -4.33 3.52 8.82
C ILE A 64 -4.62 4.96 8.41
N LYS A 65 -3.61 5.63 7.87
CA LYS A 65 -3.76 7.02 7.42
C LYS A 65 -3.63 7.12 5.91
N GLN A 66 -3.95 6.03 5.21
CA GLN A 66 -3.86 6.01 3.76
C GLN A 66 -2.49 6.47 3.29
N GLY A 67 -1.50 6.32 4.15
CA GLY A 67 -0.14 6.74 3.80
C GLY A 67 -0.13 7.94 2.89
N HIS A 68 -0.34 9.13 3.47
CA HIS A 68 -0.36 10.36 2.70
C HIS A 68 0.97 10.56 1.96
N LYS A 69 1.96 9.76 2.33
CA LYS A 69 3.29 9.84 1.71
C LYS A 69 3.56 8.61 0.85
N GLN A 70 4.77 8.52 0.32
CA GLN A 70 5.16 7.39 -0.51
C GLN A 70 5.36 6.13 0.33
N THR A 71 5.69 6.32 1.59
CA THR A 71 5.91 5.21 2.51
C THR A 71 4.83 5.15 3.58
N LEU A 72 4.40 3.94 3.92
CA LEU A 72 3.37 3.75 4.93
C LEU A 72 3.86 2.81 6.04
N ASN A 73 3.80 3.28 7.27
CA ASN A 73 4.23 2.48 8.41
C ASN A 73 3.04 2.05 9.26
N LEU A 74 3.05 0.78 9.68
CA LEU A 74 1.97 0.23 10.49
C LEU A 74 2.40 0.10 11.94
N SER A 75 1.43 0.22 12.85
CA SER A 75 1.71 0.11 14.28
C SER A 75 0.54 -0.54 15.01
N GLN A 76 0.86 -1.24 16.10
CA GLN A 76 -0.18 -1.91 16.89
C GLN A 76 -0.93 -2.92 16.04
N LEU A 77 -0.25 -3.50 15.05
CA LEU A 77 -0.87 -4.48 14.17
C LEU A 77 -1.20 -5.76 14.93
N SER A 78 -2.00 -6.62 14.30
CA SER A 78 -2.41 -7.88 14.93
C SER A 78 -2.18 -9.04 13.97
N VAL A 79 -2.06 -10.25 14.52
CA VAL A 79 -1.85 -11.44 13.73
C VAL A 79 -2.98 -11.65 12.72
N GLY A 80 -2.68 -11.41 11.45
CA GLY A 80 -3.68 -11.58 10.40
C GLY A 80 -3.18 -11.12 9.05
N LEU A 81 -4.05 -11.18 8.05
CA LEU A 81 -3.69 -10.76 6.70
C LEU A 81 -4.10 -9.33 6.44
N TYR A 82 -3.23 -8.58 5.77
CA TYR A 82 -3.50 -7.18 5.45
C TYR A 82 -2.95 -6.82 4.07
N VAL A 83 -3.86 -6.43 3.17
CA VAL A 83 -3.47 -6.07 1.82
C VAL A 83 -3.68 -4.57 1.58
N PHE A 84 -2.58 -3.83 1.52
CA PHE A 84 -2.63 -2.39 1.30
C PHE A 84 -2.47 -2.06 -0.19
N LYS A 85 -3.43 -1.32 -0.74
CA LYS A 85 -3.39 -0.94 -2.14
C LYS A 85 -3.09 0.55 -2.29
N VAL A 86 -1.92 0.87 -2.83
CA VAL A 86 -1.52 2.25 -3.03
C VAL A 86 -1.89 2.74 -4.43
N THR A 87 -2.91 3.58 -4.50
CA THR A 87 -3.37 4.12 -5.77
C THR A 87 -2.67 5.43 -6.10
N VAL A 88 -1.91 5.44 -7.18
CA VAL A 88 -1.19 6.63 -7.61
C VAL A 88 -1.50 6.98 -9.06
N SER A 89 -2.04 8.17 -9.28
CA SER A 89 -2.38 8.62 -10.62
C SER A 89 -2.03 10.10 -10.81
N SER A 90 -1.78 10.48 -12.05
CA SER A 90 -1.42 11.86 -12.37
C SER A 90 -2.39 12.46 -13.39
N GLU A 91 -2.28 13.76 -13.62
CA GLU A 91 -3.14 14.44 -14.57
C GLU A 91 -3.23 13.66 -15.88
N ASN A 92 -2.10 13.14 -16.33
CA ASN A 92 -2.05 12.37 -17.56
C ASN A 92 -1.43 10.99 -17.33
N ALA A 93 -1.70 10.42 -16.16
CA ALA A 93 -1.18 9.11 -15.80
C ALA A 93 -2.08 8.42 -14.78
N PHE A 94 -1.85 7.13 -14.58
CA PHE A 94 -2.64 6.34 -13.64
C PHE A 94 -1.95 5.03 -13.31
N GLY A 95 -1.83 4.74 -12.02
CA GLY A 95 -1.18 3.51 -11.58
C GLY A 95 -1.68 3.04 -10.23
N GLU A 96 -1.47 1.75 -9.94
CA GLU A 96 -1.90 1.18 -8.67
C GLU A 96 -1.03 -0.01 -8.28
N GLY A 97 -0.86 -0.21 -6.99
CA GLY A 97 -0.05 -1.33 -6.51
C GLY A 97 -0.74 -2.13 -5.43
N PHE A 98 -0.22 -3.31 -5.14
CA PHE A 98 -0.79 -4.18 -4.12
C PHE A 98 0.30 -4.91 -3.35
N VAL A 99 0.20 -4.88 -2.03
CA VAL A 99 1.18 -5.55 -1.18
C VAL A 99 0.51 -6.26 0.00
N ASN A 100 0.94 -7.48 0.27
CA ASN A 100 0.37 -8.26 1.36
C ASN A 100 1.30 -8.25 2.58
N VAL A 101 0.71 -8.35 3.76
CA VAL A 101 1.48 -8.34 5.01
C VAL A 101 0.89 -9.32 6.02
N THR A 102 1.65 -10.37 6.34
CA THR A 102 1.20 -11.37 7.29
C THR A 102 1.87 -11.17 8.65
N VAL A 103 1.05 -11.24 9.70
CA VAL A 103 1.57 -11.06 11.07
C VAL A 103 1.44 -12.34 11.87
N LYS A 104 2.58 -12.94 12.20
CA LYS A 104 2.61 -14.18 12.96
C LYS A 104 2.41 -13.90 14.45
N PRO A 105 1.81 -14.87 15.17
CA PRO A 105 1.56 -14.74 16.60
C PRO A 105 2.83 -14.81 17.43
N ALA A 106 2.83 -14.14 18.57
CA ALA A 106 4.00 -14.12 19.45
C ALA A 106 4.42 -15.54 19.82
N ARG A 107 5.42 -16.06 19.10
CA ARG A 107 5.91 -17.41 19.36
C ARG A 107 6.52 -17.51 20.76
N SER A 108 6.04 -18.45 21.54
CA SER A 108 6.53 -18.66 22.90
C SER A 108 6.86 -20.12 23.15
N GLY A 109 8.02 -20.37 23.76
CA GLY A 109 8.43 -21.72 24.06
C GLY A 109 9.75 -21.78 24.80
N PRO A 110 9.95 -22.86 25.58
CA PRO A 110 11.17 -23.05 26.37
C PRO A 110 12.38 -23.34 25.49
N SER A 111 13.28 -22.37 25.38
CA SER A 111 14.48 -22.53 24.57
C SER A 111 15.49 -23.44 25.26
N SER A 112 15.89 -24.50 24.57
CA SER A 112 16.85 -25.45 25.13
C SER A 112 18.27 -24.93 24.97
N GLY A 113 19.06 -25.05 26.04
CA GLY A 113 20.43 -24.59 26.02
C GLY A 113 20.97 -24.30 27.40
N GLY A 1 -26.09 10.92 -27.31
CA GLY A 1 -25.29 11.34 -28.45
C GLY A 1 -23.90 11.82 -28.04
N SER A 2 -23.18 12.41 -28.99
CA SER A 2 -21.83 12.90 -28.72
C SER A 2 -21.86 14.39 -28.38
N SER A 3 -22.62 15.15 -29.16
CA SER A 3 -22.73 16.59 -28.95
C SER A 3 -21.39 17.18 -28.49
N GLY A 4 -20.31 16.73 -29.12
CA GLY A 4 -18.99 17.21 -28.77
C GLY A 4 -18.01 16.09 -28.49
N SER A 5 -17.30 16.18 -27.38
CA SER A 5 -16.32 15.17 -27.00
C SER A 5 -15.39 14.85 -28.17
N SER A 6 -14.80 15.89 -28.73
CA SER A 6 -13.88 15.74 -29.86
C SER A 6 -12.43 15.73 -29.39
N GLY A 7 -11.67 14.74 -29.86
CA GLY A 7 -10.27 14.63 -29.48
C GLY A 7 -10.06 13.67 -28.33
N PRO A 8 -10.05 12.36 -28.64
CA PRO A 8 -9.86 11.32 -27.64
C PRO A 8 -8.43 11.31 -27.07
N ARG A 9 -8.32 11.41 -25.76
CA ARG A 9 -7.02 11.42 -25.10
C ARG A 9 -6.95 10.33 -24.03
N THR A 10 -5.77 9.76 -23.86
CA THR A 10 -5.57 8.70 -22.87
C THR A 10 -4.46 9.07 -21.88
N VAL A 11 -4.36 8.31 -20.80
CA VAL A 11 -3.34 8.56 -19.79
C VAL A 11 -2.17 7.59 -19.94
N LYS A 12 -1.12 7.82 -19.17
CA LYS A 12 0.06 6.97 -19.20
C LYS A 12 -0.02 5.87 -18.15
N GLU A 13 0.05 4.61 -18.59
CA GLU A 13 -0.01 3.48 -17.68
C GLU A 13 1.30 3.31 -16.91
N LEU A 14 1.33 3.81 -15.68
CA LEU A 14 2.53 3.72 -14.85
C LEU A 14 2.65 2.33 -14.23
N THR A 15 3.87 1.97 -13.86
CA THR A 15 4.12 0.67 -13.25
C THR A 15 4.39 0.80 -11.75
N VAL A 16 3.32 0.76 -10.96
CA VAL A 16 3.44 0.87 -9.51
C VAL A 16 3.67 -0.49 -8.87
N SER A 17 4.64 -0.55 -7.96
CA SER A 17 4.97 -1.80 -7.28
C SER A 17 5.55 -1.52 -5.90
N ALA A 18 5.02 -2.19 -4.89
CA ALA A 18 5.50 -2.02 -3.52
C ALA A 18 6.82 -2.75 -3.30
N GLY A 19 6.90 -3.96 -3.84
CA GLY A 19 8.12 -4.76 -3.69
C GLY A 19 7.83 -6.24 -3.60
N ASP A 20 7.32 -6.68 -2.46
CA ASP A 20 7.01 -8.09 -2.25
C ASP A 20 6.27 -8.29 -0.93
N ASN A 21 5.61 -9.44 -0.81
CA ASN A 21 4.85 -9.75 0.40
C ASN A 21 5.76 -9.73 1.63
N LEU A 22 5.33 -9.03 2.66
CA LEU A 22 6.10 -8.93 3.90
C LEU A 22 5.43 -9.71 5.02
N ILE A 23 6.25 -10.34 5.86
CA ILE A 23 5.72 -11.11 6.99
C ILE A 23 6.45 -10.76 8.28
N ILE A 24 5.71 -10.28 9.27
CA ILE A 24 6.27 -9.90 10.55
C ILE A 24 5.87 -10.89 11.65
N THR A 25 6.54 -10.82 12.79
CA THR A 25 6.24 -11.70 13.91
C THR A 25 6.23 -10.93 15.22
N LEU A 26 5.12 -11.03 15.95
CA LEU A 26 4.98 -10.35 17.23
C LEU A 26 6.22 -10.55 18.10
N PRO A 27 6.46 -9.62 19.03
CA PRO A 27 5.59 -8.45 19.21
C PRO A 27 5.67 -7.47 18.06
N ASP A 28 6.76 -7.56 17.30
CA ASP A 28 6.97 -6.67 16.15
C ASP A 28 5.68 -6.47 15.38
N ASN A 29 5.01 -5.34 15.62
CA ASN A 29 3.76 -5.03 14.94
C ASN A 29 3.88 -3.73 14.15
N GLU A 30 5.09 -3.44 13.69
CA GLU A 30 5.34 -2.23 12.91
C GLU A 30 6.10 -2.55 11.63
N VAL A 31 5.60 -2.02 10.51
CA VAL A 31 6.23 -2.26 9.21
C VAL A 31 6.17 -1.01 8.34
N GLU A 32 7.21 -0.78 7.56
CA GLU A 32 7.26 0.38 6.67
C GLU A 32 7.34 -0.06 5.21
N LEU A 33 6.23 0.12 4.49
CA LEU A 33 6.17 -0.25 3.09
C LEU A 33 6.54 0.91 2.20
N LYS A 34 7.11 0.61 1.03
CA LYS A 34 7.51 1.64 0.08
C LYS A 34 7.03 1.29 -1.33
N ALA A 35 6.44 2.28 -2.01
CA ALA A 35 5.94 2.08 -3.36
C ALA A 35 7.01 2.42 -4.40
N PHE A 36 6.90 1.82 -5.57
CA PHE A 36 7.86 2.06 -6.64
C PHE A 36 7.15 2.20 -7.98
N VAL A 37 7.14 3.42 -8.51
CA VAL A 37 6.49 3.68 -9.80
C VAL A 37 7.50 4.18 -10.82
N ALA A 38 7.44 3.62 -12.02
CA ALA A 38 8.35 4.01 -13.10
C ALA A 38 7.59 4.29 -14.39
N PRO A 39 8.07 5.26 -15.17
CA PRO A 39 9.27 6.03 -14.81
C PRO A 39 9.03 6.96 -13.63
N ALA A 40 10.09 7.24 -12.88
CA ALA A 40 10.00 8.12 -11.72
C ALA A 40 9.80 9.58 -12.14
N PRO A 41 8.93 10.28 -11.39
CA PRO A 41 8.63 11.69 -11.67
C PRO A 41 9.82 12.61 -11.37
N PRO A 42 9.82 13.79 -12.01
CA PRO A 42 10.88 14.79 -11.82
C PRO A 42 10.86 15.42 -10.43
N VAL A 43 11.62 16.49 -10.26
CA VAL A 43 11.68 17.19 -8.98
C VAL A 43 10.44 18.06 -8.77
N GLU A 44 9.98 18.68 -9.85
CA GLU A 44 8.81 19.55 -9.79
C GLU A 44 7.52 18.72 -9.72
N THR A 45 7.24 18.00 -10.80
CA THR A 45 6.04 17.17 -10.86
C THR A 45 6.23 15.87 -10.09
N THR A 46 5.24 15.52 -9.27
CA THR A 46 5.30 14.30 -8.47
C THR A 46 3.93 13.63 -8.38
N TYR A 47 3.92 12.32 -8.26
CA TYR A 47 2.67 11.57 -8.17
C TYR A 47 2.18 11.51 -6.73
N ASN A 48 0.93 11.10 -6.55
CA ASN A 48 0.34 11.01 -5.22
C ASN A 48 0.23 9.55 -4.77
N TYR A 49 0.59 9.30 -3.52
CA TYR A 49 0.54 7.95 -2.97
C TYR A 49 -0.64 7.80 -2.01
N GLU A 50 -1.65 7.05 -2.44
CA GLU A 50 -2.84 6.83 -1.62
C GLU A 50 -2.98 5.36 -1.27
N TRP A 51 -2.72 5.02 -0.01
CA TRP A 51 -2.82 3.64 0.46
C TRP A 51 -4.21 3.36 1.01
N ASN A 52 -4.68 2.12 0.82
CA ASN A 52 -6.00 1.73 1.31
C ASN A 52 -6.01 0.25 1.68
N LEU A 53 -6.83 -0.09 2.67
CA LEU A 53 -6.94 -1.47 3.13
C LEU A 53 -8.19 -2.13 2.56
N ILE A 54 -8.00 -3.00 1.57
CA ILE A 54 -9.11 -3.70 0.94
C ILE A 54 -9.26 -5.11 1.51
N SER A 55 -8.19 -5.61 2.12
CA SER A 55 -8.21 -6.95 2.70
C SER A 55 -7.70 -6.93 4.13
N HIS A 56 -8.56 -7.31 5.07
CA HIS A 56 -8.20 -7.33 6.49
C HIS A 56 -9.29 -7.99 7.32
N PRO A 57 -8.88 -8.70 8.38
CA PRO A 57 -9.81 -9.40 9.28
C PRO A 57 -10.64 -8.43 10.12
N THR A 58 -11.91 -8.76 10.30
CA THR A 58 -12.81 -7.92 11.08
C THR A 58 -12.25 -7.68 12.48
N ASP A 59 -11.46 -8.63 12.96
CA ASP A 59 -10.86 -8.53 14.29
C ASP A 59 -9.93 -7.32 14.37
N TYR A 60 -9.24 -7.03 13.28
CA TYR A 60 -8.31 -5.91 13.24
C TYR A 60 -8.97 -4.64 13.77
N GLN A 61 -8.16 -3.79 14.41
CA GLN A 61 -8.66 -2.55 14.97
C GLN A 61 -7.82 -1.36 14.50
N GLY A 62 -6.51 -1.59 14.35
CA GLY A 62 -5.62 -0.54 13.91
C GLY A 62 -6.22 0.30 12.81
N GLU A 63 -5.71 1.52 12.63
CA GLU A 63 -6.19 2.42 11.59
C GLU A 63 -5.05 2.92 10.72
N ILE A 64 -5.21 2.78 9.41
CA ILE A 64 -4.18 3.22 8.46
C ILE A 64 -4.44 4.65 8.00
N LYS A 65 -3.36 5.41 7.82
CA LYS A 65 -3.47 6.79 7.38
C LYS A 65 -3.35 6.89 5.86
N GLN A 66 -3.65 5.79 5.17
CA GLN A 66 -3.57 5.75 3.73
C GLN A 66 -2.20 6.22 3.24
N GLY A 67 -1.19 6.09 4.10
CA GLY A 67 0.14 6.50 3.73
C GLY A 67 0.15 7.71 2.82
N HIS A 68 -0.17 8.87 3.37
CA HIS A 68 -0.20 10.11 2.59
C HIS A 68 1.11 10.30 1.84
N LYS A 69 2.14 9.56 2.24
CA LYS A 69 3.44 9.65 1.59
C LYS A 69 3.72 8.42 0.74
N GLN A 70 4.93 8.34 0.19
CA GLN A 70 5.31 7.22 -0.65
C GLN A 70 5.50 5.95 0.19
N THR A 71 5.58 6.13 1.51
CA THR A 71 5.76 5.01 2.42
C THR A 71 4.60 4.89 3.39
N LEU A 72 4.17 3.66 3.67
CA LEU A 72 3.06 3.42 4.58
C LEU A 72 3.53 2.65 5.81
N ASN A 73 3.37 3.26 6.98
CA ASN A 73 3.79 2.63 8.23
C ASN A 73 2.57 2.17 9.03
N LEU A 74 2.54 0.90 9.38
CA LEU A 74 1.43 0.34 10.16
C LEU A 74 1.84 0.10 11.61
N SER A 75 0.86 0.16 12.51
CA SER A 75 1.13 -0.05 13.93
C SER A 75 -0.07 -0.72 14.61
N GLN A 76 0.17 -1.26 15.81
CA GLN A 76 -0.88 -1.93 16.55
C GLN A 76 -1.33 -3.21 15.85
N LEU A 77 -0.42 -3.78 15.04
CA LEU A 77 -0.73 -5.00 14.31
C LEU A 77 -0.47 -6.23 15.18
N SER A 78 -1.55 -6.89 15.59
CA SER A 78 -1.45 -8.08 16.43
C SER A 78 -1.21 -9.32 15.58
N VAL A 79 -2.28 -9.81 14.94
CA VAL A 79 -2.18 -10.99 14.09
C VAL A 79 -3.28 -11.00 13.04
N GLY A 80 -2.89 -11.04 11.78
CA GLY A 80 -3.86 -11.05 10.69
C GLY A 80 -3.27 -10.57 9.38
N LEU A 81 -3.95 -10.89 8.28
CA LEU A 81 -3.48 -10.48 6.96
C LEU A 81 -4.02 -9.09 6.60
N TYR A 82 -3.20 -8.31 5.90
CA TYR A 82 -3.60 -6.97 5.50
C TYR A 82 -3.07 -6.65 4.10
N VAL A 83 -3.98 -6.47 3.15
CA VAL A 83 -3.61 -6.16 1.78
C VAL A 83 -3.76 -4.67 1.48
N PHE A 84 -2.64 -3.97 1.42
CA PHE A 84 -2.64 -2.54 1.16
C PHE A 84 -2.44 -2.26 -0.33
N LYS A 85 -3.36 -1.49 -0.91
CA LYS A 85 -3.29 -1.15 -2.32
C LYS A 85 -3.03 0.35 -2.51
N VAL A 86 -1.81 0.68 -2.93
CA VAL A 86 -1.44 2.07 -3.15
C VAL A 86 -1.82 2.53 -4.56
N THR A 87 -2.80 3.42 -4.65
CA THR A 87 -3.26 3.93 -5.93
C THR A 87 -2.57 5.25 -6.27
N VAL A 88 -1.66 5.21 -7.23
CA VAL A 88 -0.93 6.40 -7.64
C VAL A 88 -1.27 6.78 -9.08
N SER A 89 -1.74 8.01 -9.27
CA SER A 89 -2.11 8.49 -10.59
C SER A 89 -1.83 9.99 -10.72
N SER A 90 -1.52 10.42 -11.94
CA SER A 90 -1.22 11.83 -12.19
C SER A 90 -2.26 12.44 -13.12
N GLU A 91 -2.07 13.71 -13.46
CA GLU A 91 -3.00 14.41 -14.35
C GLU A 91 -3.19 13.63 -15.65
N ASN A 92 -2.10 13.09 -16.18
CA ASN A 92 -2.15 12.34 -17.43
C ASN A 92 -1.53 10.95 -17.24
N ALA A 93 -1.76 10.35 -16.08
CA ALA A 93 -1.24 9.03 -15.78
C ALA A 93 -2.00 8.37 -14.64
N PHE A 94 -1.92 7.05 -14.56
CA PHE A 94 -2.61 6.30 -13.52
C PHE A 94 -1.92 4.98 -13.24
N GLY A 95 -1.85 4.60 -11.97
CA GLY A 95 -1.20 3.35 -11.60
C GLY A 95 -1.48 2.97 -10.15
N GLU A 96 -1.25 1.70 -9.83
CA GLU A 96 -1.48 1.20 -8.48
C GLU A 96 -0.79 -0.15 -8.27
N GLY A 97 -0.55 -0.49 -7.01
CA GLY A 97 0.10 -1.75 -6.70
C GLY A 97 -0.66 -2.54 -5.65
N PHE A 98 -0.07 -3.66 -5.22
CA PHE A 98 -0.70 -4.52 -4.22
C PHE A 98 0.36 -5.22 -3.37
N VAL A 99 0.25 -5.06 -2.06
CA VAL A 99 1.19 -5.68 -1.13
C VAL A 99 0.48 -6.23 0.09
N ASN A 100 0.55 -7.56 0.26
CA ASN A 100 -0.10 -8.22 1.40
C ASN A 100 0.90 -8.46 2.52
N VAL A 101 0.49 -8.16 3.74
CA VAL A 101 1.35 -8.35 4.91
C VAL A 101 0.71 -9.30 5.91
N THR A 102 1.50 -10.28 6.37
CA THR A 102 1.01 -11.26 7.34
C THR A 102 1.74 -11.14 8.67
N VAL A 103 0.98 -11.12 9.76
CA VAL A 103 1.56 -11.01 11.09
C VAL A 103 1.43 -12.32 11.86
N LYS A 104 2.56 -12.87 12.27
CA LYS A 104 2.57 -14.12 13.03
C LYS A 104 2.55 -13.85 14.53
N PRO A 105 1.96 -14.78 15.29
CA PRO A 105 1.85 -14.67 16.74
C PRO A 105 3.20 -14.85 17.43
N ALA A 106 3.34 -14.28 18.62
CA ALA A 106 4.58 -14.38 19.39
C ALA A 106 4.87 -15.83 19.76
N ARG A 107 5.82 -16.44 19.06
CA ARG A 107 6.19 -17.82 19.33
C ARG A 107 7.34 -17.90 20.33
N SER A 108 7.29 -17.02 21.33
CA SER A 108 8.34 -16.98 22.35
C SER A 108 8.14 -18.10 23.37
N GLY A 109 7.00 -18.07 24.07
CA GLY A 109 6.71 -19.07 25.06
C GLY A 109 5.56 -18.68 25.98
N PRO A 110 4.34 -18.67 25.41
CA PRO A 110 3.13 -18.32 26.17
C PRO A 110 2.76 -19.37 27.20
N SER A 111 2.03 -18.95 28.23
CA SER A 111 1.61 -19.85 29.30
C SER A 111 0.23 -20.44 29.01
N SER A 112 0.08 -21.73 29.23
CA SER A 112 -1.18 -22.41 28.99
C SER A 112 -1.29 -23.68 29.83
N GLY A 113 -2.51 -24.17 29.99
CA GLY A 113 -2.73 -25.37 30.78
C GLY A 113 -4.14 -25.91 30.63
N GLY A 1 -20.97 13.98 -31.83
CA GLY A 1 -21.08 15.41 -32.01
C GLY A 1 -20.13 15.94 -33.08
N SER A 2 -18.88 15.49 -33.03
CA SER A 2 -17.88 15.92 -33.99
C SER A 2 -16.83 14.84 -34.22
N SER A 3 -16.14 14.92 -35.35
CA SER A 3 -15.12 13.93 -35.69
C SER A 3 -14.24 13.63 -34.48
N GLY A 4 -14.21 12.36 -34.08
CA GLY A 4 -13.40 11.97 -32.93
C GLY A 4 -12.91 10.54 -33.04
N SER A 5 -11.75 10.28 -32.44
CA SER A 5 -11.16 8.95 -32.49
C SER A 5 -10.99 8.39 -31.07
N SER A 6 -10.42 7.19 -30.99
CA SER A 6 -10.20 6.53 -29.70
C SER A 6 -8.89 5.77 -29.70
N GLY A 7 -8.19 5.81 -28.57
CA GLY A 7 -6.92 5.13 -28.45
C GLY A 7 -5.91 5.89 -27.61
N PRO A 8 -5.12 6.75 -28.25
CA PRO A 8 -4.11 7.57 -27.57
C PRO A 8 -4.73 8.63 -26.68
N ARG A 9 -6.05 8.76 -26.74
CA ARG A 9 -6.76 9.75 -25.94
C ARG A 9 -7.03 9.22 -24.54
N THR A 10 -5.97 8.77 -23.87
CA THR A 10 -6.10 8.23 -22.52
C THR A 10 -4.93 8.67 -21.64
N VAL A 11 -4.88 8.15 -20.41
CA VAL A 11 -3.82 8.50 -19.48
C VAL A 11 -2.65 7.52 -19.60
N LYS A 12 -1.52 7.89 -19.00
CA LYS A 12 -0.33 7.05 -19.04
C LYS A 12 -0.53 5.79 -18.20
N GLU A 13 0.28 4.78 -18.47
CA GLU A 13 0.20 3.52 -17.73
C GLU A 13 1.42 3.33 -16.84
N LEU A 14 1.29 3.76 -15.58
CA LEU A 14 2.38 3.63 -14.62
C LEU A 14 2.34 2.29 -13.91
N THR A 15 3.52 1.73 -13.64
CA THR A 15 3.62 0.44 -12.97
C THR A 15 3.96 0.62 -11.49
N VAL A 16 2.93 0.63 -10.65
CA VAL A 16 3.13 0.79 -9.21
C VAL A 16 3.42 -0.55 -8.56
N SER A 17 4.53 -0.61 -7.82
CA SER A 17 4.93 -1.84 -7.14
C SER A 17 5.50 -1.52 -5.76
N ALA A 18 5.00 -2.23 -4.75
CA ALA A 18 5.46 -2.03 -3.37
C ALA A 18 6.76 -2.78 -3.11
N GLY A 19 6.89 -3.96 -3.72
CA GLY A 19 8.09 -4.77 -3.54
C GLY A 19 7.80 -6.25 -3.49
N ASP A 20 7.28 -6.71 -2.35
CA ASP A 20 6.95 -8.12 -2.17
C ASP A 20 6.27 -8.36 -0.83
N ASN A 21 5.60 -9.50 -0.70
CA ASN A 21 4.91 -9.85 0.53
C ASN A 21 5.84 -9.72 1.74
N LEU A 22 5.33 -9.09 2.80
CA LEU A 22 6.11 -8.91 4.01
C LEU A 22 5.52 -9.71 5.17
N ILE A 23 6.40 -10.28 5.99
CA ILE A 23 5.95 -11.08 7.14
C ILE A 23 6.69 -10.65 8.41
N ILE A 24 5.95 -10.08 9.35
CA ILE A 24 6.52 -9.64 10.62
C ILE A 24 6.19 -10.60 11.74
N THR A 25 7.04 -10.63 12.77
CA THR A 25 6.83 -11.51 13.91
C THR A 25 6.86 -10.73 15.22
N LEU A 26 5.80 -10.87 16.01
CA LEU A 26 5.71 -10.18 17.29
C LEU A 26 6.99 -10.37 18.11
N PRO A 27 7.24 -9.44 19.04
CA PRO A 27 6.36 -8.29 19.26
C PRO A 27 6.39 -7.29 18.11
N ASP A 28 7.41 -7.40 17.27
CA ASP A 28 7.56 -6.52 16.13
C ASP A 28 6.29 -6.49 15.29
N ASN A 29 5.46 -5.47 15.51
CA ASN A 29 4.21 -5.32 14.79
C ASN A 29 4.22 -4.06 13.93
N GLU A 30 5.42 -3.61 13.56
CA GLU A 30 5.57 -2.42 12.74
C GLU A 30 6.15 -2.77 11.37
N VAL A 31 5.53 -2.24 10.32
CA VAL A 31 5.98 -2.49 8.96
C VAL A 31 6.01 -1.21 8.13
N GLU A 32 7.01 -1.09 7.28
CA GLU A 32 7.16 0.09 6.43
C GLU A 32 7.11 -0.29 4.96
N LEU A 33 6.04 0.09 4.27
CA LEU A 33 5.88 -0.20 2.86
C LEU A 33 6.23 1.00 2.00
N LYS A 34 6.85 0.74 0.85
CA LYS A 34 7.25 1.81 -0.06
C LYS A 34 6.70 1.56 -1.46
N ALA A 35 6.11 2.60 -2.05
CA ALA A 35 5.55 2.49 -3.39
C ALA A 35 6.56 2.93 -4.45
N PHE A 36 6.77 2.08 -5.44
CA PHE A 36 7.71 2.37 -6.52
C PHE A 36 6.98 2.60 -7.83
N VAL A 37 7.22 3.75 -8.45
CA VAL A 37 6.58 4.09 -9.71
C VAL A 37 7.59 4.08 -10.86
N ALA A 38 7.28 3.30 -11.91
CA ALA A 38 8.16 3.20 -13.06
C ALA A 38 7.41 3.55 -14.34
N PRO A 39 7.95 4.53 -15.09
CA PRO A 39 9.17 5.24 -14.72
C PRO A 39 8.97 6.14 -13.50
N ALA A 40 10.05 6.43 -12.79
CA ALA A 40 9.99 7.28 -11.61
C ALA A 40 9.87 8.75 -12.00
N PRO A 41 9.12 9.52 -11.19
CA PRO A 41 8.92 10.94 -11.44
C PRO A 41 10.19 11.76 -11.20
N PRO A 42 10.26 12.94 -11.84
CA PRO A 42 11.41 13.85 -11.71
C PRO A 42 11.50 14.47 -10.33
N VAL A 43 12.31 15.52 -10.21
CA VAL A 43 12.48 16.22 -8.94
C VAL A 43 11.37 17.23 -8.71
N GLU A 44 10.86 17.79 -9.80
CA GLU A 44 9.78 18.78 -9.71
C GLU A 44 8.42 18.09 -9.63
N THR A 45 8.03 17.43 -10.72
CA THR A 45 6.75 16.74 -10.78
C THR A 45 6.73 15.55 -9.84
N THR A 46 5.66 15.43 -9.06
CA THR A 46 5.52 14.32 -8.12
C THR A 46 4.10 13.75 -8.14
N TYR A 47 4.00 12.44 -7.96
CA TYR A 47 2.71 11.77 -7.97
C TYR A 47 2.10 11.74 -6.57
N ASN A 48 0.84 11.33 -6.48
CA ASN A 48 0.15 11.26 -5.20
C ASN A 48 0.01 9.81 -4.73
N TYR A 49 0.46 9.55 -3.52
CA TYR A 49 0.39 8.20 -2.95
C TYR A 49 -0.77 8.07 -1.98
N GLU A 50 -1.79 7.31 -2.37
CA GLU A 50 -2.96 7.10 -1.54
C GLU A 50 -3.12 5.63 -1.18
N TRP A 51 -2.79 5.28 0.06
CA TRP A 51 -2.90 3.91 0.53
C TRP A 51 -4.29 3.63 1.09
N ASN A 52 -4.66 2.36 1.13
CA ASN A 52 -5.97 1.96 1.65
C ASN A 52 -5.98 0.49 2.02
N LEU A 53 -6.61 0.16 3.14
CA LEU A 53 -6.70 -1.22 3.61
C LEU A 53 -7.94 -1.90 3.05
N ILE A 54 -7.80 -2.56 1.91
CA ILE A 54 -8.92 -3.25 1.28
C ILE A 54 -9.10 -4.64 1.88
N SER A 55 -8.03 -5.19 2.44
CA SER A 55 -8.08 -6.51 3.03
C SER A 55 -7.68 -6.45 4.51
N HIS A 56 -8.43 -7.16 5.35
CA HIS A 56 -8.17 -7.19 6.77
C HIS A 56 -9.10 -8.17 7.49
N PRO A 57 -8.57 -8.85 8.52
CA PRO A 57 -9.34 -9.82 9.30
C PRO A 57 -10.41 -9.17 10.15
N THR A 58 -11.26 -9.99 10.76
CA THR A 58 -12.34 -9.49 11.61
C THR A 58 -11.80 -8.94 12.93
N ASP A 59 -10.71 -9.53 13.41
CA ASP A 59 -10.09 -9.11 14.65
C ASP A 59 -9.62 -7.65 14.56
N TYR A 60 -9.21 -7.25 13.36
CA TYR A 60 -8.73 -5.89 13.14
C TYR A 60 -9.83 -5.02 12.53
N GLN A 61 -9.97 -3.81 13.05
CA GLN A 61 -10.98 -2.88 12.55
C GLN A 61 -10.52 -2.22 11.26
N GLY A 62 -9.33 -1.65 11.28
CA GLY A 62 -8.79 -0.98 10.11
C GLY A 62 -8.60 0.51 10.31
N GLU A 63 -7.46 0.88 10.88
CA GLU A 63 -7.16 2.28 11.14
C GLU A 63 -5.82 2.68 10.51
N ILE A 64 -5.88 3.41 9.41
CA ILE A 64 -4.67 3.84 8.72
C ILE A 64 -4.83 5.26 8.17
N LYS A 65 -3.72 5.90 7.85
CA LYS A 65 -3.73 7.25 7.31
C LYS A 65 -3.51 7.24 5.80
N GLN A 66 -3.97 6.17 5.15
CA GLN A 66 -3.82 6.04 3.70
C GLN A 66 -2.44 6.54 3.25
N GLY A 67 -1.46 6.42 4.13
CA GLY A 67 -0.11 6.87 3.80
C GLY A 67 -0.11 8.04 2.85
N HIS A 68 -0.21 9.25 3.41
CA HIS A 68 -0.21 10.47 2.61
C HIS A 68 1.13 10.66 1.90
N LYS A 69 2.09 9.80 2.24
CA LYS A 69 3.42 9.87 1.63
C LYS A 69 3.68 8.65 0.76
N GLN A 70 4.89 8.58 0.20
CA GLN A 70 5.27 7.46 -0.66
C GLN A 70 5.47 6.19 0.17
N THR A 71 5.66 6.36 1.47
CA THR A 71 5.87 5.23 2.37
C THR A 71 4.81 5.20 3.48
N LEU A 72 4.34 4.01 3.79
CA LEU A 72 3.33 3.84 4.83
C LEU A 72 3.86 2.99 5.98
N ASN A 73 3.77 3.52 7.19
CA ASN A 73 4.24 2.83 8.38
C ASN A 73 3.09 2.53 9.33
N LEU A 74 2.99 1.26 9.75
CA LEU A 74 1.93 0.85 10.67
C LEU A 74 2.51 0.49 12.04
N SER A 75 1.64 0.48 13.05
CA SER A 75 2.06 0.15 14.41
C SER A 75 0.95 -0.55 15.17
N GLN A 76 1.30 -1.17 16.29
CA GLN A 76 0.32 -1.88 17.11
C GLN A 76 -0.51 -2.84 16.26
N LEU A 77 0.15 -3.48 15.29
CA LEU A 77 -0.53 -4.42 14.41
C LEU A 77 -0.71 -5.77 15.10
N SER A 78 -1.74 -6.51 14.69
CA SER A 78 -2.02 -7.82 15.27
C SER A 78 -1.77 -8.93 14.25
N VAL A 79 -2.07 -10.16 14.65
CA VAL A 79 -1.88 -11.31 13.77
C VAL A 79 -3.03 -11.44 12.78
N GLY A 80 -2.70 -11.52 11.50
CA GLY A 80 -3.71 -11.64 10.47
C GLY A 80 -3.21 -11.25 9.09
N LEU A 81 -4.06 -11.40 8.09
CA LEU A 81 -3.68 -11.05 6.72
C LEU A 81 -4.21 -9.67 6.34
N TYR A 82 -3.30 -8.79 5.95
CA TYR A 82 -3.67 -7.43 5.55
C TYR A 82 -3.09 -7.07 4.19
N VAL A 83 -3.90 -6.40 3.38
CA VAL A 83 -3.46 -5.99 2.04
C VAL A 83 -3.58 -4.48 1.86
N PHE A 84 -2.46 -3.83 1.59
CA PHE A 84 -2.44 -2.39 1.38
C PHE A 84 -2.30 -2.04 -0.10
N LYS A 85 -3.33 -1.41 -0.65
CA LYS A 85 -3.32 -1.02 -2.06
C LYS A 85 -3.03 0.47 -2.21
N VAL A 86 -1.89 0.77 -2.83
CA VAL A 86 -1.48 2.16 -3.04
C VAL A 86 -1.88 2.64 -4.43
N THR A 87 -2.84 3.56 -4.49
CA THR A 87 -3.32 4.10 -5.76
C THR A 87 -2.64 5.43 -6.07
N VAL A 88 -1.77 5.43 -7.08
CA VAL A 88 -1.06 6.63 -7.48
C VAL A 88 -1.37 6.99 -8.94
N SER A 89 -1.90 8.18 -9.14
CA SER A 89 -2.23 8.64 -10.49
C SER A 89 -1.91 10.13 -10.65
N SER A 90 -1.86 10.58 -11.90
CA SER A 90 -1.57 11.98 -12.19
C SER A 90 -2.59 12.56 -13.15
N GLU A 91 -2.40 13.82 -13.53
CA GLU A 91 -3.31 14.50 -14.44
C GLU A 91 -3.44 13.74 -15.75
N ASN A 92 -2.33 13.16 -16.21
CA ASN A 92 -2.31 12.40 -17.45
C ASN A 92 -1.69 11.03 -17.24
N ALA A 93 -1.91 10.46 -16.06
CA ALA A 93 -1.37 9.14 -15.73
C ALA A 93 -2.19 8.48 -14.63
N PHE A 94 -1.96 7.18 -14.42
CA PHE A 94 -2.66 6.43 -13.40
C PHE A 94 -1.91 5.15 -13.04
N GLY A 95 -1.90 4.81 -11.76
CA GLY A 95 -1.22 3.61 -11.30
C GLY A 95 -1.75 3.10 -9.98
N GLU A 96 -1.64 1.79 -9.78
CA GLU A 96 -2.13 1.17 -8.54
C GLU A 96 -1.20 0.04 -8.10
N GLY A 97 -1.05 -0.12 -6.79
CA GLY A 97 -0.19 -1.16 -6.27
C GLY A 97 -0.91 -2.04 -5.25
N PHE A 98 -0.35 -3.22 -5.00
CA PHE A 98 -0.94 -4.16 -4.04
C PHE A 98 0.14 -4.95 -3.31
N VAL A 99 0.14 -4.85 -1.98
CA VAL A 99 1.13 -5.55 -1.17
C VAL A 99 0.45 -6.30 -0.03
N ASN A 100 0.81 -7.56 0.16
CA ASN A 100 0.25 -8.38 1.21
C ASN A 100 1.21 -8.49 2.39
N VAL A 101 0.68 -8.37 3.60
CA VAL A 101 1.49 -8.45 4.80
C VAL A 101 0.85 -9.39 5.83
N THR A 102 1.60 -10.39 6.27
CA THR A 102 1.12 -11.35 7.24
C THR A 102 1.83 -11.19 8.58
N VAL A 103 1.06 -10.94 9.63
CA VAL A 103 1.61 -10.77 10.97
C VAL A 103 1.62 -12.09 11.73
N LYS A 104 2.81 -12.64 11.94
CA LYS A 104 2.96 -13.90 12.66
C LYS A 104 3.07 -13.66 14.16
N PRO A 105 2.66 -14.65 14.96
CA PRO A 105 2.69 -14.56 16.42
C PRO A 105 4.12 -14.60 16.95
N ALA A 106 4.29 -14.13 18.19
CA ALA A 106 5.61 -14.11 18.82
C ALA A 106 6.14 -15.52 19.02
N ARG A 107 7.13 -15.90 18.20
CA ARG A 107 7.73 -17.23 18.29
C ARG A 107 8.64 -17.34 19.51
N SER A 108 9.41 -16.29 19.76
CA SER A 108 10.33 -16.26 20.89
C SER A 108 10.24 -14.94 21.64
N GLY A 109 9.26 -14.86 22.55
CA GLY A 109 9.07 -13.64 23.33
C GLY A 109 9.83 -13.68 24.64
N PRO A 110 9.14 -14.15 25.70
CA PRO A 110 9.74 -14.24 27.04
C PRO A 110 10.80 -15.32 27.12
N SER A 111 12.01 -14.92 27.53
CA SER A 111 13.12 -15.85 27.66
C SER A 111 14.20 -15.31 28.59
N SER A 112 14.38 -15.96 29.73
CA SER A 112 15.36 -15.52 30.70
C SER A 112 16.78 -15.60 30.12
N GLY A 113 17.46 -14.47 30.10
CA GLY A 113 18.81 -14.42 29.56
C GLY A 113 18.89 -13.69 28.24
N GLY A 1 -27.68 14.75 -9.79
CA GLY A 1 -27.22 14.84 -11.16
C GLY A 1 -25.75 15.20 -11.26
N SER A 2 -25.01 14.43 -12.05
CA SER A 2 -23.59 14.68 -12.23
C SER A 2 -23.19 14.59 -13.70
N SER A 3 -22.27 15.45 -14.11
CA SER A 3 -21.81 15.48 -15.50
C SER A 3 -20.36 15.04 -15.60
N GLY A 4 -20.14 13.76 -15.84
CA GLY A 4 -18.78 13.23 -15.95
C GLY A 4 -18.58 12.42 -17.21
N SER A 5 -18.44 13.10 -18.34
CA SER A 5 -18.24 12.44 -19.62
C SER A 5 -16.82 11.90 -19.74
N SER A 6 -16.65 10.85 -20.55
CA SER A 6 -15.35 10.24 -20.75
C SER A 6 -15.29 9.51 -22.08
N GLY A 7 -14.07 9.24 -22.55
CA GLY A 7 -13.90 8.55 -23.82
C GLY A 7 -12.73 9.07 -24.61
N PRO A 8 -12.85 10.32 -25.11
CA PRO A 8 -11.80 10.95 -25.90
C PRO A 8 -10.58 11.32 -25.06
N ARG A 9 -10.62 10.96 -23.78
CA ARG A 9 -9.52 11.24 -22.87
C ARG A 9 -8.86 9.95 -22.40
N THR A 10 -7.52 9.96 -22.36
CA THR A 10 -6.77 8.78 -21.93
C THR A 10 -5.60 9.18 -21.03
N VAL A 11 -5.21 8.27 -20.15
CA VAL A 11 -4.11 8.53 -19.22
C VAL A 11 -2.94 7.58 -19.49
N LYS A 12 -1.79 7.91 -18.91
CA LYS A 12 -0.59 7.09 -19.09
C LYS A 12 -0.56 5.95 -18.07
N GLU A 13 -0.32 4.74 -18.56
CA GLU A 13 -0.26 3.57 -17.70
C GLU A 13 1.07 3.50 -16.96
N LEU A 14 1.03 3.66 -15.65
CA LEU A 14 2.24 3.61 -14.82
C LEU A 14 2.36 2.27 -14.11
N THR A 15 3.60 1.80 -13.96
CA THR A 15 3.85 0.53 -13.29
C THR A 15 4.22 0.74 -11.82
N VAL A 16 3.24 0.55 -10.95
CA VAL A 16 3.47 0.71 -9.51
C VAL A 16 3.84 -0.62 -8.85
N SER A 17 4.79 -0.57 -7.93
CA SER A 17 5.24 -1.76 -7.22
C SER A 17 5.64 -1.43 -5.80
N ALA A 18 5.08 -2.17 -4.85
CA ALA A 18 5.38 -1.96 -3.44
C ALA A 18 6.68 -2.65 -3.04
N GLY A 19 6.89 -3.85 -3.58
CA GLY A 19 8.09 -4.61 -3.28
C GLY A 19 7.85 -6.10 -3.25
N ASP A 20 7.31 -6.59 -2.14
CA ASP A 20 7.02 -8.02 -1.99
C ASP A 20 6.29 -8.29 -0.68
N ASN A 21 5.81 -9.53 -0.53
CA ASN A 21 5.10 -9.92 0.68
C ASN A 21 5.99 -9.76 1.92
N LEU A 22 5.46 -9.10 2.94
CA LEU A 22 6.22 -8.87 4.17
C LEU A 22 5.59 -9.66 5.32
N ILE A 23 6.45 -10.29 6.13
CA ILE A 23 5.99 -11.07 7.27
C ILE A 23 6.72 -10.66 8.55
N ILE A 24 5.96 -10.37 9.60
CA ILE A 24 6.53 -9.98 10.87
C ILE A 24 6.10 -10.93 11.98
N THR A 25 6.84 -10.90 13.09
CA THR A 25 6.54 -11.75 14.23
C THR A 25 6.49 -10.95 15.52
N LEU A 26 5.40 -11.10 16.27
CA LEU A 26 5.23 -10.40 17.53
C LEU A 26 6.46 -10.56 18.42
N PRO A 27 6.67 -9.59 19.33
CA PRO A 27 5.77 -8.44 19.48
C PRO A 27 5.86 -7.48 18.30
N ASP A 28 6.99 -7.51 17.60
CA ASP A 28 7.20 -6.64 16.45
C ASP A 28 5.95 -6.58 15.58
N ASN A 29 5.24 -5.46 15.65
CA ASN A 29 4.02 -5.28 14.88
C ASN A 29 4.10 -4.01 14.03
N GLU A 30 5.31 -3.69 13.57
CA GLU A 30 5.52 -2.50 12.75
C GLU A 30 6.23 -2.86 11.45
N VAL A 31 5.77 -2.28 10.35
CA VAL A 31 6.36 -2.54 9.04
C VAL A 31 6.34 -1.28 8.16
N GLU A 32 7.43 -1.05 7.47
CA GLU A 32 7.55 0.12 6.59
C GLU A 32 7.52 -0.29 5.12
N LEU A 33 6.43 0.05 4.44
CA LEU A 33 6.28 -0.29 3.03
C LEU A 33 6.75 0.86 2.14
N LYS A 34 7.23 0.53 0.95
CA LYS A 34 7.70 1.53 0.00
C LYS A 34 7.08 1.31 -1.38
N ALA A 35 6.66 2.41 -2.01
CA ALA A 35 6.06 2.34 -3.34
C ALA A 35 7.07 2.67 -4.42
N PHE A 36 6.94 2.01 -5.56
CA PHE A 36 7.86 2.24 -6.69
C PHE A 36 7.09 2.31 -8.00
N VAL A 37 7.12 3.48 -8.64
CA VAL A 37 6.43 3.67 -9.91
C VAL A 37 7.40 4.11 -11.00
N ALA A 38 7.17 3.63 -12.21
CA ALA A 38 8.02 3.98 -13.34
C ALA A 38 7.19 4.38 -14.56
N PRO A 39 7.66 5.41 -15.29
CA PRO A 39 8.91 6.11 -14.96
C PRO A 39 8.77 6.95 -13.68
N ALA A 40 9.89 7.14 -12.99
CA ALA A 40 9.90 7.92 -11.76
C ALA A 40 9.69 9.40 -12.06
N PRO A 41 8.91 10.07 -11.19
CA PRO A 41 8.62 11.50 -11.34
C PRO A 41 9.84 12.37 -11.06
N PRO A 42 9.92 13.51 -11.77
CA PRO A 42 11.04 14.46 -11.61
C PRO A 42 10.99 15.18 -10.27
N VAL A 43 11.87 16.16 -10.11
CA VAL A 43 11.94 16.93 -8.88
C VAL A 43 10.71 17.82 -8.71
N GLU A 44 10.19 18.31 -9.83
CA GLU A 44 9.02 19.18 -9.81
C GLU A 44 7.74 18.35 -9.71
N THR A 45 7.38 17.68 -10.81
CA THR A 45 6.19 16.86 -10.85
C THR A 45 6.31 15.66 -9.93
N THR A 46 5.33 15.47 -9.06
CA THR A 46 5.33 14.34 -8.12
C THR A 46 3.96 13.69 -8.04
N TYR A 47 3.94 12.37 -8.14
CA TYR A 47 2.69 11.63 -8.08
C TYR A 47 2.11 11.64 -6.67
N ASN A 48 0.93 11.04 -6.50
CA ASN A 48 0.27 10.99 -5.21
C ASN A 48 0.10 9.55 -4.74
N TYR A 49 0.71 9.22 -3.60
CA TYR A 49 0.61 7.88 -3.05
C TYR A 49 -0.56 7.76 -2.09
N GLU A 50 -1.59 7.04 -2.52
CA GLU A 50 -2.78 6.85 -1.70
C GLU A 50 -2.94 5.39 -1.30
N TRP A 51 -2.62 5.09 -0.04
CA TRP A 51 -2.73 3.73 0.48
C TRP A 51 -4.13 3.46 1.03
N ASN A 52 -4.51 2.19 1.07
CA ASN A 52 -5.82 1.79 1.57
C ASN A 52 -5.87 0.30 1.85
N LEU A 53 -6.60 -0.08 2.89
CA LEU A 53 -6.73 -1.49 3.26
C LEU A 53 -7.99 -2.09 2.65
N ILE A 54 -7.82 -2.89 1.61
CA ILE A 54 -8.95 -3.54 0.95
C ILE A 54 -9.14 -4.96 1.45
N SER A 55 -8.05 -5.59 1.87
CA SER A 55 -8.10 -6.95 2.37
C SER A 55 -7.59 -7.02 3.81
N HIS A 56 -8.49 -7.40 4.72
CA HIS A 56 -8.14 -7.51 6.14
C HIS A 56 -9.29 -8.10 6.95
N PRO A 57 -8.96 -8.79 8.04
CA PRO A 57 -9.95 -9.43 8.91
C PRO A 57 -10.76 -8.40 9.70
N THR A 58 -12.08 -8.57 9.69
CA THR A 58 -12.98 -7.66 10.39
C THR A 58 -12.52 -7.46 11.83
N ASP A 59 -11.76 -8.41 12.35
CA ASP A 59 -11.26 -8.33 13.72
C ASP A 59 -10.37 -7.11 13.90
N TYR A 60 -9.62 -6.77 12.85
CA TYR A 60 -8.73 -5.62 12.88
C TYR A 60 -9.51 -4.32 13.05
N GLN A 61 -8.98 -3.43 13.89
CA GLN A 61 -9.62 -2.15 14.15
C GLN A 61 -8.71 -1.00 13.76
N GLY A 62 -7.40 -1.23 13.82
CA GLY A 62 -6.45 -0.20 13.47
C GLY A 62 -6.88 0.60 12.26
N GLU A 63 -6.50 1.88 12.22
CA GLU A 63 -6.86 2.75 11.11
C GLU A 63 -5.61 3.32 10.44
N ILE A 64 -5.54 3.18 9.12
CA ILE A 64 -4.40 3.67 8.35
C ILE A 64 -4.69 5.04 7.76
N LYS A 65 -3.67 5.89 7.70
CA LYS A 65 -3.82 7.24 7.15
C LYS A 65 -3.58 7.23 5.65
N GLN A 66 -3.94 6.13 4.99
CA GLN A 66 -3.76 6.00 3.56
C GLN A 66 -2.38 6.47 3.13
N GLY A 67 -1.43 6.41 4.05
CA GLY A 67 -0.07 6.82 3.76
C GLY A 67 -0.03 7.96 2.75
N HIS A 68 -0.14 9.19 3.24
CA HIS A 68 -0.11 10.36 2.37
C HIS A 68 1.24 10.49 1.66
N LYS A 69 2.19 9.64 2.06
CA LYS A 69 3.51 9.65 1.47
C LYS A 69 3.77 8.38 0.67
N GLN A 70 4.97 8.28 0.11
CA GLN A 70 5.35 7.11 -0.69
C GLN A 70 5.55 5.88 0.20
N THR A 71 5.93 6.13 1.46
CA THR A 71 6.16 5.05 2.40
C THR A 71 5.08 5.03 3.47
N LEU A 72 4.61 3.83 3.81
CA LEU A 72 3.58 3.67 4.83
C LEU A 72 4.08 2.80 5.98
N ASN A 73 3.86 3.28 7.21
CA ASN A 73 4.30 2.55 8.40
C ASN A 73 3.09 2.09 9.21
N LEU A 74 3.13 0.86 9.69
CA LEU A 74 2.05 0.30 10.48
C LEU A 74 2.48 0.13 11.94
N SER A 75 1.52 0.21 12.85
CA SER A 75 1.79 0.06 14.27
C SER A 75 0.63 -0.64 14.99
N GLN A 76 0.93 -1.25 16.13
CA GLN A 76 -0.09 -1.96 16.90
C GLN A 76 -0.86 -2.93 16.02
N LEU A 77 -0.17 -3.56 15.08
CA LEU A 77 -0.79 -4.50 14.17
C LEU A 77 -1.13 -5.81 14.90
N SER A 78 -2.11 -6.53 14.37
CA SER A 78 -2.52 -7.80 14.97
C SER A 78 -2.30 -8.96 14.01
N VAL A 79 -2.42 -10.18 14.52
CA VAL A 79 -2.22 -11.37 13.71
C VAL A 79 -3.33 -11.52 12.67
N GLY A 80 -2.95 -11.51 11.39
CA GLY A 80 -3.94 -11.64 10.33
C GLY A 80 -3.41 -11.15 8.99
N LEU A 81 -4.20 -11.35 7.94
CA LEU A 81 -3.80 -10.93 6.61
C LEU A 81 -4.21 -9.48 6.35
N TYR A 82 -3.29 -8.71 5.77
CA TYR A 82 -3.55 -7.31 5.47
C TYR A 82 -2.95 -6.92 4.12
N VAL A 83 -3.79 -6.46 3.20
CA VAL A 83 -3.34 -6.05 1.88
C VAL A 83 -3.45 -4.54 1.71
N PHE A 84 -2.31 -3.90 1.45
CA PHE A 84 -2.27 -2.46 1.25
C PHE A 84 -2.13 -2.10 -0.22
N LYS A 85 -3.14 -1.42 -0.75
CA LYS A 85 -3.14 -1.01 -2.15
C LYS A 85 -2.73 0.44 -2.30
N VAL A 86 -1.62 0.68 -2.99
CA VAL A 86 -1.12 2.03 -3.20
C VAL A 86 -1.53 2.56 -4.57
N THR A 87 -2.65 3.27 -4.62
CA THR A 87 -3.16 3.83 -5.86
C THR A 87 -2.50 5.17 -6.17
N VAL A 88 -1.55 5.15 -7.10
CA VAL A 88 -0.84 6.37 -7.49
C VAL A 88 -1.22 6.80 -8.90
N SER A 89 -2.01 7.86 -9.00
CA SER A 89 -2.44 8.37 -10.30
C SER A 89 -2.21 9.88 -10.40
N SER A 90 -2.06 10.37 -11.62
CA SER A 90 -1.84 11.79 -11.85
C SER A 90 -2.84 12.35 -12.86
N GLU A 91 -2.65 13.61 -13.23
CA GLU A 91 -3.54 14.26 -14.20
C GLU A 91 -3.70 13.40 -15.45
N ASN A 92 -2.59 13.07 -16.08
CA ASN A 92 -2.60 12.25 -17.29
C ASN A 92 -1.90 10.92 -17.05
N ALA A 93 -2.10 10.34 -15.88
CA ALA A 93 -1.50 9.07 -15.52
C ALA A 93 -2.30 8.33 -14.46
N PHE A 94 -2.07 7.04 -14.33
CA PHE A 94 -2.78 6.23 -13.34
C PHE A 94 -2.02 4.93 -13.06
N GLY A 95 -1.95 4.57 -11.78
CA GLY A 95 -1.26 3.35 -11.40
C GLY A 95 -1.58 2.92 -9.98
N GLU A 96 -1.40 1.64 -9.69
CA GLU A 96 -1.68 1.10 -8.38
C GLU A 96 -0.88 -0.18 -8.12
N GLY A 97 -0.70 -0.52 -6.85
CA GLY A 97 0.03 -1.72 -6.50
C GLY A 97 -0.65 -2.54 -5.42
N PHE A 98 -0.09 -3.70 -5.12
CA PHE A 98 -0.66 -4.57 -4.10
C PHE A 98 0.43 -5.27 -3.30
N VAL A 99 0.35 -5.15 -1.98
CA VAL A 99 1.34 -5.76 -1.09
C VAL A 99 0.67 -6.36 0.14
N ASN A 100 0.86 -7.67 0.33
CA ASN A 100 0.28 -8.37 1.46
C ASN A 100 1.26 -8.42 2.63
N VAL A 101 0.73 -8.33 3.84
CA VAL A 101 1.55 -8.35 5.05
C VAL A 101 0.94 -9.27 6.11
N THR A 102 1.68 -10.31 6.48
CA THR A 102 1.21 -11.25 7.49
C THR A 102 1.88 -11.01 8.83
N VAL A 103 1.12 -11.13 9.91
CA VAL A 103 1.64 -10.92 11.25
C VAL A 103 1.58 -12.20 12.07
N LYS A 104 2.72 -12.86 12.22
CA LYS A 104 2.79 -14.10 12.99
C LYS A 104 2.78 -13.82 14.50
N PRO A 105 2.16 -14.73 15.25
CA PRO A 105 2.06 -14.60 16.71
C PRO A 105 3.40 -14.79 17.40
N ALA A 106 3.56 -14.17 18.58
CA ALA A 106 4.81 -14.27 19.33
C ALA A 106 5.12 -15.72 19.67
N ARG A 107 6.13 -16.27 18.99
CA ARG A 107 6.55 -17.65 19.21
C ARG A 107 7.17 -17.82 20.60
N SER A 108 6.35 -18.23 21.56
CA SER A 108 6.82 -18.42 22.93
C SER A 108 6.82 -19.90 23.30
N GLY A 109 7.95 -20.56 23.06
CA GLY A 109 8.06 -21.98 23.37
C GLY A 109 6.83 -22.76 22.94
N PRO A 110 6.56 -23.86 23.64
CA PRO A 110 5.41 -24.73 23.35
C PRO A 110 4.07 -24.06 23.65
N SER A 111 3.32 -23.72 22.61
CA SER A 111 2.03 -23.06 22.78
C SER A 111 1.13 -23.87 23.72
N SER A 112 0.85 -25.11 23.33
CA SER A 112 0.00 -25.98 24.13
C SER A 112 0.77 -26.55 25.32
N GLY A 113 0.81 -25.79 26.41
CA GLY A 113 1.52 -26.23 27.60
C GLY A 113 0.99 -27.55 28.13
N GLY A 1 -29.92 8.95 -29.28
CA GLY A 1 -28.66 9.66 -29.40
C GLY A 1 -27.77 9.11 -30.50
N SER A 2 -27.51 9.93 -31.51
CA SER A 2 -26.68 9.52 -32.63
C SER A 2 -25.31 9.08 -32.15
N SER A 3 -24.59 8.34 -33.01
CA SER A 3 -23.26 7.86 -32.68
C SER A 3 -22.19 8.59 -33.48
N GLY A 4 -21.37 9.36 -32.78
CA GLY A 4 -20.31 10.11 -33.46
C GLY A 4 -19.44 10.88 -32.49
N SER A 5 -18.98 10.19 -31.44
CA SER A 5 -18.13 10.83 -30.43
C SER A 5 -16.69 10.33 -30.54
N SER A 6 -15.75 11.26 -30.48
CA SER A 6 -14.34 10.91 -30.57
C SER A 6 -13.56 11.45 -29.36
N GLY A 7 -12.41 10.85 -29.09
CA GLY A 7 -11.60 11.28 -27.98
C GLY A 7 -10.62 10.21 -27.52
N PRO A 8 -9.51 10.06 -28.28
CA PRO A 8 -8.48 9.07 -27.97
C PRO A 8 -7.69 9.42 -26.71
N ARG A 9 -7.80 10.67 -26.29
CA ARG A 9 -7.10 11.14 -25.09
C ARG A 9 -7.08 10.04 -24.02
N THR A 10 -5.87 9.65 -23.60
CA THR A 10 -5.71 8.62 -22.59
C THR A 10 -4.56 8.97 -21.64
N VAL A 11 -4.46 8.21 -20.55
CA VAL A 11 -3.42 8.43 -19.56
C VAL A 11 -2.30 7.40 -19.69
N LYS A 12 -1.15 7.69 -19.09
CA LYS A 12 -0.01 6.79 -19.14
C LYS A 12 -0.10 5.73 -18.04
N GLU A 13 0.06 4.48 -18.42
CA GLU A 13 0.01 3.38 -17.46
C GLU A 13 1.32 3.24 -16.70
N LEU A 14 1.33 3.67 -15.45
CA LEU A 14 2.51 3.59 -14.61
C LEU A 14 2.61 2.25 -13.91
N THR A 15 3.84 1.80 -13.64
CA THR A 15 4.06 0.53 -12.97
C THR A 15 4.29 0.73 -11.48
N VAL A 16 3.24 0.51 -10.69
CA VAL A 16 3.33 0.65 -9.25
C VAL A 16 3.62 -0.68 -8.56
N SER A 17 4.73 -0.75 -7.83
CA SER A 17 5.10 -1.96 -7.13
C SER A 17 5.59 -1.66 -5.72
N ALA A 18 4.94 -2.26 -4.73
CA ALA A 18 5.30 -2.05 -3.33
C ALA A 18 6.66 -2.66 -3.03
N GLY A 19 6.88 -3.87 -3.54
CA GLY A 19 8.14 -4.56 -3.31
C GLY A 19 7.98 -6.07 -3.25
N ASP A 20 7.41 -6.57 -2.17
CA ASP A 20 7.20 -8.00 -2.00
C ASP A 20 6.39 -8.28 -0.75
N ASN A 21 6.09 -9.56 -0.52
CA ASN A 21 5.32 -9.97 0.64
C ASN A 21 6.16 -9.88 1.91
N LEU A 22 5.63 -9.20 2.92
CA LEU A 22 6.33 -9.03 4.19
C LEU A 22 5.60 -9.77 5.31
N ILE A 23 6.38 -10.41 6.18
CA ILE A 23 5.79 -11.14 7.31
C ILE A 23 6.48 -10.76 8.62
N ILE A 24 5.70 -10.27 9.56
CA ILE A 24 6.23 -9.87 10.87
C ILE A 24 5.76 -10.83 11.97
N THR A 25 6.53 -10.89 13.05
CA THR A 25 6.19 -11.76 14.17
C THR A 25 6.12 -10.97 15.48
N LEU A 26 4.99 -11.10 16.17
CA LEU A 26 4.79 -10.40 17.44
C LEU A 26 6.00 -10.60 18.36
N PRO A 27 6.18 -9.66 19.29
CA PRO A 27 5.31 -8.49 19.43
C PRO A 27 5.45 -7.51 18.27
N ASP A 28 6.58 -7.60 17.57
CA ASP A 28 6.84 -6.72 16.43
C ASP A 28 5.62 -6.65 15.51
N ASN A 29 4.82 -5.60 15.66
CA ASN A 29 3.64 -5.42 14.84
C ASN A 29 3.75 -4.18 13.97
N GLU A 30 4.99 -3.76 13.71
CA GLU A 30 5.24 -2.58 12.89
C GLU A 30 5.97 -2.95 11.61
N VAL A 31 5.48 -2.45 10.48
CA VAL A 31 6.08 -2.72 9.18
C VAL A 31 6.05 -1.50 8.28
N GLU A 32 7.17 -1.22 7.63
CA GLU A 32 7.26 -0.07 6.73
C GLU A 32 7.23 -0.51 5.28
N LEU A 33 6.26 -0.01 4.53
CA LEU A 33 6.11 -0.35 3.12
C LEU A 33 6.46 0.85 2.23
N LYS A 34 6.94 0.55 1.02
CA LYS A 34 7.30 1.61 0.08
C LYS A 34 6.65 1.35 -1.28
N ALA A 35 6.33 2.44 -1.97
CA ALA A 35 5.71 2.34 -3.29
C ALA A 35 6.65 2.82 -4.39
N PHE A 36 7.07 1.89 -5.25
CA PHE A 36 7.98 2.22 -6.34
C PHE A 36 7.21 2.47 -7.63
N VAL A 37 7.26 3.71 -8.11
CA VAL A 37 6.58 4.08 -9.34
C VAL A 37 7.57 4.30 -10.48
N ALA A 38 7.29 3.71 -11.63
CA ALA A 38 8.15 3.85 -12.80
C ALA A 38 7.33 4.09 -14.06
N PRO A 39 7.80 5.01 -14.91
CA PRO A 39 9.04 5.76 -14.66
C PRO A 39 8.89 6.75 -13.50
N ALA A 40 10.01 7.28 -13.03
CA ALA A 40 10.01 8.24 -11.94
C ALA A 40 9.73 9.66 -12.45
N PRO A 41 8.91 10.40 -11.71
CA PRO A 41 8.55 11.78 -12.06
C PRO A 41 9.71 12.74 -11.91
N PRO A 42 9.65 13.88 -12.62
CA PRO A 42 10.69 14.90 -12.58
C PRO A 42 10.72 15.64 -11.24
N VAL A 43 11.40 16.79 -11.22
CA VAL A 43 11.50 17.58 -10.00
C VAL A 43 10.30 18.51 -9.85
N GLU A 44 9.76 18.96 -10.97
CA GLU A 44 8.61 19.85 -10.97
C GLU A 44 7.30 19.07 -10.92
N THR A 45 7.41 17.78 -10.61
CA THR A 45 6.24 16.92 -10.53
C THR A 45 6.49 15.73 -9.59
N THR A 46 5.54 15.49 -8.69
CA THR A 46 5.65 14.39 -7.74
C THR A 46 4.33 13.65 -7.59
N TYR A 47 4.29 12.42 -8.08
CA TYR A 47 3.09 11.61 -8.00
C TYR A 47 2.57 11.53 -6.57
N ASN A 48 1.26 11.32 -6.42
CA ASN A 48 0.65 11.22 -5.10
C ASN A 48 0.47 9.77 -4.69
N TYR A 49 0.88 9.44 -3.47
CA TYR A 49 0.77 8.09 -2.95
C TYR A 49 -0.42 7.97 -2.01
N GLU A 50 -1.47 7.28 -2.46
CA GLU A 50 -2.67 7.10 -1.65
C GLU A 50 -2.86 5.62 -1.31
N TRP A 51 -2.58 5.28 -0.05
CA TRP A 51 -2.73 3.90 0.41
C TRP A 51 -4.14 3.64 0.91
N ASN A 52 -4.56 2.37 0.87
CA ASN A 52 -5.89 1.99 1.32
C ASN A 52 -5.95 0.50 1.63
N LEU A 53 -6.62 0.15 2.73
CA LEU A 53 -6.75 -1.23 3.13
C LEU A 53 -8.07 -1.82 2.65
N ILE A 54 -7.99 -2.75 1.70
CA ILE A 54 -9.17 -3.39 1.16
C ILE A 54 -9.37 -4.79 1.75
N SER A 55 -8.25 -5.42 2.11
CA SER A 55 -8.29 -6.76 2.68
C SER A 55 -7.75 -6.76 4.10
N HIS A 56 -8.55 -7.25 5.05
CA HIS A 56 -8.14 -7.31 6.45
C HIS A 56 -9.17 -8.05 7.28
N PRO A 57 -8.70 -8.76 8.31
CA PRO A 57 -9.57 -9.54 9.21
C PRO A 57 -10.44 -8.64 10.09
N THR A 58 -11.71 -8.99 10.20
CA THR A 58 -12.65 -8.22 11.02
C THR A 58 -12.07 -7.93 12.39
N ASP A 59 -11.21 -8.82 12.87
CA ASP A 59 -10.58 -8.64 14.17
C ASP A 59 -9.71 -7.38 14.20
N TYR A 60 -9.09 -7.08 13.07
CA TYR A 60 -8.22 -5.91 12.95
C TYR A 60 -8.89 -4.70 13.60
N GLN A 61 -8.06 -3.83 14.18
CA GLN A 61 -8.57 -2.62 14.84
C GLN A 61 -7.76 -1.40 14.43
N GLY A 62 -6.46 -1.61 14.19
CA GLY A 62 -5.59 -0.52 13.79
C GLY A 62 -6.22 0.38 12.76
N GLU A 63 -5.71 1.59 12.62
CA GLU A 63 -6.24 2.56 11.65
C GLU A 63 -5.12 3.12 10.80
N ILE A 64 -5.32 3.13 9.48
CA ILE A 64 -4.33 3.63 8.55
C ILE A 64 -4.73 5.02 8.04
N LYS A 65 -3.73 5.83 7.70
CA LYS A 65 -3.97 7.17 7.18
C LYS A 65 -3.72 7.23 5.69
N GLN A 66 -3.95 6.11 5.01
CA GLN A 66 -3.76 6.05 3.56
C GLN A 66 -2.35 6.51 3.17
N GLY A 67 -1.42 6.39 4.11
CA GLY A 67 -0.05 6.79 3.86
C GLY A 67 0.03 7.98 2.90
N HIS A 68 -0.10 9.18 3.44
CA HIS A 68 -0.04 10.39 2.63
C HIS A 68 1.32 10.52 1.96
N LYS A 69 2.27 9.68 2.37
CA LYS A 69 3.61 9.71 1.80
C LYS A 69 3.87 8.46 0.96
N GLN A 70 5.06 8.40 0.37
CA GLN A 70 5.42 7.25 -0.47
C GLN A 70 5.60 6.00 0.37
N THR A 71 5.86 6.18 1.65
CA THR A 71 6.04 5.06 2.56
C THR A 71 4.92 5.00 3.60
N LEU A 72 4.40 3.79 3.83
CA LEU A 72 3.33 3.61 4.81
C LEU A 72 3.81 2.75 5.98
N ASN A 73 3.67 3.30 7.19
CA ASN A 73 4.08 2.59 8.40
C ASN A 73 2.87 2.11 9.19
N LEU A 74 2.90 0.86 9.62
CA LEU A 74 1.81 0.28 10.39
C LEU A 74 2.21 0.08 11.84
N SER A 75 1.23 0.12 12.73
CA SER A 75 1.48 -0.07 14.16
C SER A 75 0.33 -0.79 14.83
N GLN A 76 0.58 -1.34 16.02
CA GLN A 76 -0.44 -2.07 16.76
C GLN A 76 -1.15 -3.08 15.87
N LEU A 77 -0.41 -3.68 14.93
CA LEU A 77 -0.97 -4.65 14.01
C LEU A 77 -1.25 -5.97 14.73
N SER A 78 -2.47 -6.48 14.56
CA SER A 78 -2.87 -7.74 15.19
C SER A 78 -2.64 -8.91 14.25
N VAL A 79 -2.41 -10.09 14.82
CA VAL A 79 -2.18 -11.30 14.02
C VAL A 79 -3.19 -11.41 12.90
N GLY A 80 -2.70 -11.50 11.67
CA GLY A 80 -3.57 -11.61 10.51
C GLY A 80 -2.94 -11.08 9.25
N LEU A 81 -3.61 -11.27 8.13
CA LEU A 81 -3.11 -10.80 6.84
C LEU A 81 -3.72 -9.46 6.46
N TYR A 82 -2.97 -8.66 5.71
CA TYR A 82 -3.44 -7.34 5.29
C TYR A 82 -2.97 -7.03 3.87
N VAL A 83 -3.87 -6.49 3.06
CA VAL A 83 -3.55 -6.13 1.68
C VAL A 83 -3.66 -4.63 1.46
N PHE A 84 -2.51 -3.97 1.37
CA PHE A 84 -2.47 -2.53 1.15
C PHE A 84 -2.33 -2.21 -0.34
N LYS A 85 -3.32 -1.50 -0.88
CA LYS A 85 -3.32 -1.12 -2.28
C LYS A 85 -3.03 0.38 -2.44
N VAL A 86 -1.84 0.69 -2.95
CA VAL A 86 -1.44 2.08 -3.16
C VAL A 86 -1.86 2.57 -4.54
N THR A 87 -2.76 3.56 -4.56
CA THR A 87 -3.24 4.11 -5.81
C THR A 87 -2.50 5.40 -6.17
N VAL A 88 -1.68 5.33 -7.21
CA VAL A 88 -0.92 6.50 -7.65
C VAL A 88 -1.26 6.87 -9.09
N SER A 89 -1.82 8.06 -9.27
CA SER A 89 -2.20 8.52 -10.59
C SER A 89 -1.89 10.01 -10.75
N SER A 90 -1.76 10.45 -12.00
CA SER A 90 -1.46 11.84 -12.29
C SER A 90 -2.44 12.42 -13.31
N GLU A 91 -2.24 13.67 -13.68
CA GLU A 91 -3.10 14.34 -14.65
C GLU A 91 -3.28 13.48 -15.89
N ASN A 92 -2.18 13.07 -16.48
CA ASN A 92 -2.20 12.23 -17.69
C ASN A 92 -1.57 10.88 -17.42
N ALA A 93 -1.81 10.34 -16.23
CA ALA A 93 -1.27 9.04 -15.85
C ALA A 93 -2.11 8.39 -14.74
N PHE A 94 -1.96 7.09 -14.59
CA PHE A 94 -2.70 6.35 -13.56
C PHE A 94 -2.03 5.01 -13.27
N GLY A 95 -1.93 4.68 -11.98
CA GLY A 95 -1.31 3.43 -11.58
C GLY A 95 -1.87 2.90 -10.28
N GLU A 96 -1.68 1.61 -10.04
CA GLU A 96 -2.17 0.97 -8.83
C GLU A 96 -1.28 -0.19 -8.42
N GLY A 97 -1.15 -0.40 -7.10
CA GLY A 97 -0.32 -1.48 -6.61
C GLY A 97 -1.00 -2.28 -5.52
N PHE A 98 -0.50 -3.49 -5.26
CA PHE A 98 -1.07 -4.36 -4.24
C PHE A 98 0.03 -5.14 -3.52
N VAL A 99 0.04 -5.06 -2.20
CA VAL A 99 1.03 -5.76 -1.40
C VAL A 99 0.37 -6.54 -0.27
N ASN A 100 0.87 -7.75 -0.02
CA ASN A 100 0.32 -8.60 1.04
C ASN A 100 1.29 -8.69 2.21
N VAL A 101 0.75 -8.72 3.42
CA VAL A 101 1.56 -8.80 4.63
C VAL A 101 0.86 -9.61 5.71
N THR A 102 1.59 -10.54 6.32
CA THR A 102 1.03 -11.38 7.37
C THR A 102 1.69 -11.09 8.72
N VAL A 103 0.95 -11.31 9.80
CA VAL A 103 1.47 -11.07 11.14
C VAL A 103 1.39 -12.34 11.99
N LYS A 104 2.52 -13.03 12.10
CA LYS A 104 2.59 -14.26 12.87
C LYS A 104 2.69 -13.96 14.37
N PRO A 105 2.01 -14.77 15.18
CA PRO A 105 2.01 -14.61 16.65
C PRO A 105 3.36 -14.95 17.27
N ALA A 106 3.64 -14.33 18.40
CA ALA A 106 4.90 -14.57 19.11
C ALA A 106 5.23 -16.05 19.16
N ARG A 107 6.09 -16.49 18.25
CA ARG A 107 6.49 -17.90 18.19
C ARG A 107 7.30 -18.29 19.43
N SER A 108 8.27 -17.45 19.78
CA SER A 108 9.12 -17.71 20.93
C SER A 108 8.77 -16.77 22.09
N GLY A 109 8.91 -17.27 23.31
CA GLY A 109 8.59 -16.46 24.48
C GLY A 109 8.62 -17.28 25.77
N PRO A 110 8.35 -16.60 26.89
CA PRO A 110 8.34 -17.25 28.21
C PRO A 110 7.16 -18.20 28.38
N SER A 111 6.14 -18.04 27.54
CA SER A 111 4.96 -18.87 27.60
C SER A 111 4.79 -19.68 26.30
N SER A 112 4.31 -20.90 26.44
CA SER A 112 4.12 -21.78 25.29
C SER A 112 3.16 -22.91 25.63
N GLY A 113 2.85 -23.75 24.64
CA GLY A 113 1.96 -24.87 24.85
C GLY A 113 0.92 -24.99 23.75
#